data_3IXO
# 
_entry.id   3IXO 
# 
_audit_conform.dict_name       mmcif_pdbx.dic 
_audit_conform.dict_version    5.378 
_audit_conform.dict_location   http://mmcif.pdb.org/dictionaries/ascii/mmcif_pdbx.dic 
# 
loop_
_database_2.database_id 
_database_2.database_code 
_database_2.pdbx_database_accession 
_database_2.pdbx_DOI 
PDB   3IXO         pdb_00003ixo 10.2210/pdb3ixo/pdb 
RCSB  RCSB054994   ?            ?                   
WWPDB D_1000054994 ?            ?                   
# 
_pdbx_database_status.status_code                     REL 
_pdbx_database_status.entry_id                        3IXO 
_pdbx_database_status.recvd_initial_deposition_date   2009-09-04 
_pdbx_database_status.deposit_site                    RCSB 
_pdbx_database_status.process_site                    RCSB 
_pdbx_database_status.status_code_sf                  REL 
_pdbx_database_status.status_code_mr                  ? 
_pdbx_database_status.SG_entry                        ? 
_pdbx_database_status.status_code_cs                  ? 
_pdbx_database_status.pdb_format_compatible           Y 
_pdbx_database_status.status_code_nmr_data            ? 
_pdbx_database_status.methods_development_category    ? 
# 
loop_
_audit_author.name 
_audit_author.pdbx_ordinal 
'Robbins, A.' 1 
'McKenna, R.' 2 
# 
_citation.id                        primary 
_citation.title                     
'Structure of the unbound form of HIV-1 subtype A protease: comparison with unbound forms of proteases from other HIV subtypes.' 
_citation.journal_abbrev            'Acta Crystallogr.,Sect.D' 
_citation.journal_volume            66 
_citation.page_first                233 
_citation.page_last                 242 
_citation.year                      2010 
_citation.journal_id_ASTM           ABCRE6 
_citation.country                   DK 
_citation.journal_id_ISSN           0907-4449 
_citation.journal_id_CSD            0766 
_citation.book_publisher            ? 
_citation.pdbx_database_id_PubMed   20179334 
_citation.pdbx_database_id_DOI      10.1107/S0907444909054298 
# 
loop_
_citation_author.citation_id 
_citation_author.name 
_citation_author.ordinal 
_citation_author.identifier_ORCID 
primary 'Robbins, A.H.'        1  ? 
primary 'Coman, R.M.'          2  ? 
primary 'Bracho-Sanchez, E.'   3  ? 
primary 'Fernandez, M.A.'      4  ? 
primary 'Gilliland, C.T.'      5  ? 
primary 'Li, M.'               6  ? 
primary 'Agbandje-McKenna, M.' 7  ? 
primary 'Wlodawer, A.'         8  ? 
primary 'Dunn, B.M.'           9  ? 
primary 'McKenna, R.'          10 ? 
# 
_cell.entry_id           3IXO 
_cell.length_a           62.207 
_cell.length_b           62.207 
_cell.length_c           82.470 
_cell.angle_alpha        90.00 
_cell.angle_beta         90.00 
_cell.angle_gamma        120.00 
_cell.Z_PDB              12 
_cell.pdbx_unique_axis   ? 
_cell.length_a_esd       ? 
_cell.length_b_esd       ? 
_cell.length_c_esd       ? 
_cell.angle_alpha_esd    ? 
_cell.angle_beta_esd     ? 
_cell.angle_gamma_esd    ? 
# 
_symmetry.entry_id                         3IXO 
_symmetry.space_group_name_H-M             'P 61' 
_symmetry.pdbx_full_space_group_name_H-M   ? 
_symmetry.cell_setting                     ? 
_symmetry.Int_Tables_number                169 
_symmetry.space_group_name_Hall            ? 
# 
loop_
_entity.id 
_entity.type 
_entity.src_method 
_entity.pdbx_description 
_entity.formula_weight 
_entity.pdbx_number_of_molecules 
_entity.pdbx_ec 
_entity.pdbx_mutation 
_entity.pdbx_fragment 
_entity.details 
1 polymer man 'HIV-1 protease' 10769.736 2   ? ? 'HIV-1 subtype A protease' ? 
2 water   nat water            18.015    107 ? ? ?                          ? 
# 
_entity_poly.entity_id                      1 
_entity_poly.type                           'polypeptide(L)' 
_entity_poly.nstd_linkage                   no 
_entity_poly.nstd_monomer                   no 
_entity_poly.pdbx_seq_one_letter_code       
;PQITLWQRPLVTVKIGGQLREALLDTGADDTVLEEINLPGKWKPKMIGGIGGFIKVKQYDQILIEICGKKAIGTVLVGPT
SVNIIGRNMLTQIGCTLNF
;
_entity_poly.pdbx_seq_one_letter_code_can   
;PQITLWQRPLVTVKIGGQLREALLDTGADDTVLEEINLPGKWKPKMIGGIGGFIKVKQYDQILIEICGKKAIGTVLVGPT
SVNIIGRNMLTQIGCTLNF
;
_entity_poly.pdbx_strand_id                 A,B 
_entity_poly.pdbx_target_identifier         ? 
# 
loop_
_entity_poly_seq.entity_id 
_entity_poly_seq.num 
_entity_poly_seq.mon_id 
_entity_poly_seq.hetero 
1 1  PRO n 
1 2  GLN n 
1 3  ILE n 
1 4  THR n 
1 5  LEU n 
1 6  TRP n 
1 7  GLN n 
1 8  ARG n 
1 9  PRO n 
1 10 LEU n 
1 11 VAL n 
1 12 THR n 
1 13 VAL n 
1 14 LYS n 
1 15 ILE n 
1 16 GLY n 
1 17 GLY n 
1 18 GLN n 
1 19 LEU n 
1 20 ARG n 
1 21 GLU n 
1 22 ALA n 
1 23 LEU n 
1 24 LEU n 
1 25 ASP n 
1 26 THR n 
1 27 GLY n 
1 28 ALA n 
1 29 ASP n 
1 30 ASP n 
1 31 THR n 
1 32 VAL n 
1 33 LEU n 
1 34 GLU n 
1 35 GLU n 
1 36 ILE n 
1 37 ASN n 
1 38 LEU n 
1 39 PRO n 
1 40 GLY n 
1 41 LYS n 
1 42 TRP n 
1 43 LYS n 
1 44 PRO n 
1 45 LYS n 
1 46 MET n 
1 47 ILE n 
1 48 GLY n 
1 49 GLY n 
1 50 ILE n 
1 51 GLY n 
1 52 GLY n 
1 53 PHE n 
1 54 ILE n 
1 55 LYS n 
1 56 VAL n 
1 57 LYS n 
1 58 GLN n 
1 59 TYR n 
1 60 ASP n 
1 61 GLN n 
1 62 ILE n 
1 63 LEU n 
1 64 ILE n 
1 65 GLU n 
1 66 ILE n 
1 67 CYS n 
1 68 GLY n 
1 69 LYS n 
1 70 LYS n 
1 71 ALA n 
1 72 ILE n 
1 73 GLY n 
1 74 THR n 
1 75 VAL n 
1 76 LEU n 
1 77 VAL n 
1 78 GLY n 
1 79 PRO n 
1 80 THR n 
1 81 SER n 
1 82 VAL n 
1 83 ASN n 
1 84 ILE n 
1 85 ILE n 
1 86 GLY n 
1 87 ARG n 
1 88 ASN n 
1 89 MET n 
1 90 LEU n 
1 91 THR n 
1 92 GLN n 
1 93 ILE n 
1 94 GLY n 
1 95 CYS n 
1 96 THR n 
1 97 LEU n 
1 98 ASN n 
1 99 PHE n 
# 
_entity_src_gen.entity_id                          1 
_entity_src_gen.pdbx_src_id                        1 
_entity_src_gen.pdbx_alt_source_flag               sample 
_entity_src_gen.pdbx_seq_type                      ? 
_entity_src_gen.pdbx_beg_seq_num                   ? 
_entity_src_gen.pdbx_end_seq_num                   ? 
_entity_src_gen.gene_src_common_name               ? 
_entity_src_gen.gene_src_genus                     ? 
_entity_src_gen.pdbx_gene_src_gene                 pol 
_entity_src_gen.gene_src_species                   ? 
_entity_src_gen.gene_src_strain                    'subtype A' 
_entity_src_gen.gene_src_tissue                    ? 
_entity_src_gen.gene_src_tissue_fraction           ? 
_entity_src_gen.gene_src_details                   ? 
_entity_src_gen.pdbx_gene_src_fragment             ? 
_entity_src_gen.pdbx_gene_src_scientific_name      'Human immunodeficiency virus 1' 
_entity_src_gen.pdbx_gene_src_ncbi_taxonomy_id     505184 
_entity_src_gen.pdbx_gene_src_variant              ? 
_entity_src_gen.pdbx_gene_src_cell_line            ? 
_entity_src_gen.pdbx_gene_src_atcc                 ? 
_entity_src_gen.pdbx_gene_src_organ                ? 
_entity_src_gen.pdbx_gene_src_organelle            ? 
_entity_src_gen.pdbx_gene_src_cell                 ? 
_entity_src_gen.pdbx_gene_src_cellular_location    ? 
_entity_src_gen.host_org_common_name               ? 
_entity_src_gen.pdbx_host_org_scientific_name      'Escherichia coli' 
_entity_src_gen.pdbx_host_org_ncbi_taxonomy_id     562 
_entity_src_gen.host_org_genus                     ? 
_entity_src_gen.pdbx_host_org_gene                 ? 
_entity_src_gen.pdbx_host_org_organ                ? 
_entity_src_gen.host_org_species                   ? 
_entity_src_gen.pdbx_host_org_tissue               ? 
_entity_src_gen.pdbx_host_org_tissue_fraction      ? 
_entity_src_gen.pdbx_host_org_strain               'BL21 Star De3 plysS' 
_entity_src_gen.pdbx_host_org_variant              ? 
_entity_src_gen.pdbx_host_org_cell_line            ? 
_entity_src_gen.pdbx_host_org_atcc                 ? 
_entity_src_gen.pdbx_host_org_culture_collection   ? 
_entity_src_gen.pdbx_host_org_cell                 ? 
_entity_src_gen.pdbx_host_org_organelle            ? 
_entity_src_gen.pdbx_host_org_cellular_location    ? 
_entity_src_gen.pdbx_host_org_vector_type          Plasmid 
_entity_src_gen.pdbx_host_org_vector               ? 
_entity_src_gen.host_org_details                   ? 
_entity_src_gen.expression_system_id               ? 
_entity_src_gen.plasmid_name                       pET23a 
_entity_src_gen.plasmid_details                    ? 
_entity_src_gen.pdbx_description                   ? 
# 
_struct_ref.id                         1 
_struct_ref.db_name                    UNP 
_struct_ref.db_code                    Q9WEZ1_9HIV1 
_struct_ref.pdbx_db_accession          Q9WEZ1 
_struct_ref.entity_id                  1 
_struct_ref.pdbx_seq_one_letter_code   
;PQITLWQRPLVTVKIGGQLREALLDTGADDTVLEDINLPGKWKPKMIGGIGGFIKVKQYDQILIEICGKKAIGTVLVGPT
PVNIIGRNMLTQIGCTLNF
;
_struct_ref.pdbx_align_begin           1 
_struct_ref.pdbx_db_isoform            ? 
# 
loop_
_struct_ref_seq.align_id 
_struct_ref_seq.ref_id 
_struct_ref_seq.pdbx_PDB_id_code 
_struct_ref_seq.pdbx_strand_id 
_struct_ref_seq.seq_align_beg 
_struct_ref_seq.pdbx_seq_align_beg_ins_code 
_struct_ref_seq.seq_align_end 
_struct_ref_seq.pdbx_seq_align_end_ins_code 
_struct_ref_seq.pdbx_db_accession 
_struct_ref_seq.db_align_beg 
_struct_ref_seq.pdbx_db_align_beg_ins_code 
_struct_ref_seq.db_align_end 
_struct_ref_seq.pdbx_db_align_end_ins_code 
_struct_ref_seq.pdbx_auth_seq_align_beg 
_struct_ref_seq.pdbx_auth_seq_align_end 
1 1 3IXO A 1 ? 99 ? Q9WEZ1 1 ? 99 ? 1 99 
2 1 3IXO B 1 ? 99 ? Q9WEZ1 1 ? 99 ? 1 99 
# 
loop_
_struct_ref_seq_dif.align_id 
_struct_ref_seq_dif.pdbx_pdb_id_code 
_struct_ref_seq_dif.mon_id 
_struct_ref_seq_dif.pdbx_pdb_strand_id 
_struct_ref_seq_dif.seq_num 
_struct_ref_seq_dif.pdbx_pdb_ins_code 
_struct_ref_seq_dif.pdbx_seq_db_name 
_struct_ref_seq_dif.pdbx_seq_db_accession_code 
_struct_ref_seq_dif.db_mon_id 
_struct_ref_seq_dif.pdbx_seq_db_seq_num 
_struct_ref_seq_dif.details 
_struct_ref_seq_dif.pdbx_auth_seq_num 
_struct_ref_seq_dif.pdbx_ordinal 
1 3IXO GLU A 35 ? UNP Q9WEZ1 ASP 35 variant 35 1 
1 3IXO SER A 81 ? UNP Q9WEZ1 PRO 81 variant 81 2 
2 3IXO GLU B 35 ? UNP Q9WEZ1 ASP 35 variant 35 3 
2 3IXO SER B 81 ? UNP Q9WEZ1 PRO 81 variant 81 4 
# 
loop_
_chem_comp.id 
_chem_comp.type 
_chem_comp.mon_nstd_flag 
_chem_comp.name 
_chem_comp.pdbx_synonyms 
_chem_comp.formula 
_chem_comp.formula_weight 
ALA 'L-peptide linking' y ALANINE         ? 'C3 H7 N O2'     89.093  
ARG 'L-peptide linking' y ARGININE        ? 'C6 H15 N4 O2 1' 175.209 
ASN 'L-peptide linking' y ASPARAGINE      ? 'C4 H8 N2 O3'    132.118 
ASP 'L-peptide linking' y 'ASPARTIC ACID' ? 'C4 H7 N O4'     133.103 
CYS 'L-peptide linking' y CYSTEINE        ? 'C3 H7 N O2 S'   121.158 
GLN 'L-peptide linking' y GLUTAMINE       ? 'C5 H10 N2 O3'   146.144 
GLU 'L-peptide linking' y 'GLUTAMIC ACID' ? 'C5 H9 N O4'     147.129 
GLY 'peptide linking'   y GLYCINE         ? 'C2 H5 N O2'     75.067  
HOH non-polymer         . WATER           ? 'H2 O'           18.015  
ILE 'L-peptide linking' y ISOLEUCINE      ? 'C6 H13 N O2'    131.173 
LEU 'L-peptide linking' y LEUCINE         ? 'C6 H13 N O2'    131.173 
LYS 'L-peptide linking' y LYSINE          ? 'C6 H15 N2 O2 1' 147.195 
MET 'L-peptide linking' y METHIONINE      ? 'C5 H11 N O2 S'  149.211 
PHE 'L-peptide linking' y PHENYLALANINE   ? 'C9 H11 N O2'    165.189 
PRO 'L-peptide linking' y PROLINE         ? 'C5 H9 N O2'     115.130 
SER 'L-peptide linking' y SERINE          ? 'C3 H7 N O3'     105.093 
THR 'L-peptide linking' y THREONINE       ? 'C4 H9 N O3'     119.119 
TRP 'L-peptide linking' y TRYPTOPHAN      ? 'C11 H12 N2 O2'  204.225 
TYR 'L-peptide linking' y TYROSINE        ? 'C9 H11 N O3'    181.189 
VAL 'L-peptide linking' y VALINE          ? 'C5 H11 N O2'    117.146 
# 
_exptl.entry_id          3IXO 
_exptl.method            'X-RAY DIFFRACTION' 
_exptl.crystals_number   1 
# 
_exptl_crystal.id                    1 
_exptl_crystal.density_meas          ? 
_exptl_crystal.density_Matthews      2.14 
_exptl_crystal.density_percent_sol   42.48 
_exptl_crystal.description           ? 
_exptl_crystal.F_000                 ? 
_exptl_crystal.preparation           ? 
# 
_exptl_crystal_grow.crystal_id      1 
_exptl_crystal_grow.method          'VAPOR DIFFUSION, HANGING DROP' 
_exptl_crystal_grow.temp            293 
_exptl_crystal_grow.temp_details    ? 
_exptl_crystal_grow.pH              5.0 
_exptl_crystal_grow.pdbx_details    
;1.0 M NaCl, 30 mM citrate, mixed 1:1 with protein, then mix 0.25 part Anapoe 58 detergent., pH 5.0, VAPOR DIFFUSION, HANGING DROP, temperature 293K
;
_exptl_crystal_grow.pdbx_pH_range   ? 
# 
_diffrn.id                     1 
_diffrn.ambient_temp           100.0 
_diffrn.ambient_temp_details   ? 
_diffrn.crystal_id             1 
# 
_diffrn_detector.diffrn_id              1 
_diffrn_detector.detector               CCD 
_diffrn_detector.type                   'MARMOSAIC 225 mm CCD' 
_diffrn_detector.pdbx_collection_date   2009-03-16 
_diffrn_detector.details                mirrors 
# 
_diffrn_radiation.diffrn_id                        1 
_diffrn_radiation.wavelength_id                    1 
_diffrn_radiation.pdbx_monochromatic_or_laue_m_l   M 
_diffrn_radiation.monochromator                    ? 
_diffrn_radiation.pdbx_diffrn_protocol             'SINGLE WAVELENGTH' 
_diffrn_radiation.pdbx_scattering_type             x-ray 
# 
_diffrn_radiation_wavelength.id           1 
_diffrn_radiation_wavelength.wavelength   1.00 
_diffrn_radiation_wavelength.wt           1.0 
# 
_diffrn_source.diffrn_id                   1 
_diffrn_source.source                      SYNCHROTRON 
_diffrn_source.type                        'APS BEAMLINE 22-ID' 
_diffrn_source.pdbx_synchrotron_site       APS 
_diffrn_source.pdbx_synchrotron_beamline   22-ID 
_diffrn_source.pdbx_wavelength             ? 
_diffrn_source.pdbx_wavelength_list        1.00 
# 
_reflns.entry_id                     3IXO 
_reflns.observed_criterion_sigma_I   0.0 
_reflns.observed_criterion_sigma_F   0.0 
_reflns.d_resolution_low             32.8 
_reflns.d_resolution_high            1.70 
_reflns.number_obs                   18760 
_reflns.number_all                   19874 
_reflns.percent_possible_obs         94.1 
_reflns.pdbx_Rmerge_I_obs            0.089 
_reflns.pdbx_Rsym_value              0.089 
_reflns.pdbx_netI_over_sigmaI        12.3 
_reflns.B_iso_Wilson_estimate        18.3 
_reflns.pdbx_redundancy              4.4 
_reflns.R_free_details               ? 
_reflns.limit_h_max                  ? 
_reflns.limit_h_min                  ? 
_reflns.limit_k_max                  ? 
_reflns.limit_k_min                  ? 
_reflns.limit_l_max                  ? 
_reflns.limit_l_min                  ? 
_reflns.observed_criterion_F_max     ? 
_reflns.observed_criterion_F_min     ? 
_reflns.pdbx_chi_squared             ? 
_reflns.pdbx_scaling_rejects         ? 
_reflns.pdbx_ordinal                 1 
_reflns.pdbx_diffrn_id               1 
# 
_reflns_shell.d_res_high             1.70 
_reflns_shell.d_res_low              1.76 
_reflns_shell.percent_possible_all   99.2 
_reflns_shell.Rmerge_I_obs           ? 
_reflns_shell.pdbx_Rsym_value        0.509 
_reflns_shell.meanI_over_sigI_obs    2.2 
_reflns_shell.pdbx_redundancy        3.7 
_reflns_shell.percent_possible_obs   ? 
_reflns_shell.number_unique_all      1964 
_reflns_shell.number_measured_all    ? 
_reflns_shell.number_measured_obs    ? 
_reflns_shell.number_unique_obs      ? 
_reflns_shell.pdbx_chi_squared       ? 
_reflns_shell.pdbx_ordinal           1 
_reflns_shell.pdbx_diffrn_id         1 
# 
_refine.entry_id                                 3IXO 
_refine.ls_number_reflns_obs                     18760 
_refine.ls_number_reflns_all                     19874 
_refine.pdbx_ls_sigma_I                          ? 
_refine.pdbx_ls_sigma_F                          0.0 
_refine.pdbx_data_cutoff_high_absF               91184.74 
_refine.pdbx_data_cutoff_low_absF                0.000000 
_refine.pdbx_data_cutoff_high_rms_absF           ? 
_refine.ls_d_res_low                             32.8 
_refine.ls_d_res_high                            1.70 
_refine.ls_percent_reflns_obs                    94.1 
_refine.ls_R_factor_obs                          0.205 
_refine.ls_R_factor_all                          ? 
_refine.ls_R_factor_R_work                       0.205 
_refine.ls_R_factor_R_free                       0.244 
_refine.ls_R_factor_R_free_error                 0.011 
_refine.ls_R_factor_R_free_error_details         ? 
_refine.ls_percent_reflns_R_free                 4.6 
_refine.ls_number_reflns_R_free                  889 
_refine.ls_number_parameters                     ? 
_refine.ls_number_restraints                     ? 
_refine.occupancy_min                            ? 
_refine.occupancy_max                            ? 
_refine.correlation_coeff_Fo_to_Fc               ? 
_refine.correlation_coeff_Fo_to_Fc_free          ? 
_refine.B_iso_mean                               28.2 
_refine.aniso_B[1][1]                            0.49 
_refine.aniso_B[2][2]                            0.49 
_refine.aniso_B[3][3]                            -0.99 
_refine.aniso_B[1][2]                            -0.00 
_refine.aniso_B[1][3]                            0.00 
_refine.aniso_B[2][3]                            0.00 
_refine.solvent_model_details                    'FLAT MODEL' 
_refine.solvent_model_param_ksol                 0.4 
_refine.solvent_model_param_bsol                 64.1932 
_refine.pdbx_solvent_vdw_probe_radii             ? 
_refine.pdbx_solvent_ion_probe_radii             ? 
_refine.pdbx_solvent_shrinkage_radii             ? 
_refine.pdbx_ls_cross_valid_method               THROUGHOUT 
_refine.details                                  'BULK SOLVENT MODEL USED' 
_refine.pdbx_starting_model                      'PDB entry 2AQU' 
_refine.pdbx_method_to_determine_struct          'MOLECULAR REPLACEMENT' 
_refine.pdbx_isotropic_thermal_model             RESTRAINED 
_refine.pdbx_stereochemistry_target_values       'Engh & Huber' 
_refine.pdbx_stereochem_target_val_spec_case     ? 
_refine.pdbx_R_Free_selection_details            SHELLS 
_refine.pdbx_overall_ESU_R                       ? 
_refine.pdbx_overall_ESU_R_Free                  ? 
_refine.overall_SU_ML                            ? 
_refine.overall_SU_B                             ? 
_refine.ls_redundancy_reflns_obs                 ? 
_refine.B_iso_min                                ? 
_refine.B_iso_max                                ? 
_refine.overall_SU_R_Cruickshank_DPI             ? 
_refine.overall_SU_R_free                        ? 
_refine.ls_wR_factor_R_free                      ? 
_refine.ls_wR_factor_R_work                      ? 
_refine.overall_FOM_free_R_set                   ? 
_refine.overall_FOM_work_R_set                   ? 
_refine.pdbx_overall_phase_error                 ? 
_refine.pdbx_refine_id                           'X-RAY DIFFRACTION' 
_refine.pdbx_diffrn_id                           1 
_refine.pdbx_TLS_residual_ADP_flag               ? 
_refine.pdbx_overall_SU_R_free_Cruickshank_DPI   ? 
_refine.pdbx_overall_SU_R_Blow_DPI               ? 
_refine.pdbx_overall_SU_R_free_Blow_DPI          ? 
# 
_refine_analyze.entry_id                        3IXO 
_refine_analyze.Luzzati_coordinate_error_obs    0.23 
_refine_analyze.Luzzati_sigma_a_obs             0.31 
_refine_analyze.Luzzati_d_res_low_obs           5.00 
_refine_analyze.Luzzati_coordinate_error_free   0.22 
_refine_analyze.Luzzati_sigma_a_free            0.20 
_refine_analyze.Luzzati_d_res_low_free          ? 
_refine_analyze.number_disordered_residues      ? 
_refine_analyze.occupancy_sum_hydrogen          ? 
_refine_analyze.occupancy_sum_non_hydrogen      ? 
_refine_analyze.pdbx_Luzzati_d_res_high_obs     ? 
_refine_analyze.pdbx_refine_id                  'X-RAY DIFFRACTION' 
# 
_refine_hist.pdbx_refine_id                   'X-RAY DIFFRACTION' 
_refine_hist.cycle_id                         LAST 
_refine_hist.pdbx_number_atoms_protein        1510 
_refine_hist.pdbx_number_atoms_nucleic_acid   0 
_refine_hist.pdbx_number_atoms_ligand         0 
_refine_hist.number_atoms_solvent             107 
_refine_hist.number_atoms_total               1617 
_refine_hist.d_res_high                       1.70 
_refine_hist.d_res_low                        32.8 
# 
loop_
_refine_ls_restr.type 
_refine_ls_restr.dev_ideal 
_refine_ls_restr.dev_ideal_target 
_refine_ls_restr.weight 
_refine_ls_restr.number 
_refine_ls_restr.pdbx_refine_id 
_refine_ls_restr.pdbx_restraint_function 
c_bond_d           0.008 ?    ? ? 'X-RAY DIFFRACTION' ? 
c_angle_deg        1.5   ?    ? ? 'X-RAY DIFFRACTION' ? 
c_dihedral_angle_d 26.5  ?    ? ? 'X-RAY DIFFRACTION' ? 
c_improper_angle_d 0.80  ?    ? ? 'X-RAY DIFFRACTION' ? 
c_mcbond_it        1.47  1.50 ? ? 'X-RAY DIFFRACTION' ? 
c_mcangle_it       2.53  2.00 ? ? 'X-RAY DIFFRACTION' ? 
c_scbond_it        1.91  2.00 ? ? 'X-RAY DIFFRACTION' ? 
c_scangle_it       3.00  2.50 ? ? 'X-RAY DIFFRACTION' ? 
# 
_refine_ls_restr_ncs.pdbx_refine_id      'X-RAY DIFFRACTION' 
_refine_ls_restr_ncs.dom_id              1 
_refine_ls_restr_ncs.ncs_model_details   NONE 
_refine_ls_restr_ncs.rms_dev_position    ? 
_refine_ls_restr_ncs.weight_position     ? 
_refine_ls_restr_ncs.rms_dev_B_iso       ? 
_refine_ls_restr_ncs.weight_B_iso        ? 
_refine_ls_restr_ncs.pdbx_ordinal        1 
_refine_ls_restr_ncs.pdbx_type           . 
_refine_ls_restr_ncs.pdbx_auth_asym_id   . 
_refine_ls_restr_ncs.pdbx_ens_id         1 
_refine_ls_restr_ncs.pdbx_number         ? 
_refine_ls_restr_ncs.pdbx_asym_id        ? 
_refine_ls_restr_ncs.pdbx_rms            ? 
_refine_ls_restr_ncs.pdbx_weight         ? 
# 
_refine_ls_shell.pdbx_total_number_of_bins_used   ? 
_refine_ls_shell.d_res_high                       1.70 
_refine_ls_shell.d_res_low                        1.78 
_refine_ls_shell.number_reflns_R_work             ? 
_refine_ls_shell.R_factor_R_work                  0.307 
_refine_ls_shell.percent_reflns_obs               ? 
_refine_ls_shell.R_factor_R_free                  0.298 
_refine_ls_shell.R_factor_R_free_error            ? 
_refine_ls_shell.percent_reflns_R_free            ? 
_refine_ls_shell.number_reflns_R_free             93 
_refine_ls_shell.number_reflns_all                ? 
_refine_ls_shell.R_factor_all                     ? 
_refine_ls_shell.number_reflns_obs                1922 
_refine_ls_shell.redundancy_reflns_obs            ? 
_refine_ls_shell.pdbx_refine_id                   'X-RAY DIFFRACTION' 
# 
loop_
_pdbx_xplor_file.serial_no 
_pdbx_xplor_file.param_file 
_pdbx_xplor_file.topol_file 
_pdbx_xplor_file.pdbx_refine_id 
1 protein_rep.param protein.top 'X-RAY DIFFRACTION' 
2 water_rep.param   water.top   'X-RAY DIFFRACTION' 
# 
_struct_ncs_dom.id            1 
_struct_ncs_dom.details       ? 
_struct_ncs_dom.pdbx_ens_id   1 
# 
_struct_ncs_ens.id        1 
_struct_ncs_ens.details   ? 
# 
_struct.entry_id                  3IXO 
_struct.title                     'Crystal Structure of uncomplexed HIV_1 Protease Subtype A' 
_struct.pdbx_model_details        ? 
_struct.pdbx_CASP_flag            ? 
_struct.pdbx_model_type_details   ? 
# 
_struct_keywords.entry_id        3IXO 
_struct_keywords.pdbx_keywords   HYDROLASE 
_struct_keywords.text            
;HIV-1 Protease, Subtype A, Uncomplexed, Aspartyl protease, Hydrolase, Multifunctional enzyme, Nucleotidyltransferase, Protease, RNA-directed DNA polymerase, Transferase
;
# 
loop_
_struct_asym.id 
_struct_asym.pdbx_blank_PDB_chainid_flag 
_struct_asym.pdbx_modified 
_struct_asym.entity_id 
_struct_asym.details 
A N N 1 ? 
B N N 1 ? 
C N N 2 ? 
D N N 2 ? 
# 
_struct_biol.id        1 
_struct_biol.details   ? 
# 
loop_
_struct_conf.conf_type_id 
_struct_conf.id 
_struct_conf.pdbx_PDB_helix_id 
_struct_conf.beg_label_comp_id 
_struct_conf.beg_label_asym_id 
_struct_conf.beg_label_seq_id 
_struct_conf.pdbx_beg_PDB_ins_code 
_struct_conf.end_label_comp_id 
_struct_conf.end_label_asym_id 
_struct_conf.end_label_seq_id 
_struct_conf.pdbx_end_PDB_ins_code 
_struct_conf.beg_auth_comp_id 
_struct_conf.beg_auth_asym_id 
_struct_conf.beg_auth_seq_id 
_struct_conf.end_auth_comp_id 
_struct_conf.end_auth_asym_id 
_struct_conf.end_auth_seq_id 
_struct_conf.pdbx_PDB_helix_class 
_struct_conf.details 
_struct_conf.pdbx_PDB_helix_length 
HELX_P HELX_P1 1 GLY A 86 ? THR A 91 ? GLY A 86 THR A 91 1 ? 6 
HELX_P HELX_P2 2 GLN A 92 ? GLY A 94 ? GLN A 92 GLY A 94 5 ? 3 
HELX_P HELX_P3 3 GLY B 86 ? THR B 91 ? GLY B 86 THR B 91 1 ? 6 
# 
_struct_conf_type.id          HELX_P 
_struct_conf_type.criteria    ? 
_struct_conf_type.reference   ? 
# 
loop_
_struct_sheet.id 
_struct_sheet.type 
_struct_sheet.number_strands 
_struct_sheet.details 
A ? 4 ? 
B ? 8 ? 
C ? 8 ? 
# 
loop_
_struct_sheet_order.sheet_id 
_struct_sheet_order.range_id_1 
_struct_sheet_order.range_id_2 
_struct_sheet_order.offset 
_struct_sheet_order.sense 
A 1 2 ? anti-parallel 
A 2 3 ? anti-parallel 
A 3 4 ? anti-parallel 
B 1 2 ? anti-parallel 
B 2 3 ? anti-parallel 
B 3 4 ? parallel      
B 4 5 ? anti-parallel 
B 5 6 ? parallel      
B 6 7 ? anti-parallel 
B 7 8 ? anti-parallel 
C 1 2 ? anti-parallel 
C 2 3 ? anti-parallel 
C 3 4 ? parallel      
C 4 5 ? anti-parallel 
C 5 6 ? parallel      
C 6 7 ? anti-parallel 
C 7 8 ? anti-parallel 
# 
loop_
_struct_sheet_range.sheet_id 
_struct_sheet_range.id 
_struct_sheet_range.beg_label_comp_id 
_struct_sheet_range.beg_label_asym_id 
_struct_sheet_range.beg_label_seq_id 
_struct_sheet_range.pdbx_beg_PDB_ins_code 
_struct_sheet_range.end_label_comp_id 
_struct_sheet_range.end_label_asym_id 
_struct_sheet_range.end_label_seq_id 
_struct_sheet_range.pdbx_end_PDB_ins_code 
_struct_sheet_range.beg_auth_comp_id 
_struct_sheet_range.beg_auth_asym_id 
_struct_sheet_range.beg_auth_seq_id 
_struct_sheet_range.end_auth_comp_id 
_struct_sheet_range.end_auth_asym_id 
_struct_sheet_range.end_auth_seq_id 
A 1 GLN A 2  ? THR A 4  ? GLN A 2  THR A 4  
A 2 THR B 96 ? ASN B 98 ? THR B 96 ASN B 98 
A 3 THR A 96 ? ASN A 98 ? THR A 96 ASN A 98 
A 4 GLN B 2  ? ILE B 3  ? GLN B 2  ILE B 3  
B 1 LYS A 43 ? GLY A 49 ? LYS A 43 GLY A 49 
B 2 GLY A 52 ? ILE A 66 ? GLY A 52 ILE A 66 
B 3 LYS A 69 ? VAL A 77 ? LYS A 69 VAL A 77 
B 4 VAL A 32 ? LEU A 33 ? VAL A 32 LEU A 33 
B 5 ILE A 84 ? ILE A 85 ? ILE A 84 ILE A 85 
B 6 GLN A 18 ? LEU A 24 ? GLN A 18 LEU A 24 
B 7 LEU A 10 ? ILE A 15 ? LEU A 10 ILE A 15 
B 8 GLY A 52 ? ILE A 66 ? GLY A 52 ILE A 66 
C 1 LYS B 43 ? GLY B 48 ? LYS B 43 GLY B 48 
C 2 PHE B 53 ? ILE B 66 ? PHE B 53 ILE B 66 
C 3 LYS B 69 ? VAL B 77 ? LYS B 69 VAL B 77 
C 4 VAL B 32 ? LEU B 33 ? VAL B 32 LEU B 33 
C 5 ILE B 84 ? ILE B 85 ? ILE B 84 ILE B 85 
C 6 GLN B 18 ? LEU B 24 ? GLN B 18 LEU B 24 
C 7 LEU B 10 ? ILE B 15 ? LEU B 10 ILE B 15 
C 8 PHE B 53 ? ILE B 66 ? PHE B 53 ILE B 66 
# 
loop_
_pdbx_struct_sheet_hbond.sheet_id 
_pdbx_struct_sheet_hbond.range_id_1 
_pdbx_struct_sheet_hbond.range_id_2 
_pdbx_struct_sheet_hbond.range_1_label_atom_id 
_pdbx_struct_sheet_hbond.range_1_label_comp_id 
_pdbx_struct_sheet_hbond.range_1_label_asym_id 
_pdbx_struct_sheet_hbond.range_1_label_seq_id 
_pdbx_struct_sheet_hbond.range_1_PDB_ins_code 
_pdbx_struct_sheet_hbond.range_1_auth_atom_id 
_pdbx_struct_sheet_hbond.range_1_auth_comp_id 
_pdbx_struct_sheet_hbond.range_1_auth_asym_id 
_pdbx_struct_sheet_hbond.range_1_auth_seq_id 
_pdbx_struct_sheet_hbond.range_2_label_atom_id 
_pdbx_struct_sheet_hbond.range_2_label_comp_id 
_pdbx_struct_sheet_hbond.range_2_label_asym_id 
_pdbx_struct_sheet_hbond.range_2_label_seq_id 
_pdbx_struct_sheet_hbond.range_2_PDB_ins_code 
_pdbx_struct_sheet_hbond.range_2_auth_atom_id 
_pdbx_struct_sheet_hbond.range_2_auth_comp_id 
_pdbx_struct_sheet_hbond.range_2_auth_asym_id 
_pdbx_struct_sheet_hbond.range_2_auth_seq_id 
A 1 2 N ILE A 3  ? N ILE A 3  O LEU B 97 ? O LEU B 97 
A 2 3 O ASN B 98 ? O ASN B 98 N THR A 96 ? N THR A 96 
A 3 4 N LEU A 97 ? N LEU A 97 O ILE B 3  ? O ILE B 3  
B 1 2 N LYS A 45 ? N LYS A 45 O VAL A 56 ? O VAL A 56 
B 2 3 N ILE A 64 ? N ILE A 64 O ALA A 71 ? O ALA A 71 
B 3 4 O LEU A 76 ? O LEU A 76 N LEU A 33 ? N LEU A 33 
B 4 5 N VAL A 32 ? N VAL A 32 O ILE A 84 ? O ILE A 84 
B 5 6 O ILE A 85 ? O ILE A 85 N LEU A 23 ? N LEU A 23 
B 6 7 O ARG A 20 ? O ARG A 20 N VAL A 13 ? N VAL A 13 
B 7 8 N LYS A 14 ? N LYS A 14 O GLU A 65 ? O GLU A 65 
C 1 2 N LYS B 45 ? N LYS B 45 O VAL B 56 ? O VAL B 56 
C 2 3 N LYS B 57 ? N LYS B 57 O VAL B 77 ? O VAL B 77 
C 3 4 O LEU B 76 ? O LEU B 76 N LEU B 33 ? N LEU B 33 
C 4 5 N VAL B 32 ? N VAL B 32 O ILE B 84 ? O ILE B 84 
C 5 6 O ILE B 85 ? O ILE B 85 N LEU B 23 ? N LEU B 23 
C 6 7 O GLN B 18 ? O GLN B 18 N ILE B 15 ? N ILE B 15 
C 7 8 N LYS B 14 ? N LYS B 14 O GLU B 65 ? O GLU B 65 
# 
_atom_sites.entry_id                    3IXO 
_atom_sites.fract_transf_matrix[1][1]   -0.01282494 
_atom_sites.fract_transf_matrix[1][2]   -0.00616092 
_atom_sites.fract_transf_matrix[1][3]   0.01192085 
_atom_sites.fract_transf_matrix[2][1]   -0.01421169 
_atom_sites.fract_transf_matrix[2][2]   -0.01024514 
_atom_sites.fract_transf_matrix[2][3]   -0.00613292 
_atom_sites.fract_transf_matrix[3][1]   0.00649878 
_atom_sites.fract_transf_matrix[3][2]   -0.01008128 
_atom_sites.fract_transf_matrix[3][3]   0.00178145 
_atom_sites.fract_transf_vector[1]      -0.000387 
_atom_sites.fract_transf_vector[2]      1.370400 
_atom_sites.fract_transf_vector[3]      0.344205 
# 
loop_
_atom_type.symbol 
C 
N 
O 
S 
# 
loop_
_atom_site.group_PDB 
_atom_site.id 
_atom_site.type_symbol 
_atom_site.label_atom_id 
_atom_site.label_alt_id 
_atom_site.label_comp_id 
_atom_site.label_asym_id 
_atom_site.label_entity_id 
_atom_site.label_seq_id 
_atom_site.pdbx_PDB_ins_code 
_atom_site.Cartn_x 
_atom_site.Cartn_y 
_atom_site.Cartn_z 
_atom_site.occupancy 
_atom_site.B_iso_or_equiv 
_atom_site.pdbx_formal_charge 
_atom_site.auth_seq_id 
_atom_site.auth_comp_id 
_atom_site.auth_asym_id 
_atom_site.auth_atom_id 
_atom_site.pdbx_PDB_model_num 
ATOM   1    N N   . PRO A 1 1  ? -12.105 -13.015 -6.891  1.00 38.29 ? 1   PRO A N   1 
ATOM   2    C CA  . PRO A 1 1  ? -12.957 -11.824 -6.709  1.00 37.33 ? 1   PRO A CA  1 
ATOM   3    C C   . PRO A 1 1  ? -12.325 -10.563 -7.291  1.00 36.99 ? 1   PRO A C   1 
ATOM   4    O O   . PRO A 1 1  ? -11.132 -10.312 -7.100  1.00 36.44 ? 1   PRO A O   1 
ATOM   5    C CB  . PRO A 1 1  ? -13.161 -11.652 -5.208  1.00 38.45 ? 1   PRO A CB  1 
ATOM   6    C CG  . PRO A 1 1  ? -12.966 -13.081 -4.703  1.00 39.82 ? 1   PRO A CG  1 
ATOM   7    C CD  . PRO A 1 1  ? -11.837 -13.644 -5.583  1.00 39.72 ? 1   PRO A CD  1 
ATOM   8    N N   . GLN A 1 2  ? -13.123 -9.784  -8.021  1.00 36.56 ? 2   GLN A N   1 
ATOM   9    C CA  . GLN A 1 2  ? -12.647 -8.519  -8.574  1.00 35.86 ? 2   GLN A CA  1 
ATOM   10   C C   . GLN A 1 2  ? -13.010 -7.465  -7.532  1.00 34.35 ? 2   GLN A C   1 
ATOM   11   O O   . GLN A 1 2  ? -14.184 -7.256  -7.227  1.00 35.32 ? 2   GLN A O   1 
ATOM   12   C CB  . GLN A 1 2  ? -13.326 -8.182  -9.900  1.00 36.89 ? 2   GLN A CB  1 
ATOM   13   C CG  . GLN A 1 2  ? -13.233 -6.694  -10.228 1.00 39.75 ? 2   GLN A CG  1 
ATOM   14   C CD  . GLN A 1 2  ? -13.327 -6.393  -11.711 1.00 41.45 ? 2   GLN A CD  1 
ATOM   15   O OE1 . GLN A 1 2  ? -14.301 -5.799  -12.181 1.00 42.49 ? 2   GLN A OE1 1 
ATOM   16   N NE2 . GLN A 1 2  ? -12.302 -6.799  -12.459 1.00 40.76 ? 2   GLN A NE2 1 
ATOM   17   N N   . ILE A 1 3  ? -11.992 -6.803  -6.998  1.00 32.41 ? 3   ILE A N   1 
ATOM   18   C CA  . ILE A 1 3  ? -12.176 -5.806  -5.951  1.00 30.53 ? 3   ILE A CA  1 
ATOM   19   C C   . ILE A 1 3  ? -12.006 -4.358  -6.422  1.00 29.49 ? 3   ILE A C   1 
ATOM   20   O O   . ILE A 1 3  ? -10.986 -4.002  -7.017  1.00 28.19 ? 3   ILE A O   1 
ATOM   21   C CB  . ILE A 1 3  ? -11.171 -6.084  -4.804  1.00 29.68 ? 3   ILE A CB  1 
ATOM   22   C CG1 . ILE A 1 3  ? -11.297 -7.542  -4.370  1.00 32.19 ? 3   ILE A CG1 1 
ATOM   23   C CG2 . ILE A 1 3  ? -11.424 -5.170  -3.622  1.00 28.96 ? 3   ILE A CG2 1 
ATOM   24   C CD1 . ILE A 1 3  ? -10.259 -7.964  -3.366  1.00 33.10 ? 3   ILE A CD1 1 
ATOM   25   N N   . THR A 1 4  ? -13.013 -3.532  -6.152  1.00 28.27 ? 4   THR A N   1 
ATOM   26   C CA  . THR A 1 4  ? -12.959 -2.123  -6.508  1.00 27.35 ? 4   THR A CA  1 
ATOM   27   C C   . THR A 1 4  ? -12.340 -1.398  -5.305  1.00 26.37 ? 4   THR A C   1 
ATOM   28   O O   . THR A 1 4  ? -12.371 -1.910  -4.184  1.00 25.70 ? 4   THR A O   1 
ATOM   29   C CB  . THR A 1 4  ? -14.355 -1.560  -6.792  1.00 28.46 ? 4   THR A CB  1 
ATOM   30   O OG1 . THR A 1 4  ? -14.224 -0.273  -7.405  1.00 31.56 ? 4   THR A OG1 1 
ATOM   31   C CG2 . THR A 1 4  ? -15.148 -1.430  -5.504  1.00 28.77 ? 4   THR A CG2 1 
ATOM   32   N N   . LEU A 1 5  ? -11.799 -0.204  -5.531  1.00 23.89 ? 5   LEU A N   1 
ATOM   33   C CA  . LEU A 1 5  ? -11.117 0.533   -4.470  1.00 21.67 ? 5   LEU A CA  1 
ATOM   34   C C   . LEU A 1 5  ? -11.841 1.718   -3.842  1.00 21.04 ? 5   LEU A C   1 
ATOM   35   O O   . LEU A 1 5  ? -11.211 2.560   -3.184  1.00 18.30 ? 5   LEU A O   1 
ATOM   36   C CB  . LEU A 1 5  ? -9.745  0.991   -4.984  1.00 21.22 ? 5   LEU A CB  1 
ATOM   37   C CG  . LEU A 1 5  ? -8.755  -0.124  -5.325  1.00 19.56 ? 5   LEU A CG  1 
ATOM   38   C CD1 . LEU A 1 5  ? -7.623  0.439   -6.142  1.00 17.71 ? 5   LEU A CD1 1 
ATOM   39   C CD2 . LEU A 1 5  ? -8.239  -0.761  -4.046  1.00 19.20 ? 5   LEU A CD2 1 
ATOM   40   N N   . TRP A 1 6  ? -13.156 1.798   -4.033  1.00 20.13 ? 6   TRP A N   1 
ATOM   41   C CA  . TRP A 1 6  ? -13.902 2.892   -3.439  1.00 19.81 ? 6   TRP A CA  1 
ATOM   42   C C   . TRP A 1 6  ? -13.804 2.749   -1.927  1.00 20.79 ? 6   TRP A C   1 
ATOM   43   O O   . TRP A 1 6  ? -13.942 3.722   -1.191  1.00 21.15 ? 6   TRP A O   1 
ATOM   44   C CB  . TRP A 1 6  ? -15.351 2.859   -3.910  1.00 20.50 ? 6   TRP A CB  1 
ATOM   45   C CG  . TRP A 1 6  ? -15.421 2.895   -5.396  1.00 19.52 ? 6   TRP A CG  1 
ATOM   46   C CD1 . TRP A 1 6  ? -15.477 1.827   -6.233  1.00 19.23 ? 6   TRP A CD1 1 
ATOM   47   C CD2 . TRP A 1 6  ? -15.316 4.054   -6.227  1.00 18.92 ? 6   TRP A CD2 1 
ATOM   48   N NE1 . TRP A 1 6  ? -15.409 2.243   -7.541  1.00 20.74 ? 6   TRP A NE1 1 
ATOM   49   C CE2 . TRP A 1 6  ? -15.313 3.609   -7.566  1.00 19.81 ? 6   TRP A CE2 1 
ATOM   50   C CE3 . TRP A 1 6  ? -15.226 5.429   -5.969  1.00 20.11 ? 6   TRP A CE3 1 
ATOM   51   C CZ2 . TRP A 1 6  ? -15.217 4.488   -8.652  1.00 19.01 ? 6   TRP A CZ2 1 
ATOM   52   C CZ3 . TRP A 1 6  ? -15.131 6.306   -7.049  1.00 19.30 ? 6   TRP A CZ3 1 
ATOM   53   C CH2 . TRP A 1 6  ? -15.130 5.829   -8.374  1.00 18.79 ? 6   TRP A CH2 1 
ATOM   54   N N   . GLN A 1 7  ? -13.540 1.529   -1.471  1.00 20.91 ? 7   GLN A N   1 
ATOM   55   C CA  . GLN A 1 7  ? -13.381 1.250   -0.042  1.00 21.69 ? 7   GLN A CA  1 
ATOM   56   C C   . GLN A 1 7  ? -12.029 0.556   0.157   1.00 19.62 ? 7   GLN A C   1 
ATOM   57   O O   . GLN A 1 7  ? -11.481 -0.005  -0.788  1.00 16.99 ? 7   GLN A O   1 
ATOM   58   C CB  . GLN A 1 7  ? -14.513 0.334   0.455   1.00 25.72 ? 7   GLN A CB  1 
ATOM   59   C CG  . GLN A 1 7  ? -15.916 0.928   0.304   1.00 31.43 ? 7   GLN A CG  1 
ATOM   60   C CD  . GLN A 1 7  ? -16.668 1.064   1.632   1.00 35.64 ? 7   GLN A CD  1 
ATOM   61   O OE1 . GLN A 1 7  ? -16.988 0.069   2.290   1.00 38.57 ? 7   GLN A OE1 1 
ATOM   62   N NE2 . GLN A 1 7  ? -16.954 2.304   2.028   1.00 37.45 ? 7   GLN A NE2 1 
ATOM   63   N N   . ARG A 1 8  ? -11.483 0.612   1.371   1.00 18.41 ? 8   ARG A N   1 
ATOM   64   C CA  . ARG A 1 8  ? -10.211 -0.063  1.665   1.00 18.08 ? 8   ARG A CA  1 
ATOM   65   C C   . ARG A 1 8  ? -10.355 -1.535  1.313   1.00 17.88 ? 8   ARG A C   1 
ATOM   66   O O   . ARG A 1 8  ? -11.366 -2.155  1.643   1.00 17.41 ? 8   ARG A O   1 
ATOM   67   C CB  . ARG A 1 8  ? -9.861  0.053   3.150   1.00 20.12 ? 8   ARG A CB  1 
ATOM   68   C CG  . ARG A 1 8  ? -9.347  1.428   3.540   1.00 24.26 ? 8   ARG A CG  1 
ATOM   69   C CD  . ARG A 1 8  ? -9.071  1.534   5.021   1.00 25.61 ? 8   ARG A CD  1 
ATOM   70   N NE  . ARG A 1 8  ? -8.776  2.919   5.370   1.00 32.19 ? 8   ARG A NE  1 
ATOM   71   C CZ  . ARG A 1 8  ? -8.972  3.458   6.572   1.00 36.64 ? 8   ARG A CZ  1 
ATOM   72   N NH1 . ARG A 1 8  ? -9.468  2.728   7.569   1.00 36.34 ? 8   ARG A NH1 1 
ATOM   73   N NH2 . ARG A 1 8  ? -8.680  4.736   6.777   1.00 37.44 ? 8   ARG A NH2 1 
ATOM   74   N N   . PRO A 1 9  ? -9.348  -2.117  0.640   1.00 18.81 ? 9   PRO A N   1 
ATOM   75   C CA  . PRO A 1 9  ? -9.403  -3.530  0.256   1.00 17.83 ? 9   PRO A CA  1 
ATOM   76   C C   . PRO A 1 9  ? -9.138  -4.485  1.426   1.00 18.91 ? 9   PRO A C   1 
ATOM   77   O O   . PRO A 1 9  ? -8.032  -5.004  1.590   1.00 18.32 ? 9   PRO A O   1 
ATOM   78   C CB  . PRO A 1 9  ? -8.350  -3.620  -0.841  1.00 17.24 ? 9   PRO A CB  1 
ATOM   79   C CG  . PRO A 1 9  ? -7.320  -2.663  -0.368  1.00 15.45 ? 9   PRO A CG  1 
ATOM   80   C CD  . PRO A 1 9  ? -8.135  -1.475  0.100   1.00 15.97 ? 9   PRO A CD  1 
ATOM   81   N N   . LEU A 1 10 ? -10.166 -4.695  2.243   1.00 19.82 ? 10  LEU A N   1 
ATOM   82   C CA  . LEU A 1 10 ? -10.073 -5.594  3.392   1.00 21.26 ? 10  LEU A CA  1 
ATOM   83   C C   . LEU A 1 10 ? -10.418 -7.022  2.992   1.00 21.21 ? 10  LEU A C   1 
ATOM   84   O O   . LEU A 1 10 ? -11.224 -7.251  2.082   1.00 20.58 ? 10  LEU A O   1 
ATOM   85   C CB  . LEU A 1 10 ? -11.030 -5.152  4.503   1.00 20.45 ? 10  LEU A CB  1 
ATOM   86   C CG  . LEU A 1 10 ? -10.592 -3.956  5.334   1.00 23.99 ? 10  LEU A CG  1 
ATOM   87   C CD1 . LEU A 1 10 ? -11.709 -3.549  6.279   1.00 23.25 ? 10  LEU A CD1 1 
ATOM   88   C CD2 . LEU A 1 10 ? -9.336  -4.319  6.114   1.00 22.88 ? 10  LEU A CD2 1 
ATOM   89   N N   . VAL A 1 11 ? -9.798  -7.981  3.669   1.00 20.95 ? 11  VAL A N   1 
ATOM   90   C CA  . VAL A 1 11 ? -10.063 -9.386  3.404   1.00 21.01 ? 11  VAL A CA  1 
ATOM   91   C C   . VAL A 1 11 ? -9.921  -10.154 4.706   1.00 20.53 ? 11  VAL A C   1 
ATOM   92   O O   . VAL A 1 11 ? -9.174  -9.749  5.595   1.00 19.18 ? 11  VAL A O   1 
ATOM   93   C CB  . VAL A 1 11 ? -9.079  -9.978  2.360   1.00 21.76 ? 11  VAL A CB  1 
ATOM   94   C CG1 . VAL A 1 11 ? -7.680  -10.080 2.953   1.00 21.81 ? 11  VAL A CG1 1 
ATOM   95   C CG2 . VAL A 1 11 ? -9.581  -11.339 1.890   1.00 23.92 ? 11  VAL A CG2 1 
ATOM   96   N N   . THR A 1 12 ? -10.662 -11.250 4.823   1.00 21.51 ? 12  THR A N   1 
ATOM   97   C CA  . THR A 1 12 ? -10.582 -12.081 6.012   1.00 22.07 ? 12  THR A CA  1 
ATOM   98   C C   . THR A 1 12 ? -9.446  -13.077 5.812   1.00 22.64 ? 12  THR A C   1 
ATOM   99   O O   . THR A 1 12 ? -9.427  -13.814 4.823   1.00 22.31 ? 12  THR A O   1 
ATOM   100  C CB  . THR A 1 12 ? -11.889 -12.860 6.244   1.00 23.74 ? 12  THR A CB  1 
ATOM   101  O OG1 . THR A 1 12 ? -12.971 -11.941 6.443   1.00 25.73 ? 12  THR A OG1 1 
ATOM   102  C CG2 . THR A 1 12 ? -11.761 -13.733 7.471   1.00 26.17 ? 12  THR A CG2 1 
ATOM   103  N N   . VAL A 1 13 ? -8.498  -13.093 6.744   1.00 20.34 ? 13  VAL A N   1 
ATOM   104  C CA  . VAL A 1 13 ? -7.366  -14.005 6.651   1.00 21.83 ? 13  VAL A CA  1 
ATOM   105  C C   . VAL A 1 13 ? -7.286  -14.903 7.884   1.00 21.48 ? 13  VAL A C   1 
ATOM   106  O O   . VAL A 1 13 ? -7.594  -14.469 9.003   1.00 20.89 ? 13  VAL A O   1 
ATOM   107  C CB  . VAL A 1 13 ? -6.014  -13.232 6.511   1.00 21.92 ? 13  VAL A CB  1 
ATOM   108  C CG1 . VAL A 1 13 ? -6.117  -12.194 5.410   1.00 22.37 ? 13  VAL A CG1 1 
ATOM   109  C CG2 . VAL A 1 13 ? -5.646  -12.568 7.815   1.00 21.63 ? 13  VAL A CG2 1 
ATOM   110  N N   . LYS A 1 14 ? -6.904  -16.162 7.671   1.00 20.54 ? 14  LYS A N   1 
ATOM   111  C CA  . LYS A 1 14 ? -6.745  -17.085 8.781   1.00 21.09 ? 14  LYS A CA  1 
ATOM   112  C C   . LYS A 1 14 ? -5.247  -17.351 8.929   1.00 21.64 ? 14  LYS A C   1 
ATOM   113  O O   . LYS A 1 14 ? -4.570  -17.736 7.970   1.00 20.84 ? 14  LYS A O   1 
ATOM   114  C CB  . LYS A 1 14 ? -7.494  -18.401 8.545   1.00 22.07 ? 14  LYS A CB  1 
ATOM   115  C CG  . LYS A 1 14 ? -7.520  -19.286 9.797   1.00 24.28 ? 14  LYS A CG  1 
ATOM   116  C CD  . LYS A 1 14 ? -8.064  -20.680 9.515   1.00 26.90 ? 14  LYS A CD  1 
ATOM   117  C CE  . LYS A 1 14 ? -7.886  -21.594 10.733  1.00 27.53 ? 14  LYS A CE  1 
ATOM   118  N NZ  . LYS A 1 14 ? -8.248  -23.022 10.456  1.00 27.68 ? 14  LYS A NZ  1 
ATOM   119  N N   . ILE A 1 15 ? -4.737  -17.123 10.138  1.00 19.98 ? 15  ILE A N   1 
ATOM   120  C CA  . ILE A 1 15 ? -3.323  -17.312 10.428  1.00 19.97 ? 15  ILE A CA  1 
ATOM   121  C C   . ILE A 1 15 ? -3.100  -17.754 11.873  1.00 20.81 ? 15  ILE A C   1 
ATOM   122  O O   . ILE A 1 15 ? -3.594  -17.118 12.805  1.00 19.80 ? 15  ILE A O   1 
ATOM   123  C CB  . ILE A 1 15 ? -2.522  -16.001 10.187  1.00 18.36 ? 15  ILE A CB  1 
ATOM   124  C CG1 . ILE A 1 15 ? -2.988  -14.895 11.132  1.00 18.25 ? 15  ILE A CG1 1 
ATOM   125  C CG2 . ILE A 1 15 ? -2.769  -15.491 8.791   1.00 18.88 ? 15  ILE A CG2 1 
ATOM   126  C CD1 . ILE A 1 15 ? -4.378  -14.350 10.821  1.00 17.23 ? 15  ILE A CD1 1 
ATOM   127  N N   . GLY A 1 16 ? -2.358  -18.845 12.047  1.00 23.47 ? 16  GLY A N   1 
ATOM   128  C CA  . GLY A 1 16 ? -2.062  -19.347 13.380  1.00 24.86 ? 16  GLY A CA  1 
ATOM   129  C C   . GLY A 1 16 ? -3.281  -19.768 14.180  1.00 24.61 ? 16  GLY A C   1 
ATOM   130  O O   . GLY A 1 16 ? -3.281  -19.673 15.412  1.00 25.70 ? 16  GLY A O   1 
ATOM   131  N N   . GLY A 1 17 ? -4.317  -20.235 13.485  1.00 22.60 ? 17  GLY A N   1 
ATOM   132  C CA  . GLY A 1 17 ? -5.529  -20.662 14.157  1.00 20.61 ? 17  GLY A CA  1 
ATOM   133  C C   . GLY A 1 17 ? -6.496  -19.532 14.492  1.00 21.12 ? 17  GLY A C   1 
ATOM   134  O O   . GLY A 1 17 ? -7.607  -19.789 14.956  1.00 21.05 ? 17  GLY A O   1 
ATOM   135  N N   . GLN A 1 18 ? -6.088  -18.286 14.243  1.00 19.22 ? 18  GLN A N   1 
ATOM   136  C CA  . GLN A 1 18 ? -6.912  -17.105 14.535  1.00 16.03 ? 18  GLN A CA  1 
ATOM   137  C C   . GLN A 1 18 ? -7.419  -16.404 13.262  1.00 15.35 ? 18  GLN A C   1 
ATOM   138  O O   . GLN A 1 18 ? -6.838  -16.556 12.183  1.00 15.92 ? 18  GLN A O   1 
ATOM   139  C CB  . GLN A 1 18 ? -6.095  -16.117 15.370  1.00 16.58 ? 18  GLN A CB  1 
ATOM   140  C CG  . GLN A 1 18 ? -5.395  -16.756 16.547  1.00 15.45 ? 18  GLN A CG  1 
ATOM   141  C CD  . GLN A 1 18 ? -4.276  -15.895 17.089  1.00 17.96 ? 18  GLN A CD  1 
ATOM   142  O OE1 . GLN A 1 18 ? -4.515  -14.796 17.581  1.00 21.10 ? 18  GLN A OE1 1 
ATOM   143  N NE2 . GLN A 1 18 ? -3.041  -16.388 16.995  1.00 16.26 ? 18  GLN A NE2 1 
ATOM   144  N N   . LEU A 1 19 ? -8.492  -15.628 13.394  1.00 14.57 ? 19  LEU A N   1 
ATOM   145  C CA  . LEU A 1 19 ? -9.071  -14.921 12.250  1.00 14.00 ? 19  LEU A CA  1 
ATOM   146  C C   . LEU A 1 19 ? -8.840  -13.424 12.394  1.00 15.97 ? 19  LEU A C   1 
ATOM   147  O O   . LEU A 1 19 ? -9.016  -12.857 13.471  1.00 15.28 ? 19  LEU A O   1 
ATOM   148  C CB  . LEU A 1 19 ? -10.574 -15.202 12.154  1.00 13.62 ? 19  LEU A CB  1 
ATOM   149  C CG  . LEU A 1 19 ? -10.963 -16.663 12.376  1.00 14.19 ? 19  LEU A CG  1 
ATOM   150  C CD1 . LEU A 1 19 ? -12.478 -16.810 12.339  1.00 15.58 ? 19  LEU A CD1 1 
ATOM   151  C CD2 . LEU A 1 19 ? -10.305 -17.530 11.331  1.00 14.61 ? 19  LEU A CD2 1 
ATOM   152  N N   . ARG A 1 20 ? -8.445  -12.786 11.300  1.00 16.86 ? 20  ARG A N   1 
ATOM   153  C CA  . ARG A 1 20 ? -8.173  -11.355 11.296  1.00 17.12 ? 20  ARG A CA  1 
ATOM   154  C C   . ARG A 1 20 ? -8.612  -10.771 9.967   1.00 16.85 ? 20  ARG A C   1 
ATOM   155  O O   . ARG A 1 20 ? -8.898  -11.501 9.022   1.00 17.02 ? 20  ARG A O   1 
ATOM   156  C CB  . ARG A 1 20 ? -6.666  -11.100 11.432  1.00 18.40 ? 20  ARG A CB  1 
ATOM   157  C CG  . ARG A 1 20 ? -6.023  -11.504 12.748  1.00 22.95 ? 20  ARG A CG  1 
ATOM   158  C CD  . ARG A 1 20 ? -6.207  -10.411 13.777  1.00 27.00 ? 20  ARG A CD  1 
ATOM   159  N NE  . ARG A 1 20 ? -5.347  -10.566 14.948  1.00 29.46 ? 20  ARG A NE  1 
ATOM   160  C CZ  . ARG A 1 20 ? -5.519  -11.481 15.897  1.00 32.67 ? 20  ARG A CZ  1 
ATOM   161  N NH1 . ARG A 1 20 ? -6.522  -12.348 15.814  1.00 31.59 ? 20  ARG A NH1 1 
ATOM   162  N NH2 . ARG A 1 20 ? -4.713  -11.495 16.955  1.00 33.23 ? 20  ARG A NH2 1 
ATOM   163  N N   . GLU A 1 21 ? -8.674  -9.449  9.907   1.00 17.46 ? 21  GLU A N   1 
ATOM   164  C CA  . GLU A 1 21 ? -8.982  -8.759  8.664   1.00 19.19 ? 21  GLU A CA  1 
ATOM   165  C C   . GLU A 1 21 ? -7.661  -8.115  8.286   1.00 16.83 ? 21  GLU A C   1 
ATOM   166  O O   . GLU A 1 21 ? -6.933  -7.634  9.153   1.00 16.45 ? 21  GLU A O   1 
ATOM   167  C CB  . GLU A 1 21 ? -10.035 -7.679  8.861   1.00 21.61 ? 21  GLU A CB  1 
ATOM   168  C CG  . GLU A 1 21 ? -11.440 -8.189  8.715   1.00 28.73 ? 21  GLU A CG  1 
ATOM   169  C CD  . GLU A 1 21 ? -12.423 -7.064  8.560   1.00 30.83 ? 21  GLU A CD  1 
ATOM   170  O OE1 . GLU A 1 21 ? -13.627 -7.342  8.387   1.00 32.11 ? 21  GLU A OE1 1 
ATOM   171  O OE2 . GLU A 1 21 ? -11.978 -5.897  8.610   1.00 32.26 ? 21  GLU A OE2 1 
ATOM   172  N N   . ALA A 1 22 ? -7.342  -8.117  7.002   1.00 15.31 ? 22  ALA A N   1 
ATOM   173  C CA  . ALA A 1 22 ? -6.086  -7.549  6.551   1.00 14.21 ? 22  ALA A CA  1 
ATOM   174  C C   . ALA A 1 22 ? -6.291  -6.788  5.255   1.00 15.11 ? 22  ALA A C   1 
ATOM   175  O O   . ALA A 1 22 ? -7.107  -7.170  4.420   1.00 14.65 ? 22  ALA A O   1 
ATOM   176  C CB  . ALA A 1 22 ? -5.053  -8.661  6.361   1.00 13.85 ? 22  ALA A CB  1 
ATOM   177  N N   . LEU A 1 23 ? -5.532  -5.710  5.098   1.00 15.53 ? 23  LEU A N   1 
ATOM   178  C CA  . LEU A 1 23 ? -5.623  -4.866  3.922   1.00 16.08 ? 23  LEU A CA  1 
ATOM   179  C C   . LEU A 1 23 ? -4.734  -5.382  2.795   1.00 16.06 ? 23  LEU A C   1 
ATOM   180  O O   . LEU A 1 23 ? -3.511  -5.452  2.963   1.00 15.90 ? 23  LEU A O   1 
ATOM   181  C CB  . LEU A 1 23 ? -5.179  -3.452  4.297   1.00 17.51 ? 23  LEU A CB  1 
ATOM   182  C CG  . LEU A 1 23 ? -5.716  -2.286  3.474   1.00 20.33 ? 23  LEU A CG  1 
ATOM   183  C CD1 . LEU A 1 23 ? -7.199  -2.147  3.745   1.00 19.62 ? 23  LEU A CD1 1 
ATOM   184  C CD2 . LEU A 1 23 ? -4.983  -1.001  3.857   1.00 20.82 ? 23  LEU A CD2 1 
ATOM   185  N N   . LEU A 1 24 ? -5.329  -5.770  1.663   1.00 15.07 ? 24  LEU A N   1 
ATOM   186  C CA  . LEU A 1 24 ? -4.520  -6.217  0.523   1.00 14.60 ? 24  LEU A CA  1 
ATOM   187  C C   . LEU A 1 24 ? -3.772  -4.944  0.149   1.00 15.46 ? 24  LEU A C   1 
ATOM   188  O O   . LEU A 1 24 ? -4.392  -3.933  -0.215  1.00 15.38 ? 24  LEU A O   1 
ATOM   189  C CB  . LEU A 1 24 ? -5.400  -6.660  -0.639  1.00 14.12 ? 24  LEU A CB  1 
ATOM   190  C CG  . LEU A 1 24 ? -6.302  -7.866  -0.399  1.00 13.92 ? 24  LEU A CG  1 
ATOM   191  C CD1 . LEU A 1 24 ? -6.953  -8.262  -1.717  1.00 13.50 ? 24  LEU A CD1 1 
ATOM   192  C CD2 . LEU A 1 24 ? -5.486  -9.020  0.152   1.00 14.79 ? 24  LEU A CD2 1 
ATOM   193  N N   . ASP A 1 25 ? -2.448  -4.984  0.235   1.00 16.04 ? 25  ASP A N   1 
ATOM   194  C CA  . ASP A 1 25 ? -1.646  -3.785  -0.007  1.00 15.66 ? 25  ASP A CA  1 
ATOM   195  C C   . ASP A 1 25 ? -0.552  -3.925  -1.068  1.00 16.04 ? 25  ASP A C   1 
ATOM   196  O O   . ASP A 1 25 ? 0.537   -4.410  -0.765  1.00 14.80 ? 25  ASP A O   1 
ATOM   197  C CB  . ASP A 1 25 ? -1.013  -3.368  1.326   1.00 17.31 ? 25  ASP A CB  1 
ATOM   198  C CG  . ASP A 1 25 ? -0.527  -1.940  1.325   1.00 18.78 ? 25  ASP A CG  1 
ATOM   199  O OD1 . ASP A 1 25 ? -0.106  -1.446  0.263   1.00 19.58 ? 25  ASP A OD1 1 
ATOM   200  O OD2 . ASP A 1 25 ? -0.554  -1.310  2.396   1.00 21.34 ? 25  ASP A OD2 1 
ATOM   201  N N   . THR A 1 26 ? -0.822  -3.472  -2.295  1.00 15.41 ? 26  THR A N   1 
ATOM   202  C CA  . THR A 1 26 ? 0.173   -3.567  -3.370  1.00 13.78 ? 26  THR A CA  1 
ATOM   203  C C   . THR A 1 26 ? 1.398   -2.685  -3.114  1.00 14.83 ? 26  THR A C   1 
ATOM   204  O O   . THR A 1 26 ? 2.459   -2.902  -3.694  1.00 13.86 ? 26  THR A O   1 
ATOM   205  C CB  . THR A 1 26 ? -0.436  -3.189  -4.742  1.00 12.44 ? 26  THR A CB  1 
ATOM   206  O OG1 . THR A 1 26 ? -1.062  -1.896  -4.660  1.00 11.93 ? 26  THR A OG1 1 
ATOM   207  C CG2 . THR A 1 26 ? -1.461  -4.234  -5.163  1.00 14.85 ? 26  THR A CG2 1 
ATOM   208  N N   . GLY A 1 27 ? 1.254   -1.699  -2.236  1.00 14.04 ? 27  GLY A N   1 
ATOM   209  C CA  . GLY A 1 27 ? 2.376   -0.829  -1.934  1.00 14.10 ? 27  GLY A CA  1 
ATOM   210  C C   . GLY A 1 27 ? 3.272   -1.385  -0.842  1.00 16.32 ? 27  GLY A C   1 
ATOM   211  O O   . GLY A 1 27 ? 4.166   -0.693  -0.357  1.00 19.16 ? 27  GLY A O   1 
ATOM   212  N N   . ALA A 1 28 ? 3.037   -2.635  -0.447  1.00 15.77 ? 28  ALA A N   1 
ATOM   213  C CA  . ALA A 1 28 ? 3.833   -3.282  0.597   1.00 15.19 ? 28  ALA A CA  1 
ATOM   214  C C   . ALA A 1 28 ? 4.555   -4.495  0.029   1.00 15.26 ? 28  ALA A C   1 
ATOM   215  O O   . ALA A 1 28 ? 3.930   -5.365  -0.586  1.00 14.36 ? 28  ALA A O   1 
ATOM   216  C CB  . ALA A 1 28 ? 2.933   -3.716  1.754   1.00 13.13 ? 28  ALA A CB  1 
ATOM   217  N N   . ASP A 1 29 ? 5.870   -4.546  0.230   1.00 16.99 ? 29  ASP A N   1 
ATOM   218  C CA  . ASP A 1 29 ? 6.677   -5.674  -0.242  1.00 18.45 ? 29  ASP A CA  1 
ATOM   219  C C   . ASP A 1 29 ? 6.459   -6.848  0.689   1.00 18.48 ? 29  ASP A C   1 
ATOM   220  O O   . ASP A 1 29 ? 6.535   -8.000  0.273   1.00 21.95 ? 29  ASP A O   1 
ATOM   221  C CB  . ASP A 1 29 ? 8.182   -5.365  -0.202  1.00 18.97 ? 29  ASP A CB  1 
ATOM   222  C CG  . ASP A 1 29 ? 8.566   -4.164  -1.030  1.00 21.20 ? 29  ASP A CG  1 
ATOM   223  O OD1 . ASP A 1 29 ? 8.125   -4.059  -2.197  1.00 20.49 ? 29  ASP A OD1 1 
ATOM   224  O OD2 . ASP A 1 29 ? 9.333   -3.327  -0.505  1.00 24.64 ? 29  ASP A OD2 1 
ATOM   225  N N   . ASP A 1 30 ? 6.208   -6.533  1.955   1.00 18.75 ? 30  ASP A N   1 
ATOM   226  C CA  . ASP A 1 30 ? 6.032   -7.529  3.008   1.00 20.16 ? 30  ASP A CA  1 
ATOM   227  C C   . ASP A 1 30 ? 4.629   -7.548  3.605   1.00 20.73 ? 30  ASP A C   1 
ATOM   228  O O   . ASP A 1 30 ? 3.807   -6.666  3.341   1.00 20.58 ? 30  ASP A O   1 
ATOM   229  C CB  . ASP A 1 30 ? 7.003   -7.240  4.151   1.00 21.19 ? 30  ASP A CB  1 
ATOM   230  C CG  . ASP A 1 30 ? 8.330   -6.691  3.668   1.00 25.84 ? 30  ASP A CG  1 
ATOM   231  O OD1 . ASP A 1 30 ? 9.101   -7.476  3.077   1.00 27.91 ? 30  ASP A OD1 1 
ATOM   232  O OD2 . ASP A 1 30 ? 8.597   -5.479  3.871   1.00 24.96 ? 30  ASP A OD2 1 
ATOM   233  N N   . THR A 1 31 ? 4.390   -8.564  4.433   1.00 20.50 ? 31  THR A N   1 
ATOM   234  C CA  . THR A 1 31 ? 3.129   -8.746  5.142   1.00 19.19 ? 31  THR A CA  1 
ATOM   235  C C   . THR A 1 31 ? 3.435   -8.385  6.578   1.00 17.18 ? 31  THR A C   1 
ATOM   236  O O   . THR A 1 31 ? 4.370   -8.926  7.163   1.00 16.92 ? 31  THR A O   1 
ATOM   237  C CB  . THR A 1 31 ? 2.664   -10.195 5.059   1.00 19.66 ? 31  THR A CB  1 
ATOM   238  O OG1 . THR A 1 31 ? 2.310   -10.489 3.702   1.00 19.94 ? 31  THR A OG1 1 
ATOM   239  C CG2 . THR A 1 31 ? 1.463   -10.426 5.964   1.00 20.56 ? 31  THR A CG2 1 
ATOM   240  N N   . VAL A 1 32 ? 2.668   -7.460  7.137   1.00 17.94 ? 32  VAL A N   1 
ATOM   241  C CA  . VAL A 1 32 ? 2.905   -7.007  8.503   1.00 19.23 ? 32  VAL A CA  1 
ATOM   242  C C   . VAL A 1 32 ? 1.634   -7.005  9.336   1.00 21.83 ? 32  VAL A C   1 
ATOM   243  O O   . VAL A 1 32 ? 0.693   -6.258  9.059   1.00 21.73 ? 32  VAL A O   1 
ATOM   244  C CB  . VAL A 1 32 ? 3.490   -5.577  8.526   1.00 19.85 ? 32  VAL A CB  1 
ATOM   245  C CG1 . VAL A 1 32 ? 3.850   -5.185  9.949   1.00 18.86 ? 32  VAL A CG1 1 
ATOM   246  C CG2 . VAL A 1 32 ? 4.710   -5.505  7.637   1.00 17.56 ? 32  VAL A CG2 1 
ATOM   247  N N   . LEU A 1 33 ? 1.628   -7.840  10.369  1.00 22.63 ? 33  LEU A N   1 
ATOM   248  C CA  . LEU A 1 33 ? 0.487   -7.955  11.247  1.00 26.19 ? 33  LEU A CA  1 
ATOM   249  C C   . LEU A 1 33 ? 0.719   -7.280  12.589  1.00 30.00 ? 33  LEU A C   1 
ATOM   250  O O   . LEU A 1 33 ? 1.835   -7.226  13.095  1.00 29.24 ? 33  LEU A O   1 
ATOM   251  C CB  . LEU A 1 33 ? 0.140   -9.421  11.475  1.00 25.35 ? 33  LEU A CB  1 
ATOM   252  C CG  . LEU A 1 33 ? -0.064  -10.300 10.239  1.00 25.59 ? 33  LEU A CG  1 
ATOM   253  C CD1 . LEU A 1 33 ? -0.444  -11.693 10.699  1.00 26.07 ? 33  LEU A CD1 1 
ATOM   254  C CD2 . LEU A 1 33 ? -1.147  -9.737  9.348   1.00 22.62 ? 33  LEU A CD2 1 
ATOM   255  N N   . GLU A 1 34 ? -0.370  -6.764  13.156  1.00 35.16 ? 34  GLU A N   1 
ATOM   256  C CA  . GLU A 1 34 ? -0.387  -6.058  14.453  1.00 40.26 ? 34  GLU A CA  1 
ATOM   257  C C   . GLU A 1 34 ? -0.255  -7.112  15.541  1.00 43.02 ? 34  GLU A C   1 
ATOM   258  O O   . GLU A 1 34 ? -0.026  -8.291  15.230  1.00 44.15 ? 34  GLU A O   1 
ATOM   259  C CB  . GLU A 1 34 ? -1.714  -5.341  14.608  1.00 42.54 ? 34  GLU A CB  1 
ATOM   260  C CG  . GLU A 1 34 ? -2.835  -6.328  14.767  1.00 48.66 ? 34  GLU A CG  1 
ATOM   261  C CD  . GLU A 1 34 ? -4.058  -5.753  15.394  1.00 53.01 ? 34  GLU A CD  1 
ATOM   262  O OE1 . GLU A 1 34 ? -3.903  -4.780  16.156  1.00 54.37 ? 34  GLU A OE1 1 
ATOM   263  O OE2 . GLU A 1 34 ? -5.162  -6.290  15.145  1.00 55.63 ? 34  GLU A OE2 1 
ATOM   264  N N   . GLU A 1 35 ? -0.401  -6.733  16.804  1.00 45.12 ? 35  GLU A N   1 
ATOM   265  C CA  . GLU A 1 35 ? -0.306  -7.736  17.864  1.00 46.20 ? 35  GLU A CA  1 
ATOM   266  C C   . GLU A 1 35 ? -1.124  -9.030  17.603  1.00 45.47 ? 35  GLU A C   1 
ATOM   267  O O   . GLU A 1 35 ? -2.371  -9.024  17.512  1.00 46.29 ? 35  GLU A O   1 
ATOM   268  C CB  . GLU A 1 35 ? -0.759  -7.118  19.185  1.00 48.79 ? 35  GLU A CB  1 
ATOM   269  C CG  . GLU A 1 35 ? -0.337  -7.896  20.417  1.00 50.36 ? 35  GLU A CG  1 
ATOM   270  C CD  . GLU A 1 35 ? 1.008   -8.591  20.252  1.00 51.48 ? 35  GLU A CD  1 
ATOM   271  O OE1 . GLU A 1 35 ? 1.902   -8.001  19.613  1.00 51.53 ? 35  GLU A OE1 1 
ATOM   272  O OE2 . GLU A 1 35 ? 1.181   -9.723  20.759  1.00 52.27 ? 35  GLU A OE2 1 
ATOM   273  N N   . ILE A 1 36 ? -0.379  -10.131 17.510  1.00 42.29 ? 36  ILE A N   1 
ATOM   274  C CA  . ILE A 1 36 ? -0.905  -11.471 17.281  1.00 40.13 ? 36  ILE A CA  1 
ATOM   275  C C   . ILE A 1 36 ? 0.091   -12.502 17.809  1.00 40.01 ? 36  ILE A C   1 
ATOM   276  O O   . ILE A 1 36 ? 1.286   -12.357 17.650  1.00 38.77 ? 36  ILE A O   1 
ATOM   277  C CB  . ILE A 1 36 ? -1.197  -11.771 15.753  1.00 39.14 ? 36  ILE A CB  1 
ATOM   278  C CG1 . ILE A 1 36 ? -1.825  -13.162 15.586  1.00 37.22 ? 36  ILE A CG1 1 
ATOM   279  C CG2 . ILE A 1 36 ? 0.112   -11.811 14.965  1.00 38.04 ? 36  ILE A CG2 1 
ATOM   280  C CD1 . ILE A 1 36 ? -2.212  -13.533 14.120  1.00 34.75 ? 36  ILE A CD1 1 
ATOM   281  N N   . ASN A 1 37 ? -0.440  -13.537 18.457  1.00 40.77 ? 37  ASN A N   1 
ATOM   282  C CA  . ASN A 1 37 ? 0.328   -14.642 19.057  1.00 40.72 ? 37  ASN A CA  1 
ATOM   283  C C   . ASN A 1 37 ? 0.708   -15.582 17.918  1.00 40.64 ? 37  ASN A C   1 
ATOM   284  O O   . ASN A 1 37 ? -0.161  -16.134 17.260  1.00 41.84 ? 37  ASN A O   1 
ATOM   285  C CB  . ASN A 1 37 ? -0.556  -15.375 20.094  1.00 41.12 ? 37  ASN A CB  1 
ATOM   286  C CG  . ASN A 1 37 ? 0.203   -16.466 20.925  1.00 41.69 ? 37  ASN A CG  1 
ATOM   287  O OD1 . ASN A 1 37 ? -0.437  -17.307 21.576  1.00 42.78 ? 37  ASN A OD1 1 
ATOM   288  N ND2 . ASN A 1 37 ? 1.540   -16.440 20.908  1.00 38.16 ? 37  ASN A ND2 1 
ATOM   289  N N   . LEU A 1 38 ? 1.998   -15.729 17.644  1.00 41.16 ? 38  LEU A N   1 
ATOM   290  C CA  . LEU A 1 38 ? 2.415   -16.628 16.574  1.00 42.26 ? 38  LEU A CA  1 
ATOM   291  C C   . LEU A 1 38 ? 3.436   -17.602 17.131  1.00 43.77 ? 38  LEU A C   1 
ATOM   292  O O   . LEU A 1 38 ? 4.445   -17.197 17.713  1.00 43.74 ? 38  LEU A O   1 
ATOM   293  C CB  . LEU A 1 38 ? 3.000   -15.878 15.366  1.00 42.51 ? 38  LEU A CB  1 
ATOM   294  C CG  . LEU A 1 38 ? 3.291   -16.662 14.057  1.00 41.76 ? 38  LEU A CG  1 
ATOM   295  C CD1 . LEU A 1 38 ? 2.064   -17.445 13.593  1.00 41.82 ? 38  LEU A CD1 1 
ATOM   296  C CD2 . LEU A 1 38 ? 3.711   -15.689 12.963  1.00 41.25 ? 38  LEU A CD2 1 
ATOM   297  N N   . PRO A 1 39 ? 3.175   -18.917 16.966  1.00 44.97 ? 39  PRO A N   1 
ATOM   298  C CA  . PRO A 1 39 ? 4.070   -19.970 17.461  1.00 46.13 ? 39  PRO A CA  1 
ATOM   299  C C   . PRO A 1 39 ? 5.466   -19.970 16.842  1.00 47.81 ? 39  PRO A C   1 
ATOM   300  O O   . PRO A 1 39 ? 5.639   -19.552 15.695  1.00 47.29 ? 39  PRO A O   1 
ATOM   301  C CB  . PRO A 1 39 ? 3.304   -21.253 17.149  1.00 45.45 ? 39  PRO A CB  1 
ATOM   302  C CG  . PRO A 1 39 ? 2.526   -20.918 15.919  1.00 45.21 ? 39  PRO A CG  1 
ATOM   303  C CD  . PRO A 1 39 ? 2.026   -19.504 16.242  1.00 44.28 ? 39  PRO A CD  1 
ATOM   304  N N   . GLY A 1 40 ? 6.456   -20.430 17.611  1.00 49.27 ? 40  GLY A N   1 
ATOM   305  C CA  . GLY A 1 40 ? 7.826   -20.509 17.120  1.00 50.23 ? 40  GLY A CA  1 
ATOM   306  C C   . GLY A 1 40 ? 8.803   -19.405 17.491  1.00 50.74 ? 40  GLY A C   1 
ATOM   307  O O   . GLY A 1 40 ? 8.577   -18.604 18.416  1.00 49.93 ? 40  GLY A O   1 
ATOM   308  N N   . LYS A 1 41 ? 9.907   -19.386 16.748  1.00 50.95 ? 41  LYS A N   1 
ATOM   309  C CA  . LYS A 1 41 ? 10.975  -18.423 16.921  1.00 50.88 ? 41  LYS A CA  1 
ATOM   310  C C   . LYS A 1 41 ? 10.933  -17.496 15.711  1.00 50.88 ? 41  LYS A C   1 
ATOM   311  O O   . LYS A 1 41 ? 10.079  -17.618 14.838  1.00 50.10 ? 41  LYS A O   1 
ATOM   312  C CB  . LYS A 1 41 ? 12.333  -19.133 16.951  1.00 51.60 ? 41  LYS A CB  1 
ATOM   313  C CG  . LYS A 1 41 ? 12.636  -19.857 15.664  1.00 51.88 ? 41  LYS A CG  1 
ATOM   314  C CD  . LYS A 1 41 ? 13.959  -20.576 15.721  1.00 53.07 ? 41  LYS A CD  1 
ATOM   315  C CE  . LYS A 1 41 ? 14.179  -21.357 14.437  1.00 53.81 ? 41  LYS A CE  1 
ATOM   316  N NZ  . LYS A 1 41 ? 15.472  -22.090 14.429  1.00 56.14 ? 41  LYS A NZ  1 
ATOM   317  N N   . TRP A 1 42 ? 11.902  -16.600 15.638  1.00 50.85 ? 42  TRP A N   1 
ATOM   318  C CA  . TRP A 1 42 ? 11.949  -15.631 14.562  1.00 50.38 ? 42  TRP A CA  1 
ATOM   319  C C   . TRP A 1 42 ? 13.297  -14.953 14.528  1.00 49.73 ? 42  TRP A C   1 
ATOM   320  O O   . TRP A 1 42 ? 14.214  -15.304 15.275  1.00 50.88 ? 42  TRP A O   1 
ATOM   321  C CB  . TRP A 1 42 ? 10.871  -14.588 14.809  1.00 51.38 ? 42  TRP A CB  1 
ATOM   322  C CG  . TRP A 1 42 ? 10.694  -14.346 16.271  1.00 53.24 ? 42  TRP A CG  1 
ATOM   323  C CD1 . TRP A 1 42 ? 10.092  -15.177 17.180  1.00 54.41 ? 42  TRP A CD1 1 
ATOM   324  C CD2 . TRP A 1 42 ? 11.197  -13.240 17.017  1.00 55.14 ? 42  TRP A CD2 1 
ATOM   325  N NE1 . TRP A 1 42 ? 10.198  -14.657 18.445  1.00 55.16 ? 42  TRP A NE1 1 
ATOM   326  C CE2 . TRP A 1 42 ? 10.870  -13.467 18.375  1.00 55.31 ? 42  TRP A CE2 1 
ATOM   327  C CE3 . TRP A 1 42 ? 11.896  -12.077 16.673  1.00 55.90 ? 42  TRP A CE3 1 
ATOM   328  C CZ2 . TRP A 1 42 ? 11.219  -12.570 19.388  1.00 55.74 ? 42  TRP A CZ2 1 
ATOM   329  C CZ3 . TRP A 1 42 ? 12.242  -11.188 17.678  1.00 56.41 ? 42  TRP A CZ3 1 
ATOM   330  C CH2 . TRP A 1 42 ? 11.903  -11.439 19.021  1.00 56.36 ? 42  TRP A CH2 1 
ATOM   331  N N   . LYS A 1 43 ? 13.417  -13.991 13.627  1.00 48.16 ? 43  LYS A N   1 
ATOM   332  C CA  . LYS A 1 43 ? 14.638  -13.226 13.492  1.00 44.88 ? 43  LYS A CA  1 
ATOM   333  C C   . LYS A 1 43 ? 14.209  -11.779 13.533  1.00 44.57 ? 43  LYS A C   1 
ATOM   334  O O   . LYS A 1 43 ? 13.366  -11.357 12.741  1.00 44.43 ? 43  LYS A O   1 
ATOM   335  C CB  . LYS A 1 43 ? 15.313  -13.506 12.156  1.00 43.91 ? 43  LYS A CB  1 
ATOM   336  C CG  . LYS A 1 43 ? 15.584  -14.962 11.880  1.00 43.59 ? 43  LYS A CG  1 
ATOM   337  C CD  . LYS A 1 43 ? 16.378  -15.102 10.600  1.00 42.49 ? 43  LYS A CD  1 
ATOM   338  C CE  . LYS A 1 43 ? 16.442  -16.546 10.133  1.00 42.76 ? 43  LYS A CE  1 
ATOM   339  N NZ  . LYS A 1 43 ? 15.108  -17.027 9.674   1.00 44.75 ? 43  LYS A NZ  1 
ATOM   340  N N   . PRO A 1 44 ? 14.748  -11.005 14.485  1.00 44.86 ? 44  PRO A N   1 
ATOM   341  C CA  . PRO A 1 44 ? 14.384  -9.589  14.580  1.00 44.28 ? 44  PRO A CA  1 
ATOM   342  C C   . PRO A 1 44 ? 14.633  -8.850  13.259  1.00 43.22 ? 44  PRO A C   1 
ATOM   343  O O   . PRO A 1 44 ? 15.509  -9.223  12.474  1.00 43.20 ? 44  PRO A O   1 
ATOM   344  C CB  . PRO A 1 44 ? 15.270  -9.095  15.714  1.00 45.21 ? 44  PRO A CB  1 
ATOM   345  C CG  . PRO A 1 44 ? 15.279  -10.283 16.639  1.00 45.37 ? 44  PRO A CG  1 
ATOM   346  C CD  . PRO A 1 44 ? 15.509  -11.432 15.674  1.00 44.74 ? 44  PRO A CD  1 
ATOM   347  N N   . LYS A 1 45 ? 13.844  -7.813  13.011  1.00 41.77 ? 45  LYS A N   1 
ATOM   348  C CA  . LYS A 1 45 ? 13.976  -7.036  11.790  1.00 40.17 ? 45  LYS A CA  1 
ATOM   349  C C   . LYS A 1 45 ? 13.271  -5.686  11.932  1.00 39.57 ? 45  LYS A C   1 
ATOM   350  O O   . LYS A 1 45 ? 12.295  -5.552  12.674  1.00 39.43 ? 45  LYS A O   1 
ATOM   351  C CB  . LYS A 1 45 ? 13.393  -7.817  10.604  1.00 40.54 ? 45  LYS A CB  1 
ATOM   352  C CG  . LYS A 1 45 ? 13.463  -7.069  9.276   1.00 40.76 ? 45  LYS A CG  1 
ATOM   353  C CD  . LYS A 1 45 ? 12.773  -7.822  8.149   1.00 41.06 ? 45  LYS A CD  1 
ATOM   354  C CE  . LYS A 1 45 ? 12.734  -6.985  6.873   1.00 41.40 ? 45  LYS A CE  1 
ATOM   355  N NZ  . LYS A 1 45 ? 12.030  -7.666  5.743   1.00 41.95 ? 45  LYS A NZ  1 
ATOM   356  N N   . MET A 1 46 ? 13.788  -4.681  11.230  1.00 39.06 ? 46  MET A N   1 
ATOM   357  C CA  . MET A 1 46 ? 13.218  -3.340  11.256  1.00 37.21 ? 46  MET A CA  1 
ATOM   358  C C   . MET A 1 46 ? 12.813  -2.963  9.850   1.00 35.35 ? 46  MET A C   1 
ATOM   359  O O   . MET A 1 46 ? 13.617  -3.062  8.918   1.00 35.90 ? 46  MET A O   1 
ATOM   360  C CB  . MET A 1 46 ? 14.239  -2.326  11.759  1.00 39.20 ? 46  MET A CB  1 
ATOM   361  C CG  . MET A 1 46 ? 14.652  -2.528  13.195  1.00 41.19 ? 46  MET A CG  1 
ATOM   362  S SD  . MET A 1 46 ? 15.942  -1.368  13.645  1.00 46.27 ? 46  MET A SD  1 
ATOM   363  C CE  . MET A 1 46 ? 17.433  -2.313  13.193  1.00 42.81 ? 46  MET A CE  1 
ATOM   364  N N   . ILE A 1 47 ? 11.567  -2.530  9.698   1.00 32.05 ? 47  ILE A N   1 
ATOM   365  C CA  . ILE A 1 47 ? 11.064  -2.135  8.392   1.00 29.28 ? 47  ILE A CA  1 
ATOM   366  C C   . ILE A 1 47 ? 10.647  -0.672  8.402   1.00 28.88 ? 47  ILE A C   1 
ATOM   367  O O   . ILE A 1 47 ? 10.361  -0.093  9.456   1.00 26.53 ? 47  ILE A O   1 
ATOM   368  C CB  . ILE A 1 47 ? 9.849   -2.984  7.976   1.00 27.77 ? 47  ILE A CB  1 
ATOM   369  C CG1 . ILE A 1 47 ? 8.737   -2.829  9.015   1.00 25.87 ? 47  ILE A CG1 1 
ATOM   370  C CG2 . ILE A 1 47 ? 10.262  -4.447  7.825   1.00 29.03 ? 47  ILE A CG2 1 
ATOM   371  C CD1 . ILE A 1 47 ? 7.478   -3.597  8.689   1.00 25.60 ? 47  ILE A CD1 1 
ATOM   372  N N   . GLY A 1 48 ? 10.609  -0.080  7.216   1.00 30.54 ? 48  GLY A N   1 
ATOM   373  C CA  . GLY A 1 48 ? 10.229  1.308   7.114   1.00 30.97 ? 48  GLY A CA  1 
ATOM   374  C C   . GLY A 1 48 ? 8.936   1.529   6.359   1.00 32.80 ? 48  GLY A C   1 
ATOM   375  O O   . GLY A 1 48 ? 8.444   0.664   5.632   1.00 31.95 ? 48  GLY A O   1 
ATOM   376  N N   . GLY A 1 49 ? 8.384   2.715   6.557   1.00 33.85 ? 49  GLY A N   1 
ATOM   377  C CA  . GLY A 1 49 ? 7.157   3.110   5.902   1.00 35.45 ? 49  GLY A CA  1 
ATOM   378  C C   . GLY A 1 49 ? 7.148   4.619   6.001   1.00 36.38 ? 49  GLY A C   1 
ATOM   379  O O   . GLY A 1 49 ? 8.206   5.243   6.081   1.00 34.96 ? 49  GLY A O   1 
ATOM   380  N N   . ILE A 1 50 ? 5.967   5.219   5.996   1.00 36.62 ? 50  ILE A N   1 
ATOM   381  C CA  . ILE A 1 50 ? 5.903   6.657   6.120   1.00 36.74 ? 50  ILE A CA  1 
ATOM   382  C C   . ILE A 1 50 ? 5.916   6.972   7.614   1.00 36.29 ? 50  ILE A C   1 
ATOM   383  O O   . ILE A 1 50 ? 5.156   6.385   8.386   1.00 35.74 ? 50  ILE A O   1 
ATOM   384  C CB  . ILE A 1 50 ? 4.637   7.215   5.428   1.00 37.60 ? 50  ILE A CB  1 
ATOM   385  C CG1 . ILE A 1 50 ? 5.058   8.231   4.363   1.00 40.01 ? 50  ILE A CG1 1 
ATOM   386  C CG2 . ILE A 1 50 ? 3.709   7.863   6.444   1.00 38.26 ? 50  ILE A CG2 1 
ATOM   387  C CD1 . ILE A 1 50 ? 3.983   8.551   3.355   1.00 40.93 ? 50  ILE A CD1 1 
ATOM   388  N N   . GLY A 1 51 ? 6.811   7.873   8.013   1.00 36.10 ? 51  GLY A N   1 
ATOM   389  C CA  . GLY A 1 51 ? 6.919   8.254   9.411   1.00 34.41 ? 51  GLY A CA  1 
ATOM   390  C C   . GLY A 1 51 ? 8.118   7.663   10.140  1.00 33.18 ? 51  GLY A C   1 
ATOM   391  O O   . GLY A 1 51 ? 8.422   8.060   11.267  1.00 33.31 ? 51  GLY A O   1 
ATOM   392  N N   . GLY A 1 52 ? 8.804   6.718   9.509   1.00 30.81 ? 52  GLY A N   1 
ATOM   393  C CA  . GLY A 1 52 ? 9.952   6.109   10.151  1.00 30.35 ? 52  GLY A CA  1 
ATOM   394  C C   . GLY A 1 52 ? 9.908   4.592   10.128  1.00 29.66 ? 52  GLY A C   1 
ATOM   395  O O   . GLY A 1 52 ? 9.056   3.989   9.470   1.00 29.75 ? 52  GLY A O   1 
ATOM   396  N N   . PHE A 1 53 ? 10.821  3.970   10.866  1.00 29.75 ? 53  PHE A N   1 
ATOM   397  C CA  . PHE A 1 53 ? 10.909  2.514   10.915  1.00 29.75 ? 53  PHE A CA  1 
ATOM   398  C C   . PHE A 1 53 ? 10.294  1.931   12.178  1.00 29.79 ? 53  PHE A C   1 
ATOM   399  O O   . PHE A 1 53 ? 10.196  2.605   13.205  1.00 29.16 ? 53  PHE A O   1 
ATOM   400  C CB  . PHE A 1 53 ? 12.374  2.070   10.832  1.00 29.62 ? 53  PHE A CB  1 
ATOM   401  C CG  . PHE A 1 53 ? 13.060  2.462   9.553   1.00 31.89 ? 53  PHE A CG  1 
ATOM   402  C CD1 . PHE A 1 53 ? 13.103  3.793   9.150   1.00 32.33 ? 53  PHE A CD1 1 
ATOM   403  C CD2 . PHE A 1 53 ? 13.658  1.497   8.746   1.00 33.24 ? 53  PHE A CD2 1 
ATOM   404  C CE1 . PHE A 1 53 ? 13.735  4.159   7.976   1.00 33.08 ? 53  PHE A CE1 1 
ATOM   405  C CE2 . PHE A 1 53 ? 14.296  1.854   7.563   1.00 33.80 ? 53  PHE A CE2 1 
ATOM   406  C CZ  . PHE A 1 53 ? 14.330  3.188   7.176   1.00 33.90 ? 53  PHE A CZ  1 
ATOM   407  N N   . ILE A 1 54 ? 9.878   0.675   12.091  1.00 29.55 ? 54  ILE A N   1 
ATOM   408  C CA  . ILE A 1 54 ? 9.303   -0.015  13.236  1.00 29.31 ? 54  ILE A CA  1 
ATOM   409  C C   . ILE A 1 54 ? 10.022  -1.339  13.402  1.00 29.42 ? 54  ILE A C   1 
ATOM   410  O O   . ILE A 1 54 ? 10.447  -1.953  12.418  1.00 30.06 ? 54  ILE A O   1 
ATOM   411  C CB  . ILE A 1 54 ? 7.788   -0.309  13.051  1.00 29.88 ? 54  ILE A CB  1 
ATOM   412  C CG1 . ILE A 1 54 ? 7.575   -1.286  11.887  1.00 28.92 ? 54  ILE A CG1 1 
ATOM   413  C CG2 . ILE A 1 54 ? 7.034   0.992   12.832  1.00 28.86 ? 54  ILE A CG2 1 
ATOM   414  C CD1 . ILE A 1 54 ? 6.231   -1.980  11.912  1.00 26.45 ? 54  ILE A CD1 1 
ATOM   415  N N   . LYS A 1 55 ? 10.172  -1.767  14.650  1.00 30.27 ? 55  LYS A N   1 
ATOM   416  C CA  . LYS A 1 55 ? 10.821  -3.040  14.939  1.00 31.59 ? 55  LYS A CA  1 
ATOM   417  C C   . LYS A 1 55 ? 9.733   -4.096  14.910  1.00 30.56 ? 55  LYS A C   1 
ATOM   418  O O   . LYS A 1 55 ? 8.644   -3.887  15.444  1.00 30.18 ? 55  LYS A O   1 
ATOM   419  C CB  . LYS A 1 55 ? 11.492  -3.025  16.319  1.00 32.40 ? 55  LYS A CB  1 
ATOM   420  C CG  . LYS A 1 55 ? 12.790  -2.229  16.394  1.00 35.45 ? 55  LYS A CG  1 
ATOM   421  C CD  . LYS A 1 55 ? 13.466  -2.430  17.750  1.00 37.68 ? 55  LYS A CD  1 
ATOM   422  C CE  . LYS A 1 55 ? 14.774  -1.649  17.856  1.00 39.97 ? 55  LYS A CE  1 
ATOM   423  N NZ  . LYS A 1 55 ? 15.458  -1.840  19.175  1.00 39.78 ? 55  LYS A NZ  1 
ATOM   424  N N   . VAL A 1 56 ? 10.026  -5.222  14.275  1.00 31.40 ? 56  VAL A N   1 
ATOM   425  C CA  . VAL A 1 56 ? 9.058   -6.304  14.177  1.00 31.29 ? 56  VAL A CA  1 
ATOM   426  C C   . VAL A 1 56 ? 9.730   -7.662  14.340  1.00 31.28 ? 56  VAL A C   1 
ATOM   427  O O   . VAL A 1 56 ? 10.959  -7.774  14.305  1.00 30.51 ? 56  VAL A O   1 
ATOM   428  C CB  . VAL A 1 56 ? 8.332   -6.277  12.805  1.00 29.57 ? 56  VAL A CB  1 
ATOM   429  C CG1 . VAL A 1 56 ? 7.664   -4.931  12.597  1.00 29.71 ? 56  VAL A CG1 1 
ATOM   430  C CG2 . VAL A 1 56 ? 9.318   -6.551  11.675  1.00 28.60 ? 56  VAL A CG2 1 
ATOM   431  N N   . LYS A 1 57 ? 8.911   -8.690  14.532  1.00 30.95 ? 57  LYS A N   1 
ATOM   432  C CA  . LYS A 1 57 ? 9.408   -10.049 14.659  1.00 29.55 ? 57  LYS A CA  1 
ATOM   433  C C   . LYS A 1 57 ? 9.202   -10.671 13.293  1.00 29.48 ? 57  LYS A C   1 
ATOM   434  O O   . LYS A 1 57 ? 8.134   -10.534 12.698  1.00 29.12 ? 57  LYS A O   1 
ATOM   435  C CB  . LYS A 1 57 ? 8.619   -10.810 15.725  1.00 29.79 ? 57  LYS A CB  1 
ATOM   436  C CG  . LYS A 1 57 ? 8.719   -10.170 17.103  1.00 31.67 ? 57  LYS A CG  1 
ATOM   437  C CD  . LYS A 1 57 ? 8.173   -11.073 18.181  1.00 32.09 ? 57  LYS A CD  1 
ATOM   438  C CE  . LYS A 1 57 ? 8.452   -10.505 19.554  1.00 31.57 ? 57  LYS A CE  1 
ATOM   439  N NZ  . LYS A 1 57 ? 7.949   -11.431 20.598  1.00 31.86 ? 57  LYS A NZ  1 
ATOM   440  N N   . GLN A 1 58 ? 10.229  -11.339 12.784  1.00 29.41 ? 58  GLN A N   1 
ATOM   441  C CA  . GLN A 1 58 ? 10.134  -11.955 11.475  1.00 29.54 ? 58  GLN A CA  1 
ATOM   442  C C   . GLN A 1 58 ? 10.002  -13.470 11.495  1.00 31.08 ? 58  GLN A C   1 
ATOM   443  O O   . GLN A 1 58 ? 10.981  -14.186 11.725  1.00 31.49 ? 58  GLN A O   1 
ATOM   444  C CB  . GLN A 1 58 ? 11.346  -11.599 10.631  1.00 28.85 ? 58  GLN A CB  1 
ATOM   445  C CG  . GLN A 1 58 ? 11.212  -12.140 9.234   1.00 31.03 ? 58  GLN A CG  1 
ATOM   446  C CD  . GLN A 1 58 ? 12.483  -12.056 8.457   1.00 31.63 ? 58  GLN A CD  1 
ATOM   447  O OE1 . GLN A 1 58 ? 13.165  -11.035 8.478   1.00 36.77 ? 58  GLN A OE1 1 
ATOM   448  N NE2 . GLN A 1 58 ? 12.814  -13.125 7.748   1.00 32.58 ? 58  GLN A NE2 1 
ATOM   449  N N   . TYR A 1 59 ? 8.793   -13.955 11.233  1.00 30.72 ? 59  TYR A N   1 
ATOM   450  C CA  . TYR A 1 59 ? 8.530   -15.387 11.189  1.00 30.47 ? 59  TYR A CA  1 
ATOM   451  C C   . TYR A 1 59 ? 8.528   -15.861 9.737   1.00 30.02 ? 59  TYR A C   1 
ATOM   452  O O   . TYR A 1 59 ? 7.958   -15.206 8.858   1.00 29.23 ? 59  TYR A O   1 
ATOM   453  C CB  . TYR A 1 59 ? 7.177   -15.708 11.827  1.00 30.88 ? 59  TYR A CB  1 
ATOM   454  C CG  . TYR A 1 59 ? 7.072   -15.397 13.304  1.00 31.06 ? 59  TYR A CG  1 
ATOM   455  C CD1 . TYR A 1 59 ? 6.823   -14.105 13.750  1.00 29.64 ? 59  TYR A CD1 1 
ATOM   456  C CD2 . TYR A 1 59 ? 7.191   -16.412 14.257  1.00 30.93 ? 59  TYR A CD2 1 
ATOM   457  C CE1 . TYR A 1 59 ? 6.688   -13.828 15.107  1.00 31.75 ? 59  TYR A CE1 1 
ATOM   458  C CE2 . TYR A 1 59 ? 7.062   -16.146 15.617  1.00 30.27 ? 59  TYR A CE2 1 
ATOM   459  C CZ  . TYR A 1 59 ? 6.808   -14.854 16.036  1.00 31.98 ? 59  TYR A CZ  1 
ATOM   460  O OH  . TYR A 1 59 ? 6.661   -14.580 17.380  1.00 34.27 ? 59  TYR A OH  1 
ATOM   461  N N   . ASP A 1 60 ? 9.160   -17.003 9.488   1.00 29.72 ? 60  ASP A N   1 
ATOM   462  C CA  . ASP A 1 60 ? 9.234   -17.558 8.140   1.00 31.75 ? 60  ASP A CA  1 
ATOM   463  C C   . ASP A 1 60 ? 8.334   -18.765 7.942   1.00 31.50 ? 60  ASP A C   1 
ATOM   464  O O   . ASP A 1 60 ? 7.924   -19.417 8.906   1.00 32.48 ? 60  ASP A O   1 
ATOM   465  C CB  . ASP A 1 60 ? 10.671  -17.950 7.804   1.00 34.82 ? 60  ASP A CB  1 
ATOM   466  C CG  . ASP A 1 60 ? 11.608  -16.762 7.806   1.00 38.95 ? 60  ASP A CG  1 
ATOM   467  O OD1 . ASP A 1 60 ? 12.804  -16.949 7.487   1.00 41.03 ? 60  ASP A OD1 1 
ATOM   468  O OD2 . ASP A 1 60 ? 11.147  -15.641 8.129   1.00 38.86 ? 60  ASP A OD2 1 
ATOM   469  N N   . GLN A 1 61 ? 8.044   -19.069 6.684   1.00 30.43 ? 61  GLN A N   1 
ATOM   470  C CA  . GLN A 1 61 ? 7.179   -20.191 6.350   1.00 29.97 ? 61  GLN A CA  1 
ATOM   471  C C   . GLN A 1 61 ? 5.959   -20.268 7.273   1.00 29.39 ? 61  GLN A C   1 
ATOM   472  O O   . GLN A 1 61 ? 5.824   -21.194 8.076   1.00 28.80 ? 61  GLN A O   1 
ATOM   473  C CB  . GLN A 1 61 ? 7.964   -21.507 6.394   1.00 31.44 ? 61  GLN A CB  1 
ATOM   474  C CG  . GLN A 1 61 ? 7.098   -22.746 6.198   1.00 35.13 ? 61  GLN A CG  1 
ATOM   475  C CD  . GLN A 1 61 ? 7.572   -23.637 5.065   1.00 36.95 ? 61  GLN A CD  1 
ATOM   476  O OE1 . GLN A 1 61 ? 7.575   -23.232 3.900   1.00 39.58 ? 61  GLN A OE1 1 
ATOM   477  N NE2 . GLN A 1 61 ? 7.976   -24.859 5.402   1.00 38.05 ? 61  GLN A NE2 1 
ATOM   478  N N   . ILE A 1 62 ? 5.091   -19.264 7.177   1.00 27.82 ? 62  ILE A N   1 
ATOM   479  C CA  . ILE A 1 62 ? 3.861   -19.231 7.956   1.00 25.56 ? 62  ILE A CA  1 
ATOM   480  C C   . ILE A 1 62 ? 2.716   -19.445 6.978   1.00 24.41 ? 62  ILE A C   1 
ATOM   481  O O   . ILE A 1 62 ? 2.640   -18.778 5.943   1.00 23.26 ? 62  ILE A O   1 
ATOM   482  C CB  . ILE A 1 62 ? 3.644   -17.876 8.668   1.00 26.26 ? 62  ILE A CB  1 
ATOM   483  C CG1 . ILE A 1 62 ? 4.295   -17.884 10.051  1.00 27.82 ? 62  ILE A CG1 1 
ATOM   484  C CG2 . ILE A 1 62 ? 2.156   -17.614 8.844   1.00 25.82 ? 62  ILE A CG2 1 
ATOM   485  C CD1 . ILE A 1 62 ? 5.763   -18.160 10.041  1.00 30.02 ? 62  ILE A CD1 1 
ATOM   486  N N   . LEU A 1 63 ? 1.838   -20.390 7.294   1.00 22.69 ? 63  LEU A N   1 
ATOM   487  C CA  . LEU A 1 63 ? 0.696   -20.656 6.437   1.00 20.81 ? 63  LEU A CA  1 
ATOM   488  C C   . LEU A 1 63 ? -0.288  -19.525 6.638   1.00 20.15 ? 63  LEU A C   1 
ATOM   489  O O   . LEU A 1 63 ? -0.535  -19.081 7.761   1.00 21.77 ? 63  LEU A O   1 
ATOM   490  C CB  . LEU A 1 63 ? 0.028   -21.983 6.793   1.00 20.65 ? 63  LEU A CB  1 
ATOM   491  C CG  . LEU A 1 63 ? -1.310  -22.244 6.089   1.00 19.22 ? 63  LEU A CG  1 
ATOM   492  C CD1 . LEU A 1 63 ? -1.142  -22.260 4.573   1.00 20.24 ? 63  LEU A CD1 1 
ATOM   493  C CD2 . LEU A 1 63 ? -1.856  -23.566 6.563   1.00 20.04 ? 63  LEU A CD2 1 
ATOM   494  N N   . ILE A 1 64 ? -0.854  -19.062 5.539   1.00 18.01 ? 64  ILE A N   1 
ATOM   495  C CA  . ILE A 1 64 ? -1.794  -17.971 5.595   1.00 19.51 ? 64  ILE A CA  1 
ATOM   496  C C   . ILE A 1 64 ? -2.948  -18.276 4.639   1.00 19.99 ? 64  ILE A C   1 
ATOM   497  O O   . ILE A 1 64 ? -2.743  -18.832 3.566   1.00 19.41 ? 64  ILE A O   1 
ATOM   498  C CB  . ILE A 1 64 ? -1.062  -16.654 5.203   1.00 20.15 ? 64  ILE A CB  1 
ATOM   499  C CG1 . ILE A 1 64 ? -1.510  -15.513 6.107   1.00 21.44 ? 64  ILE A CG1 1 
ATOM   500  C CG2 . ILE A 1 64 ? -1.331  -16.302 3.746   1.00 20.00 ? 64  ILE A CG2 1 
ATOM   501  C CD1 . ILE A 1 64 ? -0.670  -14.274 5.968   1.00 23.92 ? 64  ILE A CD1 1 
ATOM   502  N N   . GLU A 1 65 ? -4.169  -17.964 5.043   1.00 23.04 ? 65  GLU A N   1 
ATOM   503  C CA  . GLU A 1 65 ? -5.307  -18.190 4.164   1.00 27.88 ? 65  GLU A CA  1 
ATOM   504  C C   . GLU A 1 65 ? -6.055  -16.883 3.999   1.00 30.22 ? 65  GLU A C   1 
ATOM   505  O O   . GLU A 1 65 ? -6.621  -16.364 4.959   1.00 28.39 ? 65  GLU A O   1 
ATOM   506  C CB  . GLU A 1 65 ? -6.253  -19.245 4.727   1.00 28.57 ? 65  GLU A CB  1 
ATOM   507  C CG  . GLU A 1 65 ? -5.688  -20.635 4.728   1.00 32.11 ? 65  GLU A CG  1 
ATOM   508  C CD  . GLU A 1 65 ? -6.777  -21.687 4.785   1.00 37.25 ? 65  GLU A CD  1 
ATOM   509  O OE1 . GLU A 1 65 ? -7.553  -21.788 3.805   1.00 39.59 ? 65  GLU A OE1 1 
ATOM   510  O OE2 . GLU A 1 65 ? -6.864  -22.407 5.807   1.00 37.42 ? 65  GLU A OE2 1 
ATOM   511  N N   . ILE A 1 66 ? -6.018  -16.346 2.782   1.00 33.66 ? 66  ILE A N   1 
ATOM   512  C CA  . ILE A 1 66 ? -6.680  -15.088 2.447   1.00 36.65 ? 66  ILE A CA  1 
ATOM   513  C C   . ILE A 1 66 ? -7.845  -15.486 1.567   1.00 38.46 ? 66  ILE A C   1 
ATOM   514  O O   . ILE A 1 66 ? -7.653  -15.963 0.443   1.00 38.21 ? 66  ILE A O   1 
ATOM   515  C CB  . ILE A 1 66 ? -5.744  -14.135 1.645   1.00 37.79 ? 66  ILE A CB  1 
ATOM   516  C CG1 . ILE A 1 66 ? -4.356  -14.047 2.298   1.00 39.38 ? 66  ILE A CG1 1 
ATOM   517  C CG2 . ILE A 1 66 ? -6.357  -12.748 1.573   1.00 37.67 ? 66  ILE A CG2 1 
ATOM   518  C CD1 . ILE A 1 66 ? -3.309  -13.334 1.426   1.00 39.46 ? 66  ILE A CD1 1 
ATOM   519  N N   . CYS A 1 67 ? -9.050  -15.283 2.087   1.00 42.13 ? 67  CYS A N   1 
ATOM   520  C CA  . CYS A 1 67 ? -10.277 -15.669 1.396   1.00 44.09 ? 67  CYS A CA  1 
ATOM   521  C C   . CYS A 1 67 ? -10.200 -17.197 1.236   1.00 43.86 ? 67  CYS A C   1 
ATOM   522  O O   . CYS A 1 67 ? -9.938  -17.908 2.214   1.00 43.87 ? 67  CYS A O   1 
ATOM   523  C CB  . CYS A 1 67 ? -10.422 -14.952 0.037   1.00 45.82 ? 67  CYS A CB  1 
ATOM   524  S SG  . CYS A 1 67 ? -12.167 -14.676 -0.547  1.00 47.84 ? 67  CYS A SG  1 
ATOM   525  N N   . GLY A 1 68 ? -10.389 -17.723 0.034   1.00 43.59 ? 68  GLY A N   1 
ATOM   526  C CA  . GLY A 1 68 ? -10.345 -19.165 -0.085  1.00 41.99 ? 68  GLY A CA  1 
ATOM   527  C C   . GLY A 1 68 ? -8.964  -19.717 -0.372  1.00 41.11 ? 68  GLY A C   1 
ATOM   528  O O   . GLY A 1 68 ? -8.760  -20.937 -0.387  1.00 42.30 ? 68  GLY A O   1 
ATOM   529  N N   . LYS A 1 69 ? -7.998  -18.825 -0.575  1.00 38.24 ? 69  LYS A N   1 
ATOM   530  C CA  . LYS A 1 69 ? -6.630  -19.244 -0.920  1.00 34.75 ? 69  LYS A CA  1 
ATOM   531  C C   . LYS A 1 69 ? -5.478  -19.298 0.110   1.00 32.48 ? 69  LYS A C   1 
ATOM   532  O O   . LYS A 1 69 ? -5.276  -18.376 0.915   1.00 32.18 ? 69  LYS A O   1 
ATOM   533  C CB  . LYS A 1 69 ? -6.182  -18.409 -2.111  1.00 34.22 ? 69  LYS A CB  1 
ATOM   534  C CG  . LYS A 1 69 ? -7.268  -18.324 -3.129  1.00 35.86 ? 69  LYS A CG  1 
ATOM   535  C CD  . LYS A 1 69 ? -6.755  -17.850 -4.453  1.00 37.74 ? 69  LYS A CD  1 
ATOM   536  C CE  . LYS A 1 69 ? -7.737  -18.186 -5.571  1.00 40.04 ? 69  LYS A CE  1 
ATOM   537  N NZ  . LYS A 1 69 ? -7.191  -17.838 -6.923  1.00 42.84 ? 69  LYS A NZ  1 
ATOM   538  N N   . LYS A 1 70 ? -4.686  -20.371 0.025   1.00 29.16 ? 70  LYS A N   1 
ATOM   539  C CA  . LYS A 1 70 ? -3.540  -20.579 0.918   1.00 25.20 ? 70  LYS A CA  1 
ATOM   540  C C   . LYS A 1 70 ? -2.205  -20.054 0.364   1.00 23.71 ? 70  LYS A C   1 
ATOM   541  O O   . LYS A 1 70 ? -1.947  -20.094 -0.838  1.00 24.13 ? 70  LYS A O   1 
ATOM   542  C CB  . LYS A 1 70 ? -3.378  -22.069 1.245   1.00 25.14 ? 70  LYS A CB  1 
ATOM   543  C CG  . LYS A 1 70 ? -4.616  -22.722 1.829   1.00 24.99 ? 70  LYS A CG  1 
ATOM   544  C CD  . LYS A 1 70 ? -4.338  -24.162 2.263   1.00 25.89 ? 70  LYS A CD  1 
ATOM   545  C CE  . LYS A 1 70 ? -5.507  -25.097 1.934   1.00 26.82 ? 70  LYS A CE  1 
ATOM   546  N NZ  . LYS A 1 70 ? -6.797  -24.562 2.446   1.00 28.70 ? 70  LYS A NZ  1 
ATOM   547  N N   . ALA A 1 71 ? -1.362  -19.564 1.261   1.00 21.81 ? 71  ALA A N   1 
ATOM   548  C CA  . ALA A 1 71 ? -0.050  -19.051 0.902   1.00 22.29 ? 71  ALA A CA  1 
ATOM   549  C C   . ALA A 1 71 ? 0.891   -19.282 2.086   1.00 22.92 ? 71  ALA A C   1 
ATOM   550  O O   . ALA A 1 71 ? 0.469   -19.253 3.246   1.00 23.70 ? 71  ALA A O   1 
ATOM   551  C CB  . ALA A 1 71 ? -0.138  -17.564 0.578   1.00 20.37 ? 71  ALA A CB  1 
ATOM   552  N N   . ILE A 1 72 ? 2.161   -19.540 1.796   1.00 22.23 ? 72  ILE A N   1 
ATOM   553  C CA  . ILE A 1 72 ? 3.143   -19.753 2.851   1.00 22.00 ? 72  ILE A CA  1 
ATOM   554  C C   . ILE A 1 72 ? 4.260   -18.747 2.638   1.00 22.97 ? 72  ILE A C   1 
ATOM   555  O O   . ILE A 1 72 ? 4.663   -18.496 1.505   1.00 22.63 ? 72  ILE A O   1 
ATOM   556  C CB  . ILE A 1 72 ? 3.746   -21.176 2.812   1.00 21.19 ? 72  ILE A CB  1 
ATOM   557  C CG1 . ILE A 1 72 ? 2.711   -22.199 3.258   1.00 23.14 ? 72  ILE A CG1 1 
ATOM   558  C CG2 . ILE A 1 72 ? 4.929   -21.271 3.750   1.00 19.15 ? 72  ILE A CG2 1 
ATOM   559  C CD1 . ILE A 1 72 ? 3.283   -23.612 3.373   1.00 25.08 ? 72  ILE A CD1 1 
ATOM   560  N N   . GLY A 1 73 ? 4.754   -18.163 3.721   1.00 22.12 ? 73  GLY A N   1 
ATOM   561  C CA  . GLY A 1 73 ? 5.821   -17.202 3.576   1.00 22.60 ? 73  GLY A CA  1 
ATOM   562  C C   . GLY A 1 73 ? 6.125   -16.468 4.854   1.00 23.78 ? 73  GLY A C   1 
ATOM   563  O O   . GLY A 1 73 ? 5.612   -16.802 5.924   1.00 23.56 ? 73  GLY A O   1 
ATOM   564  N N   . THR A 1 74 ? 6.972   -15.454 4.721   1.00 24.53 ? 74  THR A N   1 
ATOM   565  C CA  . THR A 1 74 ? 7.399   -14.616 5.830   1.00 23.78 ? 74  THR A CA  1 
ATOM   566  C C   . THR A 1 74 ? 6.301   -13.645 6.228   1.00 23.38 ? 74  THR A C   1 
ATOM   567  O O   . THR A 1 74 ? 5.657   -13.032 5.375   1.00 22.73 ? 74  THR A O   1 
ATOM   568  C CB  . THR A 1 74 ? 8.661   -13.797 5.444   1.00 25.12 ? 74  THR A CB  1 
ATOM   569  O OG1 . THR A 1 74 ? 9.731   -14.696 5.118   1.00 25.97 ? 74  THR A OG1 1 
ATOM   570  C CG2 . THR A 1 74 ? 9.091   -12.875 6.586   1.00 24.26 ? 74  THR A CG2 1 
ATOM   571  N N   . VAL A 1 75 ? 6.099   -13.516 7.532   1.00 22.27 ? 75  VAL A N   1 
ATOM   572  C CA  . VAL A 1 75 ? 5.115   -12.605 8.082   1.00 22.38 ? 75  VAL A CA  1 
ATOM   573  C C   . VAL A 1 75 ? 5.846   -11.777 9.126   1.00 23.99 ? 75  VAL A C   1 
ATOM   574  O O   . VAL A 1 75 ? 6.724   -12.287 9.821   1.00 26.69 ? 75  VAL A O   1 
ATOM   575  C CB  . VAL A 1 75 ? 3.959   -13.362 8.769   1.00 20.94 ? 75  VAL A CB  1 
ATOM   576  C CG1 . VAL A 1 75 ? 3.159   -12.414 9.629   1.00 21.52 ? 75  VAL A CG1 1 
ATOM   577  C CG2 . VAL A 1 75 ? 3.054   -13.990 7.722   1.00 22.05 ? 75  VAL A CG2 1 
ATOM   578  N N   . LEU A 1 76 ? 5.496   -10.501 9.226   1.00 23.90 ? 76  LEU A N   1 
ATOM   579  C CA  . LEU A 1 76 ? 6.110   -9.613  10.199  1.00 24.20 ? 76  LEU A CA  1 
ATOM   580  C C   . LEU A 1 76 ? 5.048   -9.170  11.194  1.00 24.91 ? 76  LEU A C   1 
ATOM   581  O O   . LEU A 1 76 ? 3.963   -8.753  10.799  1.00 26.57 ? 76  LEU A O   1 
ATOM   582  C CB  . LEU A 1 76 ? 6.714   -8.389  9.503   1.00 23.21 ? 76  LEU A CB  1 
ATOM   583  C CG  . LEU A 1 76 ? 7.975   -8.617  8.664   1.00 24.19 ? 76  LEU A CG  1 
ATOM   584  C CD1 . LEU A 1 76 ? 7.724   -9.690  7.629   1.00 24.74 ? 76  LEU A CD1 1 
ATOM   585  C CD2 . LEU A 1 76 ? 8.378   -7.314  7.981   1.00 23.42 ? 76  LEU A CD2 1 
ATOM   586  N N   . VAL A 1 77 ? 5.353   -9.273  12.484  1.00 24.31 ? 77  VAL A N   1 
ATOM   587  C CA  . VAL A 1 77 ? 4.407   -8.868  13.515  1.00 26.18 ? 77  VAL A CA  1 
ATOM   588  C C   . VAL A 1 77 ? 4.990   -7.679  14.261  1.00 29.03 ? 77  VAL A C   1 
ATOM   589  O O   . VAL A 1 77 ? 6.069   -7.765  14.850  1.00 31.12 ? 77  VAL A O   1 
ATOM   590  C CB  . VAL A 1 77 ? 4.132   -10.017 14.512  1.00 25.90 ? 77  VAL A CB  1 
ATOM   591  C CG1 . VAL A 1 77 ? 3.135   -9.560  15.568  1.00 24.38 ? 77  VAL A CG1 1 
ATOM   592  C CG2 . VAL A 1 77 ? 3.597   -11.233 13.765  1.00 25.55 ? 77  VAL A CG2 1 
ATOM   593  N N   . GLY A 1 78 ? 4.277   -6.563  14.229  1.00 30.71 ? 78  GLY A N   1 
ATOM   594  C CA  . GLY A 1 78 ? 4.775   -5.382  14.892  1.00 33.66 ? 78  GLY A CA  1 
ATOM   595  C C   . GLY A 1 78 ? 3.703   -4.383  15.254  1.00 36.27 ? 78  GLY A C   1 
ATOM   596  O O   . GLY A 1 78 ? 2.511   -4.661  15.136  1.00 37.49 ? 78  GLY A O   1 
ATOM   597  N N   . PRO A 1 79 ? 4.113   -3.183  15.682  1.00 38.35 ? 79  PRO A N   1 
ATOM   598  C CA  . PRO A 1 79 ? 3.235   -2.076  16.090  1.00 39.80 ? 79  PRO A CA  1 
ATOM   599  C C   . PRO A 1 79 ? 2.361   -1.462  14.996  1.00 40.81 ? 79  PRO A C   1 
ATOM   600  O O   . PRO A 1 79 ? 1.785   -0.401  15.201  1.00 42.24 ? 79  PRO A O   1 
ATOM   601  C CB  . PRO A 1 79 ? 4.217   -1.062  16.639  1.00 39.74 ? 79  PRO A CB  1 
ATOM   602  C CG  . PRO A 1 79 ? 5.410   -1.251  15.724  1.00 39.37 ? 79  PRO A CG  1 
ATOM   603  C CD  . PRO A 1 79 ? 5.529   -2.759  15.680  1.00 38.49 ? 79  PRO A CD  1 
ATOM   604  N N   . THR A 1 80 ? 2.247   -2.132  13.852  1.00 39.87 ? 80  THR A N   1 
ATOM   605  C CA  . THR A 1 80 ? 1.453   -1.587  12.762  1.00 39.44 ? 80  THR A CA  1 
ATOM   606  C C   . THR A 1 80 ? 0.053   -1.086  13.116  1.00 38.96 ? 80  THR A C   1 
ATOM   607  O O   . THR A 1 80 ? -0.592  -1.552  14.068  1.00 39.94 ? 80  THR A O   1 
ATOM   608  C CB  . THR A 1 80 ? 1.305   -2.569  11.582  1.00 39.06 ? 80  THR A CB  1 
ATOM   609  O OG1 . THR A 1 80 ? 0.595   -1.911  10.526  1.00 40.29 ? 80  THR A OG1 1 
ATOM   610  C CG2 . THR A 1 80 ? 0.512   -3.804  11.971  1.00 37.73 ? 80  THR A CG2 1 
ATOM   611  N N   . SER A 1 81 ? -0.403  -0.118  12.331  1.00 39.02 ? 81  SER A N   1 
ATOM   612  C CA  . SER A 1 81 ? -1.721  0.489   12.488  1.00 38.51 ? 81  SER A CA  1 
ATOM   613  C C   . SER A 1 81 ? -2.821  -0.367  11.805  1.00 38.10 ? 81  SER A C   1 
ATOM   614  O O   . SER A 1 81 ? -4.025  -0.186  12.042  1.00 37.53 ? 81  SER A O   1 
ATOM   615  C CB  . SER A 1 81 ? -1.668  1.908   11.898  1.00 39.62 ? 81  SER A CB  1 
ATOM   616  O OG  . SER A 1 81 ? -0.704  1.973   10.857  1.00 39.50 ? 81  SER A OG  1 
ATOM   617  N N   . VAL A 1 82 ? -2.400  -1.304  10.958  1.00 35.62 ? 82  VAL A N   1 
ATOM   618  C CA  . VAL A 1 82 ? -3.338  -2.178  10.251  1.00 32.65 ? 82  VAL A CA  1 
ATOM   619  C C   . VAL A 1 82 ? -2.625  -3.423  9.744   1.00 28.66 ? 82  VAL A C   1 
ATOM   620  O O   . VAL A 1 82 ? -1.444  -3.372  9.414   1.00 27.22 ? 82  VAL A O   1 
ATOM   621  C CB  . VAL A 1 82 ? -3.966  -1.451  9.034   1.00 35.44 ? 82  VAL A CB  1 
ATOM   622  C CG1 . VAL A 1 82 ? -2.869  -0.876  8.164   1.00 36.05 ? 82  VAL A CG1 1 
ATOM   623  C CG2 . VAL A 1 82 ? -4.830  -2.417  8.218   1.00 34.92 ? 82  VAL A CG2 1 
ATOM   624  N N   . ASN A 1 83 ? -3.333  -4.545  9.707   1.00 24.81 ? 83  ASN A N   1 
ATOM   625  C CA  . ASN A 1 83 ? -2.736  -5.768  9.202   1.00 21.60 ? 83  ASN A CA  1 
ATOM   626  C C   . ASN A 1 83 ? -2.611  -5.551  7.701   1.00 20.14 ? 83  ASN A C   1 
ATOM   627  O O   . ASN A 1 83 ? -3.553  -5.095  7.044   1.00 19.33 ? 83  ASN A O   1 
ATOM   628  C CB  . ASN A 1 83 ? -3.621  -6.971  9.513   1.00 20.81 ? 83  ASN A CB  1 
ATOM   629  C CG  . ASN A 1 83 ? -3.798  -7.183  11.000  1.00 21.60 ? 83  ASN A CG  1 
ATOM   630  O OD1 . ASN A 1 83 ? -2.826  -7.384  11.729  1.00 21.98 ? 83  ASN A OD1 1 
ATOM   631  N ND2 . ASN A 1 83 ? -5.040  -7.137  11.462  1.00 21.32 ? 83  ASN A ND2 1 
ATOM   632  N N   . ILE A 1 84 ? -1.436  -5.870  7.174   1.00 17.38 ? 84  ILE A N   1 
ATOM   633  C CA  . ILE A 1 84 ? -1.132  -5.675  5.767   1.00 16.58 ? 84  ILE A CA  1 
ATOM   634  C C   . ILE A 1 84 ? -0.697  -6.952  5.064   1.00 15.15 ? 84  ILE A C   1 
ATOM   635  O O   . ILE A 1 84 ? 0.173   -7.666  5.557   1.00 15.34 ? 84  ILE A O   1 
ATOM   636  C CB  . ILE A 1 84 ? 0.012   -4.634  5.619   1.00 17.14 ? 84  ILE A CB  1 
ATOM   637  C CG1 . ILE A 1 84 ? -0.539  -3.229  5.856   1.00 20.06 ? 84  ILE A CG1 1 
ATOM   638  C CG2 . ILE A 1 84 ? 0.681   -4.752  4.260   1.00 18.04 ? 84  ILE A CG2 1 
ATOM   639  C CD1 . ILE A 1 84 ? 0.548   -2.195  6.050   1.00 21.42 ? 84  ILE A CD1 1 
ATOM   640  N N   . ILE A 1 85 ? -1.305  -7.238  3.914   1.00 13.65 ? 85  ILE A N   1 
ATOM   641  C CA  . ILE A 1 85 ? -0.910  -8.404  3.126   1.00 12.55 ? 85  ILE A CA  1 
ATOM   642  C C   . ILE A 1 85 ? -0.113  -7.833  1.959   1.00 12.01 ? 85  ILE A C   1 
ATOM   643  O O   . ILE A 1 85 ? -0.693  -7.264  1.036   1.00 10.70 ? 85  ILE A O   1 
ATOM   644  C CB  . ILE A 1 85 ? -2.115  -9.165  2.571   1.00 14.15 ? 85  ILE A CB  1 
ATOM   645  C CG1 . ILE A 1 85 ? -3.050  -9.570  3.714   1.00 14.34 ? 85  ILE A CG1 1 
ATOM   646  C CG2 . ILE A 1 85 ? -1.626  -10.382 1.796   1.00 14.86 ? 85  ILE A CG2 1 
ATOM   647  C CD1 . ILE A 1 85 ? -2.361  -10.308 4.852   1.00 15.17 ? 85  ILE A CD1 1 
ATOM   648  N N   . GLY A 1 86 ? 1.211   -7.971  2.023   1.00 10.56 ? 86  GLY A N   1 
ATOM   649  C CA  . GLY A 1 86 ? 2.081   -7.431  0.993   1.00 8.39  ? 86  GLY A CA  1 
ATOM   650  C C   . GLY A 1 86 ? 2.338   -8.339  -0.192  1.00 10.22 ? 86  GLY A C   1 
ATOM   651  O O   . GLY A 1 86 ? 1.848   -9.467  -0.262  1.00 10.07 ? 86  GLY A O   1 
ATOM   652  N N   . ARG A 1 87 ? 3.134   -7.849  -1.131  1.00 9.96  ? 87  ARG A N   1 
ATOM   653  C CA  . ARG A 1 87 ? 3.418   -8.614  -2.331  1.00 11.73 ? 87  ARG A CA  1 
ATOM   654  C C   . ARG A 1 87 ? 3.984   -10.010 -2.090  1.00 13.07 ? 87  ARG A C   1 
ATOM   655  O O   . ARG A 1 87 ? 3.730   -10.922 -2.885  1.00 14.01 ? 87  ARG A O   1 
ATOM   656  C CB  . ARG A 1 87 ? 4.327   -7.801  -3.271  1.00 12.45 ? 87  ARG A CB  1 
ATOM   657  C CG  . ARG A 1 87 ? 3.604   -6.596  -3.903  1.00 12.69 ? 87  ARG A CG  1 
ATOM   658  C CD  . ARG A 1 87 ? 4.445   -5.864  -4.963  1.00 12.22 ? 87  ARG A CD  1 
ATOM   659  N NE  . ARG A 1 87 ? 5.732   -5.421  -4.431  1.00 11.62 ? 87  ARG A NE  1 
ATOM   660  C CZ  . ARG A 1 87 ? 6.879   -6.048  -4.660  1.00 12.46 ? 87  ARG A CZ  1 
ATOM   661  N NH1 . ARG A 1 87 ? 6.906   -7.137  -5.420  1.00 12.46 ? 87  ARG A NH1 1 
ATOM   662  N NH2 . ARG A 1 87 ? 7.993   -5.607  -4.110  1.00 10.02 ? 87  ARG A NH2 1 
ATOM   663  N N   . ASN A 1 88 ? 4.719   -10.211 -0.999  1.00 14.74 ? 88  ASN A N   1 
ATOM   664  C CA  . ASN A 1 88 ? 5.279   -11.544 -0.746  1.00 16.06 ? 88  ASN A CA  1 
ATOM   665  C C   . ASN A 1 88 ? 4.198   -12.609 -0.623  1.00 17.40 ? 88  ASN A C   1 
ATOM   666  O O   . ASN A 1 88 ? 4.458   -13.782 -0.863  1.00 18.28 ? 88  ASN A O   1 
ATOM   667  C CB  . ASN A 1 88 ? 6.177   -11.551 0.503   1.00 15.45 ? 88  ASN A CB  1 
ATOM   668  C CG  . ASN A 1 88 ? 5.412   -11.328 1.788   1.00 14.74 ? 88  ASN A CG  1 
ATOM   669  O OD1 . ASN A 1 88 ? 4.825   -10.268 2.000   1.00 14.85 ? 88  ASN A OD1 1 
ATOM   670  N ND2 . ASN A 1 88 ? 5.428   -12.325 2.666   1.00 13.44 ? 88  ASN A ND2 1 
ATOM   671  N N   . MET A 1 89 ? 2.986   -12.193 -0.263  1.00 18.14 ? 89  MET A N   1 
ATOM   672  C CA  . MET A 1 89 ? 1.850   -13.109 -0.134  1.00 18.31 ? 89  MET A CA  1 
ATOM   673  C C   . MET A 1 89 ? 0.887   -12.964 -1.312  1.00 19.48 ? 89  MET A C   1 
ATOM   674  O O   . MET A 1 89 ? 0.370   -13.956 -1.827  1.00 20.35 ? 89  MET A O   1 
ATOM   675  C CB  . MET A 1 89 ? 1.080   -12.837 1.161   1.00 18.80 ? 89  MET A CB  1 
ATOM   676  C CG  . MET A 1 89 ? 1.862   -13.141 2.426   1.00 20.84 ? 89  MET A CG  1 
ATOM   677  S SD  . MET A 1 89 ? 2.175   -14.909 2.643   1.00 23.70 ? 89  MET A SD  1 
ATOM   678  C CE  . MET A 1 89 ? 2.443   -14.962 4.388   1.00 25.94 ? 89  MET A CE  1 
ATOM   679  N N   . LEU A 1 90 ? 0.642   -11.722 -1.730  1.00 19.18 ? 90  LEU A N   1 
ATOM   680  C CA  . LEU A 1 90 ? -0.276  -11.452 -2.828  1.00 19.85 ? 90  LEU A CA  1 
ATOM   681  C C   . LEU A 1 90 ? 0.053   -12.221 -4.101  1.00 20.71 ? 90  LEU A C   1 
ATOM   682  O O   . LEU A 1 90 ? -0.838  -12.759 -4.752  1.00 21.82 ? 90  LEU A O   1 
ATOM   683  C CB  . LEU A 1 90 ? -0.328  -9.948  -3.111  1.00 19.76 ? 90  LEU A CB  1 
ATOM   684  C CG  . LEU A 1 90 ? -0.937  -9.135  -1.961  1.00 18.56 ? 90  LEU A CG  1 
ATOM   685  C CD1 . LEU A 1 90 ? -0.915  -7.659  -2.315  1.00 17.68 ? 90  LEU A CD1 1 
ATOM   686  C CD2 . LEU A 1 90 ? -2.369  -9.610  -1.699  1.00 17.64 ? 90  LEU A CD2 1 
ATOM   687  N N   . THR A 1 91 ? 1.326   -12.288 -4.455  1.00 21.59 ? 91  THR A N   1 
ATOM   688  C CA  . THR A 1 91 ? 1.704   -13.017 -5.654  1.00 21.92 ? 91  THR A CA  1 
ATOM   689  C C   . THR A 1 91 ? 1.191   -14.451 -5.577  1.00 23.62 ? 91  THR A C   1 
ATOM   690  O O   . THR A 1 91 ? 0.707   -14.999 -6.570  1.00 22.74 ? 91  THR A O   1 
ATOM   691  C CB  . THR A 1 91 ? 3.226   -13.039 -5.825  1.00 21.33 ? 91  THR A CB  1 
ATOM   692  O OG1 . THR A 1 91 ? 3.842   -13.551 -4.633  1.00 20.13 ? 91  THR A OG1 1 
ATOM   693  C CG2 . THR A 1 91 ? 3.735   -11.633 -6.100  1.00 21.05 ? 91  THR A CG2 1 
ATOM   694  N N   . GLN A 1 92 ? 1.273   -15.036 -4.380  1.00 24.57 ? 92  GLN A N   1 
ATOM   695  C CA  . GLN A 1 92 ? 0.849   -16.420 -4.137  1.00 25.16 ? 92  GLN A CA  1 
ATOM   696  C C   . GLN A 1 92 ? -0.632  -16.756 -4.298  1.00 25.63 ? 92  GLN A C   1 
ATOM   697  O O   . GLN A 1 92 ? -0.986  -17.931 -4.441  1.00 26.28 ? 92  GLN A O   1 
ATOM   698  C CB  . GLN A 1 92 ? 1.286   -16.861 -2.747  1.00 25.93 ? 92  GLN A CB  1 
ATOM   699  C CG  . GLN A 1 92 ? 2.773   -16.888 -2.555  1.00 26.49 ? 92  GLN A CG  1 
ATOM   700  C CD  . GLN A 1 92 ? 3.124   -17.506 -1.231  1.00 30.33 ? 92  GLN A CD  1 
ATOM   701  O OE1 . GLN A 1 92 ? 2.874   -18.695 -1.004  1.00 31.96 ? 92  GLN A OE1 1 
ATOM   702  N NE2 . GLN A 1 92 ? 3.691   -16.705 -0.334  1.00 31.84 ? 92  GLN A NE2 1 
ATOM   703  N N   . ILE A 1 93 ? -1.497  -15.750 -4.244  1.00 24.72 ? 93  ILE A N   1 
ATOM   704  C CA  . ILE A 1 93 ? -2.921  -15.982 -4.416  1.00 25.02 ? 93  ILE A CA  1 
ATOM   705  C C   . ILE A 1 93 ? -3.310  -15.445 -5.790  1.00 25.44 ? 93  ILE A C   1 
ATOM   706  O O   . ILE A 1 93 ? -4.484  -15.210 -6.078  1.00 27.35 ? 93  ILE A O   1 
ATOM   707  C CB  . ILE A 1 93 ? -3.763  -15.302 -3.293  1.00 24.81 ? 93  ILE A CB  1 
ATOM   708  C CG1 . ILE A 1 93 ? -3.475  -13.804 -3.223  1.00 24.87 ? 93  ILE A CG1 1 
ATOM   709  C CG2 . ILE A 1 93 ? -3.450  -15.951 -1.956  1.00 26.28 ? 93  ILE A CG2 1 
ATOM   710  C CD1 . ILE A 1 93 ? -4.155  -13.113 -2.054  1.00 23.71 ? 93  ILE A CD1 1 
ATOM   711  N N   . GLY A 1 94 ? -2.294  -15.263 -6.635  1.00 25.41 ? 94  GLY A N   1 
ATOM   712  C CA  . GLY A 1 94 ? -2.499  -14.774 -7.985  1.00 25.28 ? 94  GLY A CA  1 
ATOM   713  C C   . GLY A 1 94 ? -3.121  -13.396 -8.071  1.00 27.10 ? 94  GLY A C   1 
ATOM   714  O O   . GLY A 1 94 ? -3.716  -13.042 -9.089  1.00 27.20 ? 94  GLY A O   1 
ATOM   715  N N   . CYS A 1 95 ? -2.981  -12.607 -7.010  1.00 26.59 ? 95  CYS A N   1 
ATOM   716  C CA  . CYS A 1 95 ? -3.551  -11.267 -6.980  1.00 26.73 ? 95  CYS A CA  1 
ATOM   717  C C   . CYS A 1 95 ? -2.925  -10.351 -8.031  1.00 27.26 ? 95  CYS A C   1 
ATOM   718  O O   . CYS A 1 95 ? -1.697  -10.280 -8.152  1.00 27.30 ? 95  CYS A O   1 
ATOM   719  C CB  . CYS A 1 95 ? -3.372  -10.656 -5.593  1.00 27.62 ? 95  CYS A CB  1 
ATOM   720  S SG  . CYS A 1 95 ? -4.242  -9.086  -5.384  1.00 30.33 ? 95  CYS A SG  1 
ATOM   721  N N   . THR A 1 96 ? -3.773  -9.649  -8.785  1.00 27.18 ? 96  THR A N   1 
ATOM   722  C CA  . THR A 1 96 ? -3.309  -8.737  -9.828  1.00 26.62 ? 96  THR A CA  1 
ATOM   723  C C   . THR A 1 96 ? -4.047  -7.393  -9.832  1.00 26.20 ? 96  THR A C   1 
ATOM   724  O O   . THR A 1 96 ? -5.169  -7.283  -9.327  1.00 24.65 ? 96  THR A O   1 
ATOM   725  C CB  . THR A 1 96 ? -3.470  -9.374  -11.227 1.00 27.09 ? 96  THR A CB  1 
ATOM   726  O OG1 . THR A 1 96 ? -2.815  -8.556  -12.200 1.00 31.55 ? 96  THR A OG1 1 
ATOM   727  C CG2 . THR A 1 96 ? -4.944  -9.485  -11.603 1.00 25.91 ? 96  THR A CG2 1 
ATOM   728  N N   . LEU A 1 97 ? -3.397  -6.376  -10.393 1.00 25.56 ? 97  LEU A N   1 
ATOM   729  C CA  . LEU A 1 97 ? -3.982  -5.038  -10.519 1.00 26.87 ? 97  LEU A CA  1 
ATOM   730  C C   . LEU A 1 97 ? -4.487  -4.893  -11.945 1.00 27.55 ? 97  LEU A C   1 
ATOM   731  O O   . LEU A 1 97 ? -3.861  -5.377  -12.881 1.00 26.19 ? 97  LEU A O   1 
ATOM   732  C CB  . LEU A 1 97 ? -2.933  -3.952  -10.281 1.00 27.08 ? 97  LEU A CB  1 
ATOM   733  C CG  . LEU A 1 97 ? -2.663  -3.434  -8.875  1.00 28.41 ? 97  LEU A CG  1 
ATOM   734  C CD1 . LEU A 1 97 ? -1.490  -2.460  -8.935  1.00 27.02 ? 97  LEU A CD1 1 
ATOM   735  C CD2 . LEU A 1 97 ? -3.909  -2.750  -8.324  1.00 26.72 ? 97  LEU A CD2 1 
ATOM   736  N N   . ASN A 1 98 ? -5.611  -4.217  -12.116 1.00 30.73 ? 98  ASN A N   1 
ATOM   737  C CA  . ASN A 1 98 ? -6.157  -4.028  -13.448 1.00 35.16 ? 98  ASN A CA  1 
ATOM   738  C C   . ASN A 1 98 ? -6.723  -2.638  -13.633 1.00 36.43 ? 98  ASN A C   1 
ATOM   739  O O   . ASN A 1 98 ? -7.382  -2.112  -12.749 1.00 37.11 ? 98  ASN A O   1 
ATOM   740  C CB  . ASN A 1 98 ? -7.269  -5.038  -13.724 1.00 37.41 ? 98  ASN A CB  1 
ATOM   741  C CG  . ASN A 1 98 ? -6.906  -6.021  -14.819 1.00 40.06 ? 98  ASN A CG  1 
ATOM   742  O OD1 . ASN A 1 98 ? -6.501  -7.154  -14.545 1.00 42.07 ? 98  ASN A OD1 1 
ATOM   743  N ND2 . ASN A 1 98 ? -7.041  -5.587  -16.075 1.00 39.80 ? 98  ASN A ND2 1 
ATOM   744  N N   . PHE A 1 99 ? -6.454  -2.039  -14.784 1.00 38.60 ? 99  PHE A N   1 
ATOM   745  C CA  . PHE A 1 99 ? -6.994  -0.722  -15.080 1.00 41.83 ? 99  PHE A CA  1 
ATOM   746  C C   . PHE A 1 99 ? -6.902  -0.444  -16.580 1.00 44.06 ? 99  PHE A C   1 
ATOM   747  O O   . PHE A 1 99 ? -6.117  -1.142  -17.259 1.00 44.61 ? 99  PHE A O   1 
ATOM   748  C CB  . PHE A 1 99 ? -6.262  0.368   -14.279 1.00 40.97 ? 99  PHE A CB  1 
ATOM   749  C CG  . PHE A 1 99 ? -4.845  0.615   -14.718 1.00 41.47 ? 99  PHE A CG  1 
ATOM   750  C CD1 . PHE A 1 99 ? -3.827  -0.273  -14.382 1.00 41.15 ? 99  PHE A CD1 1 
ATOM   751  C CD2 . PHE A 1 99 ? -4.530  1.740   -15.477 1.00 41.61 ? 99  PHE A CD2 1 
ATOM   752  C CE1 . PHE A 1 99 ? -2.514  -0.040  -14.793 1.00 40.99 ? 99  PHE A CE1 1 
ATOM   753  C CE2 . PHE A 1 99 ? -3.225  1.983   -15.893 1.00 40.76 ? 99  PHE A CE2 1 
ATOM   754  C CZ  . PHE A 1 99 ? -2.214  1.090   -15.551 1.00 40.37 ? 99  PHE A CZ  1 
ATOM   755  O OXT . PHE A 1 99 ? -7.622  0.457   -17.062 1.00 46.73 ? 99  PHE A OXT 1 
ATOM   756  N N   . PRO B 1 1  ? -4.282  -1.733  -18.616 1.00 32.88 ? 1   PRO B N   1 
ATOM   757  C CA  . PRO B 1 1  ? -3.439  -2.948  -18.623 1.00 30.91 ? 1   PRO B CA  1 
ATOM   758  C C   . PRO B 1 1  ? -3.618  -3.758  -17.350 1.00 30.39 ? 1   PRO B C   1 
ATOM   759  O O   . PRO B 1 1  ? -4.173  -3.268  -16.358 1.00 28.65 ? 1   PRO B O   1 
ATOM   760  C CB  . PRO B 1 1  ? -2.001  -2.479  -18.736 1.00 33.19 ? 1   PRO B CB  1 
ATOM   761  C CG  . PRO B 1 1  ? -2.090  -1.092  -18.060 1.00 32.84 ? 1   PRO B CG  1 
ATOM   762  C CD  . PRO B 1 1  ? -3.431  -0.528  -18.554 1.00 33.34 ? 1   PRO B CD  1 
ATOM   763  N N   . GLN B 1 2  ? -3.157  -5.004  -17.392 1.00 28.79 ? 2   GLN B N   1 
ATOM   764  C CA  . GLN B 1 2  ? -3.212  -5.883  -16.233 1.00 28.12 ? 2   GLN B CA  1 
ATOM   765  C C   . GLN B 1 2  ? -1.773  -5.992  -15.729 1.00 26.99 ? 2   GLN B C   1 
ATOM   766  O O   . GLN B 1 2  ? -0.831  -6.087  -16.516 1.00 26.07 ? 2   GLN B O   1 
ATOM   767  C CB  . GLN B 1 2  ? -3.763  -7.259  -16.603 1.00 29.60 ? 2   GLN B CB  1 
ATOM   768  C CG  . GLN B 1 2  ? -3.892  -8.179  -15.400 1.00 33.93 ? 2   GLN B CG  1 
ATOM   769  C CD  . GLN B 1 2  ? -4.752  -9.399  -15.672 1.00 37.06 ? 2   GLN B CD  1 
ATOM   770  O OE1 . GLN B 1 2  ? -4.432  -10.221 -16.535 1.00 37.89 ? 2   GLN B OE1 1 
ATOM   771  N NE2 . GLN B 1 2  ? -5.853  -9.523  -14.931 1.00 37.31 ? 2   GLN B NE2 1 
ATOM   772  N N   . ILE B 1 3  ? -1.609  -5.977  -14.413 1.00 24.65 ? 3   ILE B N   1 
ATOM   773  C CA  . ILE B 1 3  ? -0.285  -6.013  -13.825 1.00 22.92 ? 3   ILE B CA  1 
ATOM   774  C C   . ILE B 1 3  ? -0.183  -7.041  -12.704 1.00 21.86 ? 3   ILE B C   1 
ATOM   775  O O   . ILE B 1 3  ? -1.041  -7.085  -11.823 1.00 21.45 ? 3   ILE B O   1 
ATOM   776  C CB  . ILE B 1 3  ? 0.039   -4.623  -13.261 1.00 23.18 ? 3   ILE B CB  1 
ATOM   777  C CG1 . ILE B 1 3  ? -0.076  -3.589  -14.378 1.00 25.20 ? 3   ILE B CG1 1 
ATOM   778  C CG2 . ILE B 1 3  ? 1.414   -4.603  -12.651 1.00 24.78 ? 3   ILE B CG2 1 
ATOM   779  C CD1 . ILE B 1 3  ? -0.119  -2.161  -13.892 1.00 26.47 ? 3   ILE B CD1 1 
ATOM   780  N N   . THR B 1 4  ? 0.860   -7.867  -12.737 1.00 19.64 ? 4   THR B N   1 
ATOM   781  C CA  . THR B 1 4  ? 1.059   -8.845  -11.679 1.00 16.48 ? 4   THR B CA  1 
ATOM   782  C C   . THR B 1 4  ? 1.853   -8.150  -10.573 1.00 15.07 ? 4   THR B C   1 
ATOM   783  O O   . THR B 1 4  ? 2.189   -6.973  -10.699 1.00 13.45 ? 4   THR B O   1 
ATOM   784  C CB  . THR B 1 4  ? 1.810   -10.084 -12.172 1.00 18.13 ? 4   THR B CB  1 
ATOM   785  O OG1 . THR B 1 4  ? 3.125   -9.719  -12.603 1.00 17.86 ? 4   THR B OG1 1 
ATOM   786  C CG2 . THR B 1 4  ? 1.045   -10.728 -13.307 1.00 16.32 ? 4   THR B CG2 1 
ATOM   787  N N   . LEU B 1 5  ? 2.166   -8.868  -9.502  1.00 11.17 ? 5   LEU B N   1 
ATOM   788  C CA  . LEU B 1 5  ? 2.844   -8.242  -8.384  1.00 12.59 ? 5   LEU B CA  1 
ATOM   789  C C   . LEU B 1 5  ? 4.181   -8.841  -7.942  1.00 13.81 ? 5   LEU B C   1 
ATOM   790  O O   . LEU B 1 5  ? 4.569   -8.740  -6.774  1.00 13.61 ? 5   LEU B O   1 
ATOM   791  C CB  . LEU B 1 5  ? 1.856   -8.171  -7.207  1.00 10.76 ? 5   LEU B CB  1 
ATOM   792  C CG  . LEU B 1 5  ? 0.584   -7.361  -7.527  1.00 9.74  ? 5   LEU B CG  1 
ATOM   793  C CD1 . LEU B 1 5  ? -0.508  -7.720  -6.552  1.00 7.41  ? 5   LEU B CD1 1 
ATOM   794  C CD2 . LEU B 1 5  ? 0.881   -5.854  -7.485  1.00 7.75  ? 5   LEU B CD2 1 
ATOM   795  N N   . TRP B 1 6  ? 4.900   -9.454  -8.874  1.00 14.92 ? 6   TRP B N   1 
ATOM   796  C CA  . TRP B 1 6  ? 6.192   -10.019 -8.537  1.00 15.27 ? 6   TRP B CA  1 
ATOM   797  C C   . TRP B 1 6  ? 7.191   -8.882  -8.396  1.00 17.17 ? 6   TRP B C   1 
ATOM   798  O O   . TRP B 1 6  ? 8.230   -9.030  -7.756  1.00 16.94 ? 6   TRP B O   1 
ATOM   799  C CB  . TRP B 1 6  ? 6.630   -11.005 -9.612  1.00 16.37 ? 6   TRP B CB  1 
ATOM   800  C CG  . TRP B 1 6  ? 5.650   -12.119 -9.734  1.00 15.78 ? 6   TRP B CG  1 
ATOM   801  C CD1 . TRP B 1 6  ? 4.529   -12.145 -10.510 1.00 15.87 ? 6   TRP B CD1 1 
ATOM   802  C CD2 . TRP B 1 6  ? 5.648   -13.333 -8.979  1.00 17.53 ? 6   TRP B CD2 1 
ATOM   803  N NE1 . TRP B 1 6  ? 3.822   -13.303 -10.283 1.00 16.51 ? 6   TRP B NE1 1 
ATOM   804  C CE2 . TRP B 1 6  ? 4.486   -14.048 -9.349  1.00 16.59 ? 6   TRP B CE2 1 
ATOM   805  C CE3 . TRP B 1 6  ? 6.514   -13.884 -8.023  1.00 16.80 ? 6   TRP B CE3 1 
ATOM   806  C CZ2 . TRP B 1 6  ? 4.167   -15.296 -8.794  1.00 18.87 ? 6   TRP B CZ2 1 
ATOM   807  C CZ3 . TRP B 1 6  ? 6.193   -15.128 -7.469  1.00 18.08 ? 6   TRP B CZ3 1 
ATOM   808  C CH2 . TRP B 1 6  ? 5.028   -15.818 -7.860  1.00 17.78 ? 6   TRP B CH2 1 
ATOM   809  N N   . GLN B 1 7  ? 6.862   -7.740  -8.997  1.00 17.85 ? 7   GLN B N   1 
ATOM   810  C CA  . GLN B 1 7  ? 7.709   -6.549  -8.922  1.00 18.92 ? 7   GLN B CA  1 
ATOM   811  C C   . GLN B 1 7  ? 6.823   -5.434  -8.387  1.00 17.38 ? 7   GLN B C   1 
ATOM   812  O O   . GLN B 1 7  ? 5.613   -5.618  -8.295  1.00 17.51 ? 7   GLN B O   1 
ATOM   813  C CB  . GLN B 1 7  ? 8.228   -6.169  -10.311 1.00 22.24 ? 7   GLN B CB  1 
ATOM   814  C CG  . GLN B 1 7  ? 9.123   -7.218  -10.966 1.00 27.96 ? 7   GLN B CG  1 
ATOM   815  C CD  . GLN B 1 7  ? 10.363  -7.535  -10.135 1.00 31.78 ? 7   GLN B CD  1 
ATOM   816  O OE1 . GLN B 1 7  ? 11.019  -6.634  -9.600  1.00 33.63 ? 7   GLN B OE1 1 
ATOM   817  N NE2 . GLN B 1 7  ? 10.697  -8.823  -10.036 1.00 31.43 ? 7   GLN B NE2 1 
ATOM   818  N N   . ARG B 1 8  ? 7.405   -4.292  -8.018  1.00 17.95 ? 8   ARG B N   1 
ATOM   819  C CA  . ARG B 1 8  ? 6.581   -3.176  -7.531  1.00 17.02 ? 8   ARG B CA  1 
ATOM   820  C C   . ARG B 1 8  ? 5.779   -2.641  -8.706  1.00 15.50 ? 8   ARG B C   1 
ATOM   821  O O   . ARG B 1 8  ? 6.328   -2.444  -9.790  1.00 12.95 ? 8   ARG B O   1 
ATOM   822  C CB  . ARG B 1 8  ? 7.440   -2.046  -6.951  1.00 18.34 ? 8   ARG B CB  1 
ATOM   823  C CG  . ARG B 1 8  ? 8.146   -2.415  -5.655  1.00 22.61 ? 8   ARG B CG  1 
ATOM   824  C CD  . ARG B 1 8  ? 8.676   -1.188  -4.943  1.00 25.64 ? 8   ARG B CD  1 
ATOM   825  N NE  . ARG B 1 8  ? 9.569   -1.569  -3.857  1.00 33.46 ? 8   ARG B NE  1 
ATOM   826  C CZ  . ARG B 1 8  ? 10.381  -0.732  -3.216  1.00 37.52 ? 8   ARG B CZ  1 
ATOM   827  N NH1 . ARG B 1 8  ? 10.414  0.555   -3.549  1.00 39.07 ? 8   ARG B NH1 1 
ATOM   828  N NH2 . ARG B 1 8  ? 11.182  -1.189  -2.260  1.00 39.70 ? 8   ARG B NH2 1 
ATOM   829  N N   . PRO B 1 9  ? 4.462   -2.426  -8.520  1.00 15.26 ? 9   PRO B N   1 
ATOM   830  C CA  . PRO B 1 9  ? 3.610   -1.905  -9.601  1.00 14.22 ? 9   PRO B CA  1 
ATOM   831  C C   . PRO B 1 9  ? 3.859   -0.403  -9.845  1.00 14.28 ? 9   PRO B C   1 
ATOM   832  O O   . PRO B 1 9  ? 3.022   0.450   -9.538  1.00 10.83 ? 9   PRO B O   1 
ATOM   833  C CB  . PRO B 1 9  ? 2.197   -2.220  -9.103  1.00 14.06 ? 9   PRO B CB  1 
ATOM   834  C CG  . PRO B 1 9  ? 2.343   -2.143  -7.602  1.00 12.10 ? 9   PRO B CG  1 
ATOM   835  C CD  . PRO B 1 9  ? 3.651   -2.843  -7.357  1.00 13.78 ? 9   PRO B CD  1 
ATOM   836  N N   . LEU B 1 10 ? 5.031   -0.102  -10.403 1.00 14.92 ? 10  LEU B N   1 
ATOM   837  C CA  . LEU B 1 10 ? 5.457   1.275   -10.691 1.00 16.49 ? 10  LEU B CA  1 
ATOM   838  C C   . LEU B 1 10 ? 5.000   1.738   -12.057 1.00 16.84 ? 10  LEU B C   1 
ATOM   839  O O   . LEU B 1 10 ? 5.206   1.048   -13.054 1.00 15.30 ? 10  LEU B O   1 
ATOM   840  C CB  . LEU B 1 10 ? 6.980   1.385   -10.646 1.00 17.69 ? 10  LEU B CB  1 
ATOM   841  C CG  . LEU B 1 10 ? 7.693   1.099   -9.335  1.00 20.19 ? 10  LEU B CG  1 
ATOM   842  C CD1 . LEU B 1 10 ? 9.192   1.153   -9.564  1.00 22.64 ? 10  LEU B CD1 1 
ATOM   843  C CD2 . LEU B 1 10 ? 7.273   2.109   -8.292  1.00 20.67 ? 10  LEU B CD2 1 
ATOM   844  N N   . VAL B 1 11 ? 4.392   2.920   -12.092 1.00 16.98 ? 11  VAL B N   1 
ATOM   845  C CA  . VAL B 1 11 ? 3.897   3.515   -13.328 1.00 16.47 ? 11  VAL B CA  1 
ATOM   846  C C   . VAL B 1 11 ? 4.493   4.908   -13.492 1.00 17.75 ? 11  VAL B C   1 
ATOM   847  O O   . VAL B 1 11 ? 5.030   5.489   -12.539 1.00 16.91 ? 11  VAL B O   1 
ATOM   848  C CB  . VAL B 1 11 ? 2.345   3.639   -13.329 1.00 15.19 ? 11  VAL B CB  1 
ATOM   849  C CG1 . VAL B 1 11 ? 1.712   2.278   -13.548 1.00 14.42 ? 11  VAL B CG1 1 
ATOM   850  C CG2 . VAL B 1 11 ? 1.867   4.244   -12.018 1.00 13.19 ? 11  VAL B CG2 1 
ATOM   851  N N   . THR B 1 12 ? 4.416   5.430   -14.711 1.00 19.20 ? 12  THR B N   1 
ATOM   852  C CA  . THR B 1 12 ? 4.923   6.760   -14.985 1.00 21.39 ? 12  THR B CA  1 
ATOM   853  C C   . THR B 1 12 ? 3.729   7.708   -14.905 1.00 22.36 ? 12  THR B C   1 
ATOM   854  O O   . THR B 1 12 ? 2.680   7.459   -15.512 1.00 23.27 ? 12  THR B O   1 
ATOM   855  C CB  . THR B 1 12 ? 5.573   6.850   -16.386 1.00 22.26 ? 12  THR B CB  1 
ATOM   856  O OG1 . THR B 1 12 ? 6.672   5.936   -16.471 1.00 22.50 ? 12  THR B OG1 1 
ATOM   857  C CG2 . THR B 1 12 ? 6.106   8.253   -16.623 1.00 24.92 ? 12  THR B CG2 1 
ATOM   858  N N   . VAL B 1 13 ? 3.896   8.785   -14.141 1.00 20.02 ? 13  VAL B N   1 
ATOM   859  C CA  . VAL B 1 13 ? 2.842   9.772   -13.951 1.00 21.50 ? 13  VAL B CA  1 
ATOM   860  C C   . VAL B 1 13 ? 3.292   11.187  -14.328 1.00 21.27 ? 13  VAL B C   1 
ATOM   861  O O   . VAL B 1 13 ? 4.438   11.578  -14.066 1.00 21.11 ? 13  VAL B O   1 
ATOM   862  C CB  . VAL B 1 13 ? 2.381   9.787   -12.471 1.00 22.92 ? 13  VAL B CB  1 
ATOM   863  C CG1 . VAL B 1 13 ? 3.558   10.127  -11.569 1.00 23.66 ? 13  VAL B CG1 1 
ATOM   864  C CG2 . VAL B 1 13 ? 1.260   10.793  -12.271 1.00 23.23 ? 13  VAL B CG2 1 
ATOM   865  N N   . LYS B 1 14 ? 2.391   11.942  -14.957 1.00 19.13 ? 14  LYS B N   1 
ATOM   866  C CA  . LYS B 1 14 ? 2.678   13.321  -15.319 1.00 19.35 ? 14  LYS B CA  1 
ATOM   867  C C   . LYS B 1 14 ? 1.831   14.224  -14.427 1.00 19.61 ? 14  LYS B C   1 
ATOM   868  O O   . LYS B 1 14 ? 0.598   14.213  -14.486 1.00 19.40 ? 14  LYS B O   1 
ATOM   869  C CB  . LYS B 1 14 ? 2.355   13.612  -16.784 1.00 19.71 ? 14  LYS B CB  1 
ATOM   870  C CG  . LYS B 1 14 ? 2.662   15.064  -17.134 1.00 20.57 ? 14  LYS B CG  1 
ATOM   871  C CD  . LYS B 1 14 ? 2.451   15.378  -18.602 1.00 23.40 ? 14  LYS B CD  1 
ATOM   872  C CE  . LYS B 1 14 ? 2.763   16.849  -18.880 1.00 24.57 ? 14  LYS B CE  1 
ATOM   873  N NZ  . LYS B 1 14 ? 2.564   17.244  -20.309 1.00 24.45 ? 14  LYS B NZ  1 
ATOM   874  N N   . ILE B 1 15 ? 2.505   15.003  -13.594 1.00 18.37 ? 15  ILE B N   1 
ATOM   875  C CA  . ILE B 1 15 ? 1.823   15.888  -12.667 1.00 19.77 ? 15  ILE B CA  1 
ATOM   876  C C   . ILE B 1 15 ? 2.546   17.217  -12.641 1.00 21.11 ? 15  ILE B C   1 
ATOM   877  O O   . ILE B 1 15 ? 3.763   17.263  -12.769 1.00 22.70 ? 15  ILE B O   1 
ATOM   878  C CB  . ILE B 1 15 ? 1.837   15.293  -11.253 1.00 17.88 ? 15  ILE B CB  1 
ATOM   879  C CG1 . ILE B 1 15 ? 1.113   16.225  -10.282 1.00 18.35 ? 15  ILE B CG1 1 
ATOM   880  C CG2 . ILE B 1 15 ? 3.283   15.054  -10.815 1.00 17.30 ? 15  ILE B CG2 1 
ATOM   881  C CD1 . ILE B 1 15 ? 1.155   15.745  -8.857  1.00 18.63 ? 15  ILE B CD1 1 
ATOM   882  N N   . GLY B 1 16 ? 1.796   18.298  -12.463 1.00 23.86 ? 16  GLY B N   1 
ATOM   883  C CA  . GLY B 1 16 ? 2.418   19.605  -12.431 1.00 24.73 ? 16  GLY B CA  1 
ATOM   884  C C   . GLY B 1 16 ? 3.378   19.774  -13.591 1.00 24.27 ? 16  GLY B C   1 
ATOM   885  O O   . GLY B 1 16 ? 4.429   20.403  -13.443 1.00 25.00 ? 16  GLY B O   1 
ATOM   886  N N   . GLY B 1 17 ? 3.020   19.197  -14.739 1.00 23.85 ? 17  GLY B N   1 
ATOM   887  C CA  . GLY B 1 17 ? 3.851   19.295  -15.927 1.00 22.85 ? 17  GLY B CA  1 
ATOM   888  C C   . GLY B 1 17 ? 5.189   18.585  -15.815 1.00 23.03 ? 17  GLY B C   1 
ATOM   889  O O   . GLY B 1 17 ? 6.062   18.735  -16.678 1.00 23.00 ? 17  GLY B O   1 
ATOM   890  N N   . GLN B 1 18 ? 5.351   17.802  -14.755 1.00 21.35 ? 18  GLN B N   1 
ATOM   891  C CA  . GLN B 1 18 ? 6.589   17.065  -14.507 1.00 21.00 ? 18  GLN B CA  1 
ATOM   892  C C   . GLN B 1 18 ? 6.339   15.560  -14.544 1.00 19.94 ? 18  GLN B C   1 
ATOM   893  O O   . GLN B 1 18 ? 5.212   15.103  -14.353 1.00 19.05 ? 18  GLN B O   1 
ATOM   894  C CB  . GLN B 1 18 ? 7.150   17.451  -13.145 1.00 21.41 ? 18  GLN B CB  1 
ATOM   895  C CG  . GLN B 1 18 ? 7.233   18.940  -12.934 1.00 23.41 ? 18  GLN B CG  1 
ATOM   896  C CD  . GLN B 1 18 ? 7.533   19.290  -11.502 1.00 24.99 ? 18  GLN B CD  1 
ATOM   897  O OE1 . GLN B 1 18 ? 8.594   18.953  -10.979 1.00 26.34 ? 18  GLN B OE1 1 
ATOM   898  N NE2 . GLN B 1 18 ? 6.593   19.965  -10.851 1.00 26.45 ? 18  GLN B NE2 1 
ATOM   899  N N   . LEU B 1 19 ? 7.397   14.794  -14.776 1.00 18.59 ? 19  LEU B N   1 
ATOM   900  C CA  . LEU B 1 19 ? 7.272   13.345  -14.849 1.00 20.27 ? 19  LEU B CA  1 
ATOM   901  C C   . LEU B 1 19 ? 7.822   12.680  -13.590 1.00 20.76 ? 19  LEU B C   1 
ATOM   902  O O   . LEU B 1 19 ? 8.778   13.164  -12.987 1.00 21.04 ? 19  LEU B O   1 
ATOM   903  C CB  . LEU B 1 19 ? 8.013   12.818  -16.086 1.00 18.34 ? 19  LEU B CB  1 
ATOM   904  C CG  . LEU B 1 19 ? 7.596   13.384  -17.449 1.00 19.02 ? 19  LEU B CG  1 
ATOM   905  C CD1 . LEU B 1 19 ? 8.481   12.801  -18.546 1.00 19.67 ? 19  LEU B CD1 1 
ATOM   906  C CD2 . LEU B 1 19 ? 6.146   13.062  -17.720 1.00 18.90 ? 19  LEU B CD2 1 
ATOM   907  N N   . ARG B 1 20 ? 7.206   11.574  -13.193 1.00 21.84 ? 20  ARG B N   1 
ATOM   908  C CA  . ARG B 1 20 ? 7.635   10.839  -12.007 1.00 22.23 ? 20  ARG B CA  1 
ATOM   909  C C   . ARG B 1 20 ? 7.213   9.372   -12.092 1.00 21.74 ? 20  ARG B C   1 
ATOM   910  O O   . ARG B 1 20 ? 6.279   9.027   -12.814 1.00 22.73 ? 20  ARG B O   1 
ATOM   911  C CB  . ARG B 1 20 ? 7.005   11.449  -10.743 1.00 22.95 ? 20  ARG B CB  1 
ATOM   912  C CG  . ARG B 1 20 ? 7.525   12.821  -10.332 1.00 25.77 ? 20  ARG B CG  1 
ATOM   913  C CD  . ARG B 1 20 ? 8.933   12.735  -9.755  1.00 28.98 ? 20  ARG B CD  1 
ATOM   914  N NE  . ARG B 1 20 ? 9.396   14.023  -9.233  1.00 30.68 ? 20  ARG B NE  1 
ATOM   915  C CZ  . ARG B 1 20 ? 9.805   15.044  -9.983  1.00 30.57 ? 20  ARG B CZ  1 
ATOM   916  N NH1 . ARG B 1 20 ? 9.819   14.943  -11.308 1.00 27.82 ? 20  ARG B NH1 1 
ATOM   917  N NH2 . ARG B 1 20 ? 10.204  16.172  -9.403  1.00 30.30 ? 20  ARG B NH2 1 
ATOM   918  N N   . GLU B 1 21 ? 7.916   8.508   -11.369 1.00 21.63 ? 21  GLU B N   1 
ATOM   919  C CA  . GLU B 1 21 ? 7.541   7.102   -11.326 1.00 22.99 ? 21  GLU B CA  1 
ATOM   920  C C   . GLU B 1 21 ? 6.914   6.909   -9.958  1.00 21.24 ? 21  GLU B C   1 
ATOM   921  O O   . GLU B 1 21 ? 7.479   7.324   -8.943  1.00 20.73 ? 21  GLU B O   1 
ATOM   922  C CB  . GLU B 1 21 ? 8.753   6.186   -11.502 1.00 26.76 ? 21  GLU B CB  1 
ATOM   923  C CG  . GLU B 1 21 ? 9.099   5.955   -12.970 1.00 34.43 ? 21  GLU B CG  1 
ATOM   924  C CD  . GLU B 1 21 ? 9.244   4.484   -13.323 1.00 37.28 ? 21  GLU B CD  1 
ATOM   925  O OE1 . GLU B 1 21 ? 10.269  3.880   -12.938 1.00 40.31 ? 21  GLU B OE1 1 
ATOM   926  O OE2 . GLU B 1 21 ? 8.332   3.930   -13.980 1.00 38.13 ? 21  GLU B OE2 1 
ATOM   927  N N   . ALA B 1 22 ? 5.734   6.307   -9.931  1.00 17.74 ? 22  ALA B N   1 
ATOM   928  C CA  . ALA B 1 22 ? 5.038   6.106   -8.675  1.00 15.57 ? 22  ALA B CA  1 
ATOM   929  C C   . ALA B 1 22 ? 4.479   4.707   -8.582  1.00 15.40 ? 22  ALA B C   1 
ATOM   930  O O   . ALA B 1 22 ? 4.396   3.974   -9.566  1.00 14.64 ? 22  ALA B O   1 
ATOM   931  C CB  . ALA B 1 22 ? 3.926   7.128   -8.522  1.00 15.94 ? 22  ALA B CB  1 
ATOM   932  N N   . LEU B 1 23 ? 4.075   4.363   -7.373  1.00 15.52 ? 23  LEU B N   1 
ATOM   933  C CA  . LEU B 1 23 ? 3.556   3.058   -7.054  1.00 16.21 ? 23  LEU B CA  1 
ATOM   934  C C   . LEU B 1 23 ? 2.034   3.047   -6.987  1.00 16.88 ? 23  LEU B C   1 
ATOM   935  O O   . LEU B 1 23 ? 1.422   3.980   -6.461  1.00 17.83 ? 23  LEU B O   1 
ATOM   936  C CB  . LEU B 1 23 ? 4.148   2.671   -5.702  1.00 20.21 ? 23  LEU B CB  1 
ATOM   937  C CG  . LEU B 1 23 ? 3.977   1.321   -5.032  1.00 20.38 ? 23  LEU B CG  1 
ATOM   938  C CD1 . LEU B 1 23 ? 4.606   0.250   -5.891  1.00 20.60 ? 23  LEU B CD1 1 
ATOM   939  C CD2 . LEU B 1 23 ? 4.659   1.378   -3.651  1.00 20.43 ? 23  LEU B CD2 1 
ATOM   940  N N   . LEU B 1 24 ? 1.420   2.005   -7.542  1.00 15.34 ? 24  LEU B N   1 
ATOM   941  C CA  . LEU B 1 24 ? -0.037  1.847   -7.481  1.00 14.99 ? 24  LEU B CA  1 
ATOM   942  C C   . LEU B 1 24 ? -0.223  1.156   -6.135  1.00 15.90 ? 24  LEU B C   1 
ATOM   943  O O   . LEU B 1 24 ? -0.005  -0.058  -6.011  1.00 15.04 ? 24  LEU B O   1 
ATOM   944  C CB  . LEU B 1 24 ? -0.518  0.951   -8.609  1.00 13.66 ? 24  LEU B CB  1 
ATOM   945  C CG  . LEU B 1 24 ? -0.246  1.539   -9.993  1.00 14.52 ? 24  LEU B CG  1 
ATOM   946  C CD1 . LEU B 1 24 ? -0.624  0.522   -11.050 1.00 14.47 ? 24  LEU B CD1 1 
ATOM   947  C CD2 . LEU B 1 24 ? -1.023  2.835   -10.167 1.00 14.57 ? 24  LEU B CD2 1 
ATOM   948  N N   . ASP B 1 25 ? -0.615  1.950   -5.138  1.00 16.03 ? 25  ASP B N   1 
ATOM   949  C CA  . ASP B 1 25 ? -0.747  1.517   -3.745  1.00 14.92 ? 25  ASP B CA  1 
ATOM   950  C C   . ASP B 1 25 ? -2.181  1.314   -3.249  1.00 15.78 ? 25  ASP B C   1 
ATOM   951  O O   . ASP B 1 25 ? -2.819  2.246   -2.776  1.00 15.72 ? 25  ASP B O   1 
ATOM   952  C CB  . ASP B 1 25 ? -0.023  2.563   -2.892  1.00 15.34 ? 25  ASP B CB  1 
ATOM   953  C CG  . ASP B 1 25 ? 0.057   2.195   -1.433  1.00 17.80 ? 25  ASP B CG  1 
ATOM   954  O OD1 . ASP B 1 25 ? -0.682  1.291   -1.001  1.00 21.63 ? 25  ASP B OD1 1 
ATOM   955  O OD2 . ASP B 1 25 ? 0.860   2.828   -0.715  1.00 15.30 ? 25  ASP B OD2 1 
ATOM   956  N N   . THR B 1 26 ? -2.676  0.083   -3.323  1.00 16.62 ? 26  THR B N   1 
ATOM   957  C CA  . THR B 1 26 ? -4.042  -0.216  -2.901  1.00 16.16 ? 26  THR B CA  1 
ATOM   958  C C   . THR B 1 26 ? -4.270  -0.077  -1.402  1.00 16.89 ? 26  THR B C   1 
ATOM   959  O O   . THR B 1 26 ? -5.409  -0.024  -0.942  1.00 18.11 ? 26  THR B O   1 
ATOM   960  C CB  . THR B 1 26 ? -4.438  -1.634  -3.328  1.00 16.50 ? 26  THR B CB  1 
ATOM   961  O OG1 . THR B 1 26 ? -3.565  -2.584  -2.700  1.00 14.96 ? 26  THR B OG1 1 
ATOM   962  C CG2 . THR B 1 26 ? -4.336  -1.769  -4.853  1.00 16.21 ? 26  THR B CG2 1 
ATOM   963  N N   . GLY B 1 27 ? -3.192  -0.009  -0.633  1.00 17.84 ? 27  GLY B N   1 
ATOM   964  C CA  . GLY B 1 27 ? -3.343  0.125   0.804   1.00 17.21 ? 27  GLY B CA  1 
ATOM   965  C C   . GLY B 1 27 ? -3.336  1.566   1.277   1.00 17.94 ? 27  GLY B C   1 
ATOM   966  O O   . GLY B 1 27 ? -3.597  1.834   2.452   1.00 18.38 ? 27  GLY B O   1 
ATOM   967  N N   . ALA B 1 28 ? -3.039  2.493   0.367   1.00 15.88 ? 28  ALA B N   1 
ATOM   968  C CA  . ALA B 1 28 ? -2.983  3.917   0.699   1.00 15.80 ? 28  ALA B CA  1 
ATOM   969  C C   . ALA B 1 28 ? -4.290  4.615   0.365   1.00 15.17 ? 28  ALA B C   1 
ATOM   970  O O   . ALA B 1 28 ? -4.785  4.526   -0.761  1.00 15.30 ? 28  ALA B O   1 
ATOM   971  C CB  . ALA B 1 28 ? -1.829  4.593   -0.059  1.00 14.31 ? 28  ALA B CB  1 
ATOM   972  N N   . ASP B 1 29 ? -4.854  5.298   1.354   1.00 16.32 ? 29  ASP B N   1 
ATOM   973  C CA  . ASP B 1 29 ? -6.091  6.041   1.149   1.00 15.38 ? 29  ASP B CA  1 
ATOM   974  C C   . ASP B 1 29 ? -5.733  7.231   0.282   1.00 15.39 ? 29  ASP B C   1 
ATOM   975  O O   . ASP B 1 29 ? -6.454  7.570   -0.650  1.00 17.23 ? 29  ASP B O   1 
ATOM   976  C CB  . ASP B 1 29 ? -6.630  6.595   2.467   1.00 15.60 ? 29  ASP B CB  1 
ATOM   977  C CG  . ASP B 1 29 ? -7.113  5.523   3.412   1.00 16.58 ? 29  ASP B CG  1 
ATOM   978  O OD1 . ASP B 1 29 ? -6.919  4.326   3.135   1.00 19.72 ? 29  ASP B OD1 1 
ATOM   979  O OD2 . ASP B 1 29 ? -7.691  5.892   4.451   1.00 18.74 ? 29  ASP B OD2 1 
ATOM   980  N N   . ASP B 1 30 ? -4.610  7.858   0.623   1.00 15.86 ? 30  ASP B N   1 
ATOM   981  C CA  . ASP B 1 30 ? -4.121  9.057   -0.047  1.00 16.79 ? 30  ASP B CA  1 
ATOM   982  C C   . ASP B 1 30 ? -2.992  8.852   -1.053  1.00 17.40 ? 30  ASP B C   1 
ATOM   983  O O   . ASP B 1 30 ? -2.333  7.815   -1.089  1.00 15.46 ? 30  ASP B O   1 
ATOM   984  C CB  . ASP B 1 30 ? -3.635  10.078  0.988   1.00 19.40 ? 30  ASP B CB  1 
ATOM   985  C CG  . ASP B 1 30 ? -4.652  10.343  2.082   1.00 24.67 ? 30  ASP B CG  1 
ATOM   986  O OD1 . ASP B 1 30 ? -5.838  10.574  1.758   1.00 24.46 ? 30  ASP B OD1 1 
ATOM   987  O OD2 . ASP B 1 30 ? -4.254  10.329  3.271   1.00 28.66 ? 30  ASP B OD2 1 
ATOM   988  N N   . THR B 1 31 ? -2.782  9.891   -1.855  1.00 17.00 ? 31  THR B N   1 
ATOM   989  C CA  . THR B 1 31 ? -1.748  9.929   -2.879  1.00 16.79 ? 31  THR B CA  1 
ATOM   990  C C   . THR B 1 31 ? -0.674  10.861  -2.339  1.00 16.78 ? 31  THR B C   1 
ATOM   991  O O   . THR B 1 31 ? -0.931  12.044  -2.147  1.00 17.38 ? 31  THR B O   1 
ATOM   992  C CB  . THR B 1 31 ? -2.329  10.498  -4.205  1.00 16.26 ? 31  THR B CB  1 
ATOM   993  O OG1 . THR B 1 31 ? -3.273  9.563   -4.736  1.00 14.04 ? 31  THR B OG1 1 
ATOM   994  C CG2 . THR B 1 31 ? -1.230  10.756  -5.240  1.00 13.08 ? 31  THR B CG2 1 
ATOM   995  N N   . VAL B 1 32 ? 0.508   10.325  -2.059  1.00 18.17 ? 32  VAL B N   1 
ATOM   996  C CA  . VAL B 1 32 ? 1.595   11.141  -1.529  1.00 20.74 ? 32  VAL B CA  1 
ATOM   997  C C   . VAL B 1 32 ? 2.808   11.042  -2.437  1.00 22.53 ? 32  VAL B C   1 
ATOM   998  O O   . VAL B 1 32 ? 3.216   9.949   -2.838  1.00 20.90 ? 32  VAL B O   1 
ATOM   999  C CB  . VAL B 1 32 ? 2.000   10.709  -0.091  1.00 21.91 ? 32  VAL B CB  1 
ATOM   1000 C CG1 . VAL B 1 32 ? 2.441   9.274   -0.077  1.00 22.67 ? 32  VAL B CG1 1 
ATOM   1001 C CG2 . VAL B 1 32 ? 3.122   11.600  0.420   1.00 21.29 ? 32  VAL B CG2 1 
ATOM   1002 N N   . LEU B 1 33 ? 3.382   12.194  -2.761  1.00 24.05 ? 33  LEU B N   1 
ATOM   1003 C CA  . LEU B 1 33 ? 4.533   12.242  -3.642  1.00 27.66 ? 33  LEU B CA  1 
ATOM   1004 C C   . LEU B 1 33 ? 5.694   12.963  -2.982  1.00 29.69 ? 33  LEU B C   1 
ATOM   1005 O O   . LEU B 1 33 ? 5.490   13.869  -2.174  1.00 28.58 ? 33  LEU B O   1 
ATOM   1006 C CB  . LEU B 1 33 ? 4.139   12.954  -4.938  1.00 28.74 ? 33  LEU B CB  1 
ATOM   1007 C CG  . LEU B 1 33 ? 2.884   12.362  -5.589  1.00 30.32 ? 33  LEU B CG  1 
ATOM   1008 C CD1 . LEU B 1 33 ? 2.348   13.306  -6.637  1.00 31.37 ? 33  LEU B CD1 1 
ATOM   1009 C CD2 . LEU B 1 33 ? 3.216   11.012  -6.195  1.00 30.17 ? 33  LEU B CD2 1 
ATOM   1010 N N   . GLU B 1 34 ? 6.914   12.551  -3.322  1.00 32.71 ? 34  GLU B N   1 
ATOM   1011 C CA  . GLU B 1 34 ? 8.099   13.191  -2.773  1.00 36.61 ? 34  GLU B CA  1 
ATOM   1012 C C   . GLU B 1 34 ? 7.987   14.663  -3.139  1.00 38.12 ? 34  GLU B C   1 
ATOM   1013 O O   . GLU B 1 34 ? 7.119   15.051  -3.927  1.00 37.94 ? 34  GLU B O   1 
ATOM   1014 C CB  . GLU B 1 34 ? 9.363   12.588  -3.382  1.00 40.08 ? 34  GLU B CB  1 
ATOM   1015 C CG  . GLU B 1 34 ? 9.461   11.082  -3.220  1.00 44.79 ? 34  GLU B CG  1 
ATOM   1016 C CD  . GLU B 1 34 ? 10.689  10.491  -3.890  1.00 47.50 ? 34  GLU B CD  1 
ATOM   1017 O OE1 . GLU B 1 34 ? 10.867  10.697  -5.112  1.00 50.51 ? 34  GLU B OE1 1 
ATOM   1018 O OE2 . GLU B 1 34 ? 11.475  9.815   -3.194  1.00 47.55 ? 34  GLU B OE2 1 
ATOM   1019 N N   . GLU B 1 35 ? 8.859   15.487  -2.575  1.00 39.95 ? 35  GLU B N   1 
ATOM   1020 C CA  . GLU B 1 35 ? 8.805   16.914  -2.852  1.00 40.54 ? 35  GLU B CA  1 
ATOM   1021 C C   . GLU B 1 35 ? 8.863   17.201  -4.358  1.00 39.71 ? 35  GLU B C   1 
ATOM   1022 O O   . GLU B 1 35 ? 9.773   16.763  -5.068  1.00 39.84 ? 35  GLU B O   1 
ATOM   1023 C CB  . GLU B 1 35 ? 9.941   17.631  -2.116  1.00 43.16 ? 35  GLU B CB  1 
ATOM   1024 C CG  . GLU B 1 35 ? 9.731   19.134  -1.953  1.00 45.18 ? 35  GLU B CG  1 
ATOM   1025 C CD  . GLU B 1 35 ? 8.470   19.461  -1.182  1.00 46.77 ? 35  GLU B CD  1 
ATOM   1026 O OE1 . GLU B 1 35 ? 8.310   18.933  -0.060  1.00 46.31 ? 35  GLU B OE1 1 
ATOM   1027 O OE2 . GLU B 1 35 ? 7.647   20.248  -1.697  1.00 46.96 ? 35  GLU B OE2 1 
ATOM   1028 N N   . ILE B 1 36 ? 7.858   17.920  -4.837  1.00 37.03 ? 36  ILE B N   1 
ATOM   1029 C CA  . ILE B 1 36 ? 7.763   18.293  -6.236  1.00 35.75 ? 36  ILE B CA  1 
ATOM   1030 C C   . ILE B 1 36 ? 7.209   19.699  -6.223  1.00 36.16 ? 36  ILE B C   1 
ATOM   1031 O O   . ILE B 1 36 ? 6.432   20.063  -5.342  1.00 35.62 ? 36  ILE B O   1 
ATOM   1032 C CB  . ILE B 1 36 ? 6.797   17.382  -7.021  1.00 34.69 ? 36  ILE B CB  1 
ATOM   1033 C CG1 . ILE B 1 36 ? 5.389   17.491  -6.442  1.00 33.67 ? 36  ILE B CG1 1 
ATOM   1034 C CG2 . ILE B 1 36 ? 7.275   15.944  -6.960  1.00 35.53 ? 36  ILE B CG2 1 
ATOM   1035 C CD1 . ILE B 1 36 ? 4.340   16.766  -7.247  1.00 32.89 ? 36  ILE B CD1 1 
ATOM   1036 N N   . ASN B 1 37 ? 7.616   20.495  -7.196  1.00 36.61 ? 37  ASN B N   1 
ATOM   1037 C CA  . ASN B 1 37 ? 7.156   21.861  -7.255  1.00 36.74 ? 37  ASN B CA  1 
ATOM   1038 C C   . ASN B 1 37 ? 5.776   21.975  -7.854  1.00 36.27 ? 37  ASN B C   1 
ATOM   1039 O O   . ASN B 1 37 ? 5.597   21.816  -9.067  1.00 36.77 ? 37  ASN B O   1 
ATOM   1040 C CB  . ASN B 1 37 ? 8.147   22.711  -8.050  1.00 21.16 ? 37  ASN B CB  1 
ATOM   1041 C CG  . ASN B 1 37 ? 9.458   22.906  -7.311  1.00 20.90 ? 37  ASN B CG  1 
ATOM   1042 O OD1 . ASN B 1 37 ? 9.505   22.808  -6.071  1.00 20.89 ? 37  ASN B OD1 1 
ATOM   1043 N ND2 . ASN B 1 37 ? 10.534  23.204  -8.058  1.00 20.86 ? 37  ASN B ND2 1 
ATOM   1044 N N   . LEU B 1 38 ? 4.798   22.235  -6.990  1.00 34.22 ? 38  LEU B N   1 
ATOM   1045 C CA  . LEU B 1 38 ? 3.428   22.401  -7.435  1.00 33.54 ? 38  LEU B CA  1 
ATOM   1046 C C   . LEU B 1 38 ? 3.016   23.847  -7.223  1.00 35.18 ? 38  LEU B C   1 
ATOM   1047 O O   . LEU B 1 38 ? 3.375   24.478  -6.221  1.00 34.53 ? 38  LEU B O   1 
ATOM   1048 C CB  . LEU B 1 38 ? 2.477   21.463  -6.694  1.00 30.93 ? 38  LEU B CB  1 
ATOM   1049 C CG  . LEU B 1 38 ? 2.659   19.961  -6.959  1.00 28.34 ? 38  LEU B CG  1 
ATOM   1050 C CD1 . LEU B 1 38 ? 1.486   19.200  -6.375  1.00 26.48 ? 38  LEU B CD1 1 
ATOM   1051 C CD2 . LEU B 1 38 ? 2.746   19.692  -8.444  1.00 24.28 ? 38  LEU B CD2 1 
ATOM   1052 N N   . PRO B 1 39 ? 2.269   24.401  -8.182  1.00 36.98 ? 39  PRO B N   1 
ATOM   1053 C CA  . PRO B 1 39 ? 1.847   25.790  -8.040  1.00 39.02 ? 39  PRO B CA  1 
ATOM   1054 C C   . PRO B 1 39 ? 0.630   25.958  -7.153  1.00 41.51 ? 39  PRO B C   1 
ATOM   1055 O O   . PRO B 1 39 ? -0.191  25.032  -7.005  1.00 40.41 ? 39  PRO B O   1 
ATOM   1056 C CB  . PRO B 1 39 ? 1.547   26.197  -9.465  1.00 36.92 ? 39  PRO B CB  1 
ATOM   1057 C CG  . PRO B 1 39 ? 0.961   24.967  -10.027 1.00 36.39 ? 39  PRO B CG  1 
ATOM   1058 C CD  . PRO B 1 39 ? 1.872   23.866  -9.497  1.00 37.10 ? 39  PRO B CD  1 
ATOM   1059 N N   . GLY B 1 40 ? 0.521   27.153  -6.574  1.00 43.89 ? 40  GLY B N   1 
ATOM   1060 C CA  . GLY B 1 40 ? -0.613  27.467  -5.737  1.00 45.87 ? 40  GLY B CA  1 
ATOM   1061 C C   . GLY B 1 40 ? -0.529  27.291  -4.240  1.00 47.13 ? 40  GLY B C   1 
ATOM   1062 O O   . GLY B 1 40 ? 0.535   27.100  -3.621  1.00 46.13 ? 40  GLY B O   1 
ATOM   1063 N N   . LYS B 1 41 ? -1.734  27.369  -3.694  1.00 47.94 ? 41  LYS B N   1 
ATOM   1064 C CA  . LYS B 1 41 ? -2.045  27.266  -2.287  1.00 48.59 ? 41  LYS B CA  1 
ATOM   1065 C C   . LYS B 1 41 ? -2.181  25.805  -1.848  1.00 47.58 ? 41  LYS B C   1 
ATOM   1066 O O   . LYS B 1 41 ? -2.464  24.904  -2.652  1.00 47.35 ? 41  LYS B O   1 
ATOM   1067 C CB  . LYS B 1 41 ? -3.380  27.967  -2.055  1.00 50.31 ? 41  LYS B CB  1 
ATOM   1068 C CG  . LYS B 1 41 ? -4.516  27.284  -2.826  1.00 52.37 ? 41  LYS B CG  1 
ATOM   1069 C CD  . LYS B 1 41 ? -5.869  27.920  -2.548  1.00 54.19 ? 41  LYS B CD  1 
ATOM   1070 C CE  . LYS B 1 41 ? -6.989  27.209  -3.297  1.00 54.67 ? 41  LYS B CE  1 
ATOM   1071 N NZ  . LYS B 1 41 ? -8.321  27.835  -3.057  1.00 56.79 ? 41  LYS B NZ  1 
ATOM   1072 N N   . TRP B 1 42 ? -2.021  25.601  -0.546  1.00 46.10 ? 42  TRP B N   1 
ATOM   1073 C CA  . TRP B 1 42 ? -2.135  24.286  0.064   1.00 44.22 ? 42  TRP B CA  1 
ATOM   1074 C C   . TRP B 1 42 ? -2.317  24.441  1.558   1.00 43.30 ? 42  TRP B C   1 
ATOM   1075 O O   . TRP B 1 42 ? -2.105  25.519  2.114   1.00 43.62 ? 42  TRP B O   1 
ATOM   1076 C CB  . TRP B 1 42 ? -0.874  23.482  -0.190  1.00 44.66 ? 42  TRP B CB  1 
ATOM   1077 C CG  . TRP B 1 42 ? 0.361   24.218  0.209   1.00 45.73 ? 42  TRP B CG  1 
ATOM   1078 C CD1 . TRP B 1 42 ? 1.160   24.976  -0.599  1.00 46.76 ? 42  TRP B CD1 1 
ATOM   1079 C CD2 . TRP B 1 42 ? 0.951   24.264  1.516   1.00 46.28 ? 42  TRP B CD2 1 
ATOM   1080 N NE1 . TRP B 1 42 ? 2.215   25.487  0.120   1.00 46.94 ? 42  TRP B NE1 1 
ATOM   1081 C CE2 . TRP B 1 42 ? 2.109   25.071  1.418   1.00 46.51 ? 42  TRP B CE2 1 
ATOM   1082 C CE3 . TRP B 1 42 ? 0.611   23.710  2.758   1.00 46.86 ? 42  TRP B CE3 1 
ATOM   1083 C CZ2 . TRP B 1 42 ? 2.939   25.326  2.519   1.00 45.95 ? 42  TRP B CZ2 1 
ATOM   1084 C CZ3 . TRP B 1 42 ? 1.437   23.965  3.853   1.00 46.40 ? 42  TRP B CZ3 1 
ATOM   1085 C CH2 . TRP B 1 42 ? 2.585   24.769  3.725   1.00 46.02 ? 42  TRP B CH2 1 
ATOM   1086 N N   . LYS B 1 43 ? -2.698  23.350  2.209   1.00 41.87 ? 43  LYS B N   1 
ATOM   1087 C CA  . LYS B 1 43 ? -2.905  23.353  3.651   1.00 40.53 ? 43  LYS B CA  1 
ATOM   1088 C C   . LYS B 1 43 ? -2.013  22.326  4.332   1.00 40.27 ? 43  LYS B C   1 
ATOM   1089 O O   . LYS B 1 43 ? -1.800  21.233  3.807   1.00 39.66 ? 43  LYS B O   1 
ATOM   1090 C CB  . LYS B 1 43 ? -4.371  23.056  3.979   1.00 39.07 ? 43  LYS B CB  1 
ATOM   1091 C CG  . LYS B 1 43 ? -5.317  24.152  3.532   1.00 39.24 ? 43  LYS B CG  1 
ATOM   1092 C CD  . LYS B 1 43 ? -6.772  23.811  3.795   1.00 39.12 ? 43  LYS B CD  1 
ATOM   1093 C CE  . LYS B 1 43 ? -7.218  22.634  2.949   1.00 39.59 ? 43  LYS B CE  1 
ATOM   1094 N NZ  . LYS B 1 43 ? -8.677  22.697  2.673   1.00 40.05 ? 43  LYS B NZ  1 
ATOM   1095 N N   . PRO B 1 44 ? -1.468  22.670  5.507   1.00 40.17 ? 44  PRO B N   1 
ATOM   1096 C CA  . PRO B 1 44 ? -0.600  21.748  6.246   1.00 39.84 ? 44  PRO B CA  1 
ATOM   1097 C C   . PRO B 1 44 ? -1.452  20.593  6.759   1.00 38.73 ? 44  PRO B C   1 
ATOM   1098 O O   . PRO B 1 44 ? -2.532  20.812  7.309   1.00 39.42 ? 44  PRO B O   1 
ATOM   1099 C CB  . PRO B 1 44 ? -0.071  22.619  7.376   1.00 40.52 ? 44  PRO B CB  1 
ATOM   1100 C CG  . PRO B 1 44 ? -1.251  23.506  7.659   1.00 40.09 ? 44  PRO B CG  1 
ATOM   1101 C CD  . PRO B 1 44 ? -1.686  23.909  6.273   1.00 40.04 ? 44  PRO B CD  1 
ATOM   1102 N N   . LYS B 1 45 ? -0.988  19.366  6.557   1.00 37.19 ? 45  LYS B N   1 
ATOM   1103 C CA  . LYS B 1 45 ? -1.740  18.211  7.017   1.00 35.19 ? 45  LYS B CA  1 
ATOM   1104 C C   . LYS B 1 45 ? -0.833  17.131  7.583   1.00 34.60 ? 45  LYS B C   1 
ATOM   1105 O O   . LYS B 1 45 ? 0.362   17.093  7.292   1.00 34.53 ? 45  LYS B O   1 
ATOM   1106 C CB  . LYS B 1 45 ? -2.592  17.628  5.883   1.00 35.51 ? 45  LYS B CB  1 
ATOM   1107 C CG  . LYS B 1 45 ? -3.415  16.430  6.333   1.00 34.57 ? 45  LYS B CG  1 
ATOM   1108 C CD  . LYS B 1 45 ? -4.513  16.043  5.365   1.00 34.92 ? 45  LYS B CD  1 
ATOM   1109 C CE  . LYS B 1 45 ? -5.307  14.879  5.940   1.00 33.91 ? 45  LYS B CE  1 
ATOM   1110 N NZ  . LYS B 1 45 ? -6.488  14.502  5.122   1.00 37.04 ? 45  LYS B NZ  1 
ATOM   1111 N N   . MET B 1 46 ? -1.418  16.267  8.406   1.00 33.36 ? 46  MET B N   1 
ATOM   1112 C CA  . MET B 1 46 ? -0.710  15.161  9.035   1.00 31.86 ? 46  MET B CA  1 
ATOM   1113 C C   . MET B 1 46 ? -1.266  13.860  8.482   1.00 31.08 ? 46  MET B C   1 
ATOM   1114 O O   . MET B 1 46 ? -2.479  13.720  8.331   1.00 31.31 ? 46  MET B O   1 
ATOM   1115 C CB  . MET B 1 46 ? -0.935  15.183  10.545  1.00 32.58 ? 46  MET B CB  1 
ATOM   1116 C CG  . MET B 1 46 ? -0.070  16.151  11.300  1.00 34.09 ? 46  MET B CG  1 
ATOM   1117 S SD  . MET B 1 46 ? 1.560   15.447  11.487  1.00 38.67 ? 46  MET B SD  1 
ATOM   1118 C CE  . MET B 1 46 ? 2.558   16.899  11.910  1.00 38.62 ? 46  MET B CE  1 
ATOM   1119 N N   . ILE B 1 47 ? -0.386  12.915  8.170   1.00 29.10 ? 47  ILE B N   1 
ATOM   1120 C CA  . ILE B 1 47 ? -0.835  11.620  7.667   1.00 27.76 ? 47  ILE B CA  1 
ATOM   1121 C C   . ILE B 1 47 ? 0.009   10.516  8.313   1.00 28.39 ? 47  ILE B C   1 
ATOM   1122 O O   . ILE B 1 47 ? 1.243   10.590  8.339   1.00 28.33 ? 47  ILE B O   1 
ATOM   1123 C CB  . ILE B 1 47 ? -0.750  11.539  6.106   1.00 26.07 ? 47  ILE B CB  1 
ATOM   1124 C CG1 . ILE B 1 47 ? 0.705   11.458  5.643   1.00 24.80 ? 47  ILE B CG1 1 
ATOM   1125 C CG2 . ILE B 1 47 ? -1.421  12.774  5.483   1.00 24.63 ? 47  ILE B CG2 1 
ATOM   1126 C CD1 . ILE B 1 47 ? 0.847   11.184  4.161   1.00 24.38 ? 47  ILE B CD1 1 
ATOM   1127 N N   . GLY B 1 48 ? -0.654  9.499   8.850   1.00 29.52 ? 48  GLY B N   1 
ATOM   1128 C CA  . GLY B 1 48 ? 0.071   8.425   9.503   1.00 31.67 ? 48  GLY B CA  1 
ATOM   1129 C C   . GLY B 1 48 ? 0.478   7.261   8.618   1.00 33.91 ? 48  GLY B C   1 
ATOM   1130 O O   . GLY B 1 48 ? -0.061  7.057   7.530   1.00 34.28 ? 48  GLY B O   1 
ATOM   1131 N N   . GLY B 1 49 ? 1.443   6.491   9.102   1.00 35.28 ? 49  GLY B N   1 
ATOM   1132 C CA  . GLY B 1 49 ? 1.921   5.345   8.360   1.00 37.04 ? 49  GLY B CA  1 
ATOM   1133 C C   . GLY B 1 49 ? 2.463   4.282   9.294   1.00 37.61 ? 49  GLY B C   1 
ATOM   1134 O O   . GLY B 1 49 ? 2.196   4.288   10.497  1.00 37.54 ? 49  GLY B O   1 
ATOM   1135 N N   . ILE B 1 50 ? 3.245   3.368   8.737   1.00 37.91 ? 50  ILE B N   1 
ATOM   1136 C CA  . ILE B 1 50 ? 3.814   2.293   9.521   1.00 38.26 ? 50  ILE B CA  1 
ATOM   1137 C C   . ILE B 1 50 ? 4.811   2.812   10.560  1.00 38.68 ? 50  ILE B C   1 
ATOM   1138 O O   . ILE B 1 50 ? 4.841   2.322   11.689  1.00 39.94 ? 50  ILE B O   1 
ATOM   1139 C CB  . ILE B 1 50 ? 4.480   1.247   8.596   1.00 38.26 ? 50  ILE B CB  1 
ATOM   1140 C CG1 . ILE B 1 50 ? 4.000   -0.152  8.981   1.00 38.96 ? 50  ILE B CG1 1 
ATOM   1141 C CG2 . ILE B 1 50 ? 5.997   1.324   8.696   1.00 38.94 ? 50  ILE B CG2 1 
ATOM   1142 C CD1 . ILE B 1 50 ? 2.486   -0.315  8.939   1.00 38.91 ? 50  ILE B CD1 1 
ATOM   1143 N N   . GLY B 1 51 ? 5.617   3.799   10.183  1.00 38.39 ? 51  GLY B N   1 
ATOM   1144 C CA  . GLY B 1 51 ? 6.582   4.348   11.115  1.00 38.17 ? 51  GLY B CA  1 
ATOM   1145 C C   . GLY B 1 51 ? 6.005   5.464   11.965  1.00 37.83 ? 51  GLY B C   1 
ATOM   1146 O O   . GLY B 1 51 ? 6.655   5.944   12.900  1.00 38.65 ? 51  GLY B O   1 
ATOM   1147 N N   . GLY B 1 52 ? 4.787   5.887   11.653  1.00 37.32 ? 52  GLY B N   1 
ATOM   1148 C CA  . GLY B 1 52 ? 4.185   6.953   12.425  1.00 36.82 ? 52  GLY B CA  1 
ATOM   1149 C C   . GLY B 1 52 ? 3.521   8.011   11.574  1.00 36.32 ? 52  GLY B C   1 
ATOM   1150 O O   . GLY B 1 52 ? 2.493   7.747   10.945  1.00 36.60 ? 52  GLY B O   1 
ATOM   1151 N N   . PHE B 1 53 ? 4.111   9.200   11.516  1.00 36.53 ? 53  PHE B N   1 
ATOM   1152 C CA  . PHE B 1 53 ? 3.496   10.269  10.747  1.00 37.25 ? 53  PHE B CA  1 
ATOM   1153 C C   . PHE B 1 53 ? 4.481   11.266  10.151  1.00 36.86 ? 53  PHE B C   1 
ATOM   1154 O O   . PHE B 1 53 ? 5.638   11.347  10.571  1.00 37.16 ? 53  PHE B O   1 
ATOM   1155 C CB  . PHE B 1 53 ? 2.524   11.027  11.652  1.00 37.99 ? 53  PHE B CB  1 
ATOM   1156 C CG  . PHE B 1 53 ? 3.200   11.798  12.758  1.00 37.94 ? 53  PHE B CG  1 
ATOM   1157 C CD1 . PHE B 1 53 ? 3.711   13.077  12.526  1.00 38.54 ? 53  PHE B CD1 1 
ATOM   1158 C CD2 . PHE B 1 53 ? 3.366   11.232  14.019  1.00 38.71 ? 53  PHE B CD2 1 
ATOM   1159 C CE1 . PHE B 1 53 ? 4.362   13.788  13.539  1.00 38.79 ? 53  PHE B CE1 1 
ATOM   1160 C CE2 . PHE B 1 53 ? 4.017   11.935  15.041  1.00 39.84 ? 53  PHE B CE2 1 
ATOM   1161 C CZ  . PHE B 1 53 ? 4.521   13.211  14.796  1.00 39.11 ? 53  PHE B CZ  1 
ATOM   1162 N N   . ILE B 1 54 ? 3.994   12.029  9.174   1.00 35.89 ? 54  ILE B N   1 
ATOM   1163 C CA  . ILE B 1 54 ? 4.759   13.089  8.517   1.00 33.74 ? 54  ILE B CA  1 
ATOM   1164 C C   . ILE B 1 54 ? 3.751   14.192  8.252   1.00 32.54 ? 54  ILE B C   1 
ATOM   1165 O O   . ILE B 1 54 ? 2.550   13.930  8.120   1.00 32.40 ? 54  ILE B O   1 
ATOM   1166 C CB  . ILE B 1 54 ? 5.366   12.668  7.136   1.00 32.81 ? 54  ILE B CB  1 
ATOM   1167 C CG1 . ILE B 1 54 ? 4.247   12.295  6.153   1.00 32.31 ? 54  ILE B CG1 1 
ATOM   1168 C CG2 . ILE B 1 54 ? 6.367   11.536  7.318   1.00 32.65 ? 54  ILE B CG2 1 
ATOM   1169 C CD1 . ILE B 1 54 ? 4.723   12.083  4.725   1.00 29.04 ? 54  ILE B CD1 1 
ATOM   1170 N N   . LYS B 1 55 ? 4.227   15.428  8.198   1.00 32.45 ? 55  LYS B N   1 
ATOM   1171 C CA  . LYS B 1 55 ? 3.336   16.538  7.909   1.00 32.35 ? 55  LYS B CA  1 
ATOM   1172 C C   . LYS B 1 55 ? 3.532   16.771  6.424   1.00 31.85 ? 55  LYS B C   1 
ATOM   1173 O O   . LYS B 1 55 ? 4.644   16.666  5.914   1.00 30.34 ? 55  LYS B O   1 
ATOM   1174 C CB  . LYS B 1 55 ? 3.717   17.788  8.709   1.00 33.11 ? 55  LYS B CB  1 
ATOM   1175 C CG  . LYS B 1 55 ? 2.654   18.876  8.646   1.00 34.41 ? 55  LYS B CG  1 
ATOM   1176 C CD  . LYS B 1 55 ? 2.431   19.527  10.001  1.00 34.19 ? 55  LYS B CD  1 
ATOM   1177 C CE  . LYS B 1 55 ? 1.058   20.183  10.066  1.00 35.57 ? 55  LYS B CE  1 
ATOM   1178 N NZ  . LYS B 1 55 ? 0.776   20.790  11.396  1.00 36.62 ? 55  LYS B NZ  1 
ATOM   1179 N N   . VAL B 1 56 ? 2.448   17.062  5.725   1.00 32.78 ? 56  VAL B N   1 
ATOM   1180 C CA  . VAL B 1 56 ? 2.540   17.274  4.296   1.00 34.32 ? 56  VAL B CA  1 
ATOM   1181 C C   . VAL B 1 56 ? 1.699   18.466  3.859   1.00 36.04 ? 56  VAL B C   1 
ATOM   1182 O O   . VAL B 1 56 ? 0.782   18.893  4.567   1.00 37.33 ? 56  VAL B O   1 
ATOM   1183 C CB  . VAL B 1 56 ? 2.074   16.002  3.532   1.00 32.85 ? 56  VAL B CB  1 
ATOM   1184 C CG1 . VAL B 1 56 ? 2.921   14.806  3.946   1.00 32.48 ? 56  VAL B CG1 1 
ATOM   1185 C CG2 . VAL B 1 56 ? 0.605   15.723  3.819   1.00 31.42 ? 56  VAL B CG2 1 
ATOM   1186 N N   . LYS B 1 57 ? 2.031   19.015  2.697   1.00 36.07 ? 57  LYS B N   1 
ATOM   1187 C CA  . LYS B 1 57 ? 1.283   20.130  2.151   1.00 34.81 ? 57  LYS B CA  1 
ATOM   1188 C C   . LYS B 1 57 ? 0.189   19.490  1.318   1.00 34.31 ? 57  LYS B C   1 
ATOM   1189 O O   . LYS B 1 57 ? 0.461   18.639  0.472   1.00 35.52 ? 57  LYS B O   1 
ATOM   1190 C CB  . LYS B 1 57 ? 2.194   20.995  1.281   1.00 36.09 ? 57  LYS B CB  1 
ATOM   1191 C CG  . LYS B 1 57 ? 3.336   21.639  2.066   1.00 38.35 ? 57  LYS B CG  1 
ATOM   1192 C CD  . LYS B 1 57 ? 4.262   22.459  1.174   1.00 39.98 ? 57  LYS B CD  1 
ATOM   1193 C CE  . LYS B 1 57 ? 5.075   21.566  0.251   1.00 40.40 ? 57  LYS B CE  1 
ATOM   1194 N NZ  . LYS B 1 57 ? 5.897   22.343  -0.710  1.00 41.57 ? 57  LYS B NZ  1 
ATOM   1195 N N   . GLN B 1 58 ? -1.050  19.882  1.564   1.00 33.33 ? 58  GLN B N   1 
ATOM   1196 C CA  . GLN B 1 58 ? -2.168  19.315  0.833   1.00 33.64 ? 58  GLN B CA  1 
ATOM   1197 C C   . GLN B 1 58 ? -2.681  20.176  -0.312  1.00 33.96 ? 58  GLN B C   1 
ATOM   1198 O O   . GLN B 1 58 ? -3.195  21.270  -0.092  1.00 34.93 ? 58  GLN B O   1 
ATOM   1199 C CB  . GLN B 1 58 ? -3.321  19.044  1.785   1.00 34.16 ? 58  GLN B CB  1 
ATOM   1200 C CG  . GLN B 1 58 ? -4.522  18.466  1.089   1.00 37.14 ? 58  GLN B CG  1 
ATOM   1201 C CD  . GLN B 1 58 ? -5.701  18.339  2.006   1.00 38.08 ? 58  GLN B CD  1 
ATOM   1202 O OE1 . GLN B 1 58 ? -5.565  17.901  3.146   1.00 41.77 ? 58  GLN B OE1 1 
ATOM   1203 N NE2 . GLN B 1 58 ? -6.875  18.711  1.516   1.00 39.02 ? 58  GLN B NE2 1 
ATOM   1204 N N   . TYR B 1 59 ? -2.550  19.669  -1.534  1.00 32.74 ? 59  TYR B N   1 
ATOM   1205 C CA  . TYR B 1 59 ? -3.029  20.380  -2.715  1.00 30.98 ? 59  TYR B CA  1 
ATOM   1206 C C   . TYR B 1 59 ? -4.274  19.680  -3.230  1.00 30.47 ? 59  TYR B C   1 
ATOM   1207 O O   . TYR B 1 59 ? -4.241  18.486  -3.517  1.00 30.69 ? 59  TYR B O   1 
ATOM   1208 C CB  . TYR B 1 59 ? -1.986  20.374  -3.834  1.00 30.21 ? 59  TYR B CB  1 
ATOM   1209 C CG  . TYR B 1 59 ? -0.699  21.098  -3.534  1.00 28.60 ? 59  TYR B CG  1 
ATOM   1210 C CD1 . TYR B 1 59 ? 0.256   20.542  -2.696  1.00 26.58 ? 59  TYR B CD1 1 
ATOM   1211 C CD2 . TYR B 1 59 ? -0.423  22.334  -4.119  1.00 28.81 ? 59  TYR B CD2 1 
ATOM   1212 C CE1 . TYR B 1 59 ? 1.457   21.188  -2.452  1.00 27.19 ? 59  TYR B CE1 1 
ATOM   1213 C CE2 . TYR B 1 59 ? 0.779   22.992  -3.879  1.00 26.64 ? 59  TYR B CE2 1 
ATOM   1214 C CZ  . TYR B 1 59 ? 1.714   22.413  -3.047  1.00 27.27 ? 59  TYR B CZ  1 
ATOM   1215 O OH  . TYR B 1 59 ? 2.918   23.040  -2.822  1.00 26.93 ? 59  TYR B OH  1 
ATOM   1216 N N   . ASP B 1 60 ? -5.367  20.420  -3.351  1.00 30.86 ? 60  ASP B N   1 
ATOM   1217 C CA  . ASP B 1 60 ? -6.614  19.850  -3.839  1.00 31.91 ? 60  ASP B CA  1 
ATOM   1218 C C   . ASP B 1 60 ? -6.755  20.064  -5.341  1.00 30.81 ? 60  ASP B C   1 
ATOM   1219 O O   . ASP B 1 60 ? -6.065  20.897  -5.933  1.00 31.88 ? 60  ASP B O   1 
ATOM   1220 C CB  . ASP B 1 60 ? -7.802  20.484  -3.114  1.00 35.66 ? 60  ASP B CB  1 
ATOM   1221 C CG  . ASP B 1 60 ? -7.701  20.348  -1.604  1.00 39.84 ? 60  ASP B CG  1 
ATOM   1222 O OD1 . ASP B 1 60 ? -7.629  19.195  -1.120  1.00 39.57 ? 60  ASP B OD1 1 
ATOM   1223 O OD2 . ASP B 1 60 ? -7.690  21.391  -0.902  1.00 41.47 ? 60  ASP B OD2 1 
ATOM   1224 N N   . GLN B 1 61 ? -7.645  19.291  -5.950  1.00 29.23 ? 61  GLN B N   1 
ATOM   1225 C CA  . GLN B 1 61 ? -7.919  19.374  -7.379  1.00 28.22 ? 61  GLN B CA  1 
ATOM   1226 C C   . GLN B 1 61 ? -6.693  19.383  -8.295  1.00 26.48 ? 61  GLN B C   1 
ATOM   1227 O O   . GLN B 1 61 ? -6.653  20.124  -9.277  1.00 26.79 ? 61  GLN B O   1 
ATOM   1228 C CB  . GLN B 1 61 ? -8.789  20.601  -7.664  1.00 31.01 ? 61  GLN B CB  1 
ATOM   1229 C CG  . GLN B 1 61 ? -10.026 20.687  -6.784  1.00 32.70 ? 61  GLN B CG  1 
ATOM   1230 C CD  . GLN B 1 61 ? -10.962 21.813  -7.186  1.00 37.51 ? 61  GLN B CD  1 
ATOM   1231 O OE1 . GLN B 1 61 ? -10.525 22.923  -7.498  1.00 39.48 ? 61  GLN B OE1 1 
ATOM   1232 N NE2 . GLN B 1 61 ? -12.265 21.534  -7.169  1.00 37.77 ? 61  GLN B NE2 1 
ATOM   1233 N N   . ILE B 1 62 ? -5.696  18.560  -7.969  1.00 24.29 ? 62  ILE B N   1 
ATOM   1234 C CA  . ILE B 1 62 ? -4.482  18.438  -8.778  1.00 21.08 ? 62  ILE B CA  1 
ATOM   1235 C C   . ILE B 1 62 ? -4.732  17.411  -9.885  1.00 20.44 ? 62  ILE B C   1 
ATOM   1236 O O   . ILE B 1 62 ? -5.219  16.306  -9.625  1.00 16.45 ? 62  ILE B O   1 
ATOM   1237 C CB  . ILE B 1 62 ? -3.278  17.947  -7.940  1.00 19.91 ? 62  ILE B CB  1 
ATOM   1238 C CG1 . ILE B 1 62 ? -2.897  18.979  -6.880  1.00 19.63 ? 62  ILE B CG1 1 
ATOM   1239 C CG2 . ILE B 1 62 ? -2.083  17.703  -8.846  1.00 21.75 ? 62  ILE B CG2 1 
ATOM   1240 C CD1 . ILE B 1 62 ? -2.306  20.253  -7.450  1.00 19.41 ? 62  ILE B CD1 1 
ATOM   1241 N N   . LEU B 1 63 ? -4.392  17.777  -11.120 1.00 19.93 ? 63  LEU B N   1 
ATOM   1242 C CA  . LEU B 1 63 ? -4.573  16.881  -12.266 1.00 18.43 ? 63  LEU B CA  1 
ATOM   1243 C C   . LEU B 1 63 ? -3.344  16.012  -12.452 1.00 19.26 ? 63  LEU B C   1 
ATOM   1244 O O   . LEU B 1 63 ? -2.217  16.498  -12.446 1.00 20.16 ? 63  LEU B O   1 
ATOM   1245 C CB  . LEU B 1 63 ? -4.791  17.692  -13.552 1.00 17.13 ? 63  LEU B CB  1 
ATOM   1246 C CG  . LEU B 1 63 ? -4.734  16.968  -14.904 1.00 16.16 ? 63  LEU B CG  1 
ATOM   1247 C CD1 . LEU B 1 63 ? -5.917  16.040  -15.039 1.00 16.17 ? 63  LEU B CD1 1 
ATOM   1248 C CD2 . LEU B 1 63 ? -4.751  17.989  -16.022 1.00 15.46 ? 63  LEU B CD2 1 
ATOM   1249 N N   . ILE B 1 64 ? -3.570  14.718  -12.616 1.00 18.05 ? 64  ILE B N   1 
ATOM   1250 C CA  . ILE B 1 64 ? -2.460  13.814  -12.849 1.00 18.24 ? 64  ILE B CA  1 
ATOM   1251 C C   . ILE B 1 64 ? -2.831  12.904  -13.994 1.00 19.84 ? 64  ILE B C   1 
ATOM   1252 O O   . ILE B 1 64 ? -3.998  12.646  -14.239 1.00 18.35 ? 64  ILE B O   1 
ATOM   1253 C CB  . ILE B 1 64 ? -2.130  12.841  -11.674 1.00 17.02 ? 64  ILE B CB  1 
ATOM   1254 C CG1 . ILE B 1 64 ? -3.288  11.849  -11.484 1.00 17.36 ? 64  ILE B CG1 1 
ATOM   1255 C CG2 . ILE B 1 64 ? -1.810  13.626  -10.399 1.00 15.98 ? 64  ILE B CG2 1 
ATOM   1256 C CD1 . ILE B 1 64 ? -3.013  10.788  -10.404 1.00 16.83 ? 64  ILE B CD1 1 
ATOM   1257 N N   . GLU B 1 65 ? -1.840  12.408  -14.710 1.00 23.27 ? 65  GLU B N   1 
ATOM   1258 C CA  . GLU B 1 65 ? -2.100  11.461  -15.785 1.00 28.28 ? 65  GLU B CA  1 
ATOM   1259 C C   . GLU B 1 65 ? -1.257  10.262  -15.374 1.00 30.69 ? 65  GLU B C   1 
ATOM   1260 O O   . GLU B 1 65 ? -0.032  10.331  -15.299 1.00 28.18 ? 65  GLU B O   1 
ATOM   1261 C CB  . GLU B 1 65 ? -1.658  12.016  -17.134 1.00 29.88 ? 65  GLU B CB  1 
ATOM   1262 C CG  . GLU B 1 65 ? -1.939  11.048  -18.265 1.00 36.19 ? 65  GLU B CG  1 
ATOM   1263 C CD  . GLU B 1 65 ? -1.999  11.724  -19.616 1.00 39.98 ? 65  GLU B CD  1 
ATOM   1264 O OE1 . GLU B 1 65 ? -2.290  11.000  -20.586 1.00 41.86 ? 65  GLU B OE1 1 
ATOM   1265 O OE2 . GLU B 1 65 ? -1.767  12.956  -19.715 1.00 43.57 ? 65  GLU B OE2 1 
ATOM   1266 N N   . ILE B 1 66 ? -1.938  9.186   -15.016 1.00 34.49 ? 66  ILE B N   1 
ATOM   1267 C CA  . ILE B 1 66 ? -1.243  7.992   -14.588 1.00 39.37 ? 66  ILE B CA  1 
ATOM   1268 C C   . ILE B 1 66 ? -1.277  6.969   -15.678 1.00 41.44 ? 66  ILE B C   1 
ATOM   1269 O O   . ILE B 1 66 ? -2.346  6.541   -16.101 1.00 41.84 ? 66  ILE B O   1 
ATOM   1270 C CB  . ILE B 1 66 ? -1.872  7.320   -13.327 1.00 41.31 ? 66  ILE B CB  1 
ATOM   1271 C CG1 . ILE B 1 66 ? -1.750  8.232   -12.102 1.00 43.45 ? 66  ILE B CG1 1 
ATOM   1272 C CG2 . ILE B 1 66 ? -1.169  5.974   -13.029 1.00 42.48 ? 66  ILE B CG2 1 
ATOM   1273 C CD1 . ILE B 1 66 ? -2.603  7.778   -10.940 1.00 44.79 ? 66  ILE B CD1 1 
ATOM   1274 N N   . CYS B 1 67 ? -0.098  6.574   -16.142 1.00 44.47 ? 67  CYS B N   1 
ATOM   1275 C CA  . CYS B 1 67 ? 0.007   5.545   -17.187 1.00 47.17 ? 67  CYS B CA  1 
ATOM   1276 C C   . CYS B 1 67 ? -0.842  5.836   -18.424 1.00 47.13 ? 67  CYS B C   1 
ATOM   1277 O O   . CYS B 1 67 ? -1.207  4.931   -19.150 1.00 48.47 ? 67  CYS B O   1 
ATOM   1278 C CB  . CYS B 1 67 ? -0.388  4.188   -16.600 1.00 48.90 ? 67  CYS B CB  1 
ATOM   1279 S SG  . CYS B 1 67 ? -0.032  2.753   -17.660 1.00 52.83 ? 67  CYS B SG  1 
ATOM   1280 N N   . GLY B 1 68 ? -1.178  7.098   -18.654 1.00 45.85 ? 68  GLY B N   1 
ATOM   1281 C CA  . GLY B 1 68 ? -1.947  7.425   -19.847 1.00 43.47 ? 68  GLY B CA  1 
ATOM   1282 C C   . GLY B 1 68 ? -3.402  7.777   -19.643 1.00 42.28 ? 68  GLY B C   1 
ATOM   1283 O O   . GLY B 1 68 ? -4.142  7.989   -20.615 1.00 42.48 ? 68  GLY B O   1 
ATOM   1284 N N   . LYS B 1 69 ? -3.814  7.805   -18.379 1.00 39.62 ? 69  LYS B N   1 
ATOM   1285 C CA  . LYS B 1 69 ? -5.181  8.144   -18.002 1.00 36.45 ? 69  LYS B CA  1 
ATOM   1286 C C   . LYS B 1 69 ? -5.171  9.435   -17.188 1.00 33.92 ? 69  LYS B C   1 
ATOM   1287 O O   . LYS B 1 69 ? -4.189  9.729   -16.508 1.00 34.81 ? 69  LYS B O   1 
ATOM   1288 C CB  . LYS B 1 69 ? -5.792  7.037   -17.148 1.00 36.20 ? 69  LYS B CB  1 
ATOM   1289 C CG  . LYS B 1 69 ? -5.986  5.719   -17.851 1.00 38.32 ? 69  LYS B CG  1 
ATOM   1290 C CD  . LYS B 1 69 ? -6.807  4.817   -16.962 1.00 40.76 ? 69  LYS B CD  1 
ATOM   1291 C CE  . LYS B 1 69 ? -7.300  3.588   -17.692 1.00 42.94 ? 69  LYS B CE  1 
ATOM   1292 N NZ  . LYS B 1 69 ? -8.206  2.812   -16.798 1.00 42.83 ? 69  LYS B NZ  1 
ATOM   1293 N N   . LYS B 1 70 ? -6.265  10.194  -17.238 1.00 30.02 ? 70  LYS B N   1 
ATOM   1294 C CA  . LYS B 1 70 ? -6.354  11.445  -16.488 1.00 27.32 ? 70  LYS B CA  1 
ATOM   1295 C C   . LYS B 1 70 ? -7.246  11.329  -15.242 1.00 26.12 ? 70  LYS B C   1 
ATOM   1296 O O   . LYS B 1 70 ? -8.215  10.572  -15.217 1.00 26.59 ? 70  LYS B O   1 
ATOM   1297 C CB  . LYS B 1 70 ? -6.864  12.570  -17.393 1.00 27.41 ? 70  LYS B CB  1 
ATOM   1298 C CG  . LYS B 1 70 ? -5.901  12.963  -18.510 1.00 29.67 ? 70  LYS B CG  1 
ATOM   1299 C CD  . LYS B 1 70 ? -6.551  13.971  -19.457 1.00 32.47 ? 70  LYS B CD  1 
ATOM   1300 C CE  . LYS B 1 70 ? -5.741  14.177  -20.729 1.00 32.15 ? 70  LYS B CE  1 
ATOM   1301 N NZ  . LYS B 1 70 ? -4.370  14.669  -20.421 1.00 35.47 ? 70  LYS B NZ  1 
ATOM   1302 N N   . ALA B 1 71 ? -6.893  12.075  -14.204 1.00 24.43 ? 71  ALA B N   1 
ATOM   1303 C CA  . ALA B 1 71 ? -7.640  12.082  -12.956 1.00 23.37 ? 71  ALA B CA  1 
ATOM   1304 C C   . ALA B 1 71 ? -7.337  13.381  -12.211 1.00 22.67 ? 71  ALA B C   1 
ATOM   1305 O O   . ALA B 1 71 ? -6.232  13.914  -12.306 1.00 21.04 ? 71  ALA B O   1 
ATOM   1306 C CB  . ALA B 1 71 ? -7.252  10.868  -12.098 1.00 21.56 ? 71  ALA B CB  1 
ATOM   1307 N N   . ILE B 1 72 ? -8.329  13.902  -11.495 1.00 22.93 ? 72  ILE B N   1 
ATOM   1308 C CA  . ILE B 1 72 ? -8.152  15.127  -10.723 1.00 22.53 ? 72  ILE B CA  1 
ATOM   1309 C C   . ILE B 1 72 ? -8.489  14.799  -9.279  1.00 22.63 ? 72  ILE B C   1 
ATOM   1310 O O   . ILE B 1 72 ? -9.505  14.162  -9.014  1.00 21.51 ? 72  ILE B O   1 
ATOM   1311 C CB  . ILE B 1 72 ? -9.102  16.262  -11.168 1.00 23.93 ? 72  ILE B CB  1 
ATOM   1312 C CG1 . ILE B 1 72 ? -8.870  16.617  -12.635 1.00 26.97 ? 72  ILE B CG1 1 
ATOM   1313 C CG2 . ILE B 1 72 ? -8.848  17.507  -10.323 1.00 23.75 ? 72  ILE B CG2 1 
ATOM   1314 C CD1 . ILE B 1 72 ? -9.808  17.706  -13.146 1.00 26.95 ? 72  ILE B CD1 1 
ATOM   1315 N N   . GLY B 1 73 ? -7.647  15.237  -8.351  1.00 20.74 ? 73  GLY B N   1 
ATOM   1316 C CA  . GLY B 1 73 ? -7.900  14.958  -6.953  1.00 21.39 ? 73  GLY B CA  1 
ATOM   1317 C C   . GLY B 1 73 ? -6.865  15.584  -6.048  1.00 20.76 ? 73  GLY B C   1 
ATOM   1318 O O   . GLY B 1 73 ? -6.049  16.379  -6.493  1.00 20.62 ? 73  GLY B O   1 
ATOM   1319 N N   . THR B 1 74 ? -6.896  15.205  -4.773  1.00 21.25 ? 74  THR B N   1 
ATOM   1320 C CA  . THR B 1 74 ? -5.976  15.731  -3.770  1.00 20.89 ? 74  THR B CA  1 
ATOM   1321 C C   . THR B 1 74 ? -4.617  15.050  -3.803  1.00 21.25 ? 74  THR B C   1 
ATOM   1322 O O   . THR B 1 74 ? -4.523  13.824  -3.843  1.00 21.50 ? 74  THR B O   1 
ATOM   1323 C CB  . THR B 1 74 ? -6.574  15.567  -2.357  1.00 23.28 ? 74  THR B CB  1 
ATOM   1324 O OG1 . THR B 1 74 ? -7.843  16.230  -2.303  1.00 24.73 ? 74  THR B OG1 1 
ATOM   1325 C CG2 . THR B 1 74 ? -5.644  16.159  -1.297  1.00 22.26 ? 74  THR B CG2 1 
ATOM   1326 N N   . VAL B 1 75 ? -3.563  15.855  -3.774  1.00 20.28 ? 75  VAL B N   1 
ATOM   1327 C CA  . VAL B 1 75 ? -2.207  15.335  -3.789  1.00 20.79 ? 75  VAL B CA  1 
ATOM   1328 C C   . VAL B 1 75 ? -1.448  15.874  -2.581  1.00 21.88 ? 75  VAL B C   1 
ATOM   1329 O O   . VAL B 1 75 ? -1.337  17.087  -2.391  1.00 22.92 ? 75  VAL B O   1 
ATOM   1330 C CB  . VAL B 1 75 ? -1.467  15.740  -5.089  1.00 20.95 ? 75  VAL B CB  1 
ATOM   1331 C CG1 . VAL B 1 75 ? -0.013  15.338  -5.014  1.00 18.95 ? 75  VAL B CG1 1 
ATOM   1332 C CG2 . VAL B 1 75 ? -2.127  15.068  -6.290  1.00 20.32 ? 75  VAL B CG2 1 
ATOM   1333 N N   . LEU B 1 76 ? -0.937  14.967  -1.758  1.00 20.22 ? 76  LEU B N   1 
ATOM   1334 C CA  . LEU B 1 76 ? -0.182  15.359  -0.578  1.00 21.23 ? 76  LEU B CA  1 
ATOM   1335 C C   . LEU B 1 76 ? 1.299   15.422  -0.926  1.00 21.58 ? 76  LEU B C   1 
ATOM   1336 O O   . LEU B 1 76 ? 1.851   14.494  -1.513  1.00 22.11 ? 76  LEU B O   1 
ATOM   1337 C CB  . LEU B 1 76 ? -0.430  14.360  0.562   1.00 18.74 ? 76  LEU B CB  1 
ATOM   1338 C CG  . LEU B 1 76 ? -1.912  14.200  0.912   1.00 17.08 ? 76  LEU B CG  1 
ATOM   1339 C CD1 . LEU B 1 76 ? -2.090  13.134  1.980   1.00 15.66 ? 76  LEU B CD1 1 
ATOM   1340 C CD2 . LEU B 1 76 ? -2.467  15.538  1.380   1.00 13.56 ? 76  LEU B CD2 1 
ATOM   1341 N N   . VAL B 1 77 ? 1.937   16.531  -0.576  1.00 22.90 ? 77  VAL B N   1 
ATOM   1342 C CA  . VAL B 1 77 ? 3.351   16.710  -0.860  1.00 24.02 ? 77  VAL B CA  1 
ATOM   1343 C C   . VAL B 1 77 ? 4.123   16.809  0.449   1.00 26.78 ? 77  VAL B C   1 
ATOM   1344 O O   . VAL B 1 77 ? 3.960   17.755  1.218   1.00 26.42 ? 77  VAL B O   1 
ATOM   1345 C CB  . VAL B 1 77 ? 3.594   17.987  -1.694  1.00 23.42 ? 77  VAL B CB  1 
ATOM   1346 C CG1 . VAL B 1 77 ? 5.032   18.027  -2.165  1.00 22.85 ? 77  VAL B CG1 1 
ATOM   1347 C CG2 . VAL B 1 77 ? 2.640   18.023  -2.881  1.00 22.49 ? 77  VAL B CG2 1 
ATOM   1348 N N   . GLY B 1 78 ? 4.961   15.817  0.702   1.00 28.87 ? 78  GLY B N   1 
ATOM   1349 C CA  . GLY B 1 78 ? 5.719   15.816  1.929   1.00 32.44 ? 78  GLY B CA  1 
ATOM   1350 C C   . GLY B 1 78 ? 6.865   14.843  1.860   1.00 35.31 ? 78  GLY B C   1 
ATOM   1351 O O   . GLY B 1 78 ? 7.044   14.158  0.857   1.00 35.84 ? 78  GLY B O   1 
ATOM   1352 N N   . PRO B 1 79 ? 7.658   14.753  2.933   1.00 38.41 ? 79  PRO B N   1 
ATOM   1353 C CA  . PRO B 1 79 ? 8.811   13.853  3.001   1.00 39.51 ? 79  PRO B CA  1 
ATOM   1354 C C   . PRO B 1 79 ? 8.477   12.361  3.004   1.00 40.78 ? 79  PRO B C   1 
ATOM   1355 O O   . PRO B 1 79 ? 8.231   11.757  4.053   1.00 42.15 ? 79  PRO B O   1 
ATOM   1356 C CB  . PRO B 1 79 ? 9.518   14.301  4.275   1.00 39.19 ? 79  PRO B CB  1 
ATOM   1357 C CG  . PRO B 1 79 ? 8.373   14.719  5.145   1.00 40.16 ? 79  PRO B CG  1 
ATOM   1358 C CD  . PRO B 1 79 ? 7.513   15.515  4.188   1.00 38.41 ? 79  PRO B CD  1 
ATOM   1359 N N   . THR B 1 80 ? 8.469   11.785  1.807   1.00 41.10 ? 80  THR B N   1 
ATOM   1360 C CA  . THR B 1 80 ? 8.215   10.368  1.603   1.00 40.06 ? 80  THR B CA  1 
ATOM   1361 C C   . THR B 1 80 ? 9.299   9.926   0.621   1.00 39.84 ? 80  THR B C   1 
ATOM   1362 O O   . THR B 1 80 ? 9.603   10.639  -0.337  1.00 41.74 ? 80  THR B O   1 
ATOM   1363 C CB  . THR B 1 80 ? 6.811   10.124  0.996   1.00 40.34 ? 80  THR B CB  1 
ATOM   1364 O OG1 . THR B 1 80 ? 6.613   8.719   0.789   1.00 40.26 ? 80  THR B OG1 1 
ATOM   1365 C CG2 . THR B 1 80 ? 6.663   10.859  -0.332  1.00 39.32 ? 80  THR B CG2 1 
ATOM   1366 N N   . SER B 1 81 ? 9.893   8.765   0.867   1.00 38.03 ? 81  SER B N   1 
ATOM   1367 C CA  . SER B 1 81 ? 10.952  8.251   0.006   1.00 36.08 ? 81  SER B CA  1 
ATOM   1368 C C   . SER B 1 81 ? 10.436  7.664   -1.311  1.00 34.28 ? 81  SER B C   1 
ATOM   1369 O O   . SER B 1 81 ? 11.215  7.389   -2.218  1.00 35.02 ? 81  SER B O   1 
ATOM   1370 C CB  . SER B 1 81 ? 11.740  7.182   0.758   1.00 36.93 ? 81  SER B CB  1 
ATOM   1371 O OG  . SER B 1 81 ? 10.877  6.132   1.164   1.00 39.24 ? 81  SER B OG  1 
ATOM   1372 N N   . VAL B 1 82 ? 9.125   7.468   -1.408  1.00 31.21 ? 82  VAL B N   1 
ATOM   1373 C CA  . VAL B 1 82 ? 8.527   6.902   -2.609  1.00 28.00 ? 82  VAL B CA  1 
ATOM   1374 C C   . VAL B 1 82 ? 7.229   7.606   -2.996  1.00 25.16 ? 82  VAL B C   1 
ATOM   1375 O O   . VAL B 1 82 ? 6.473   8.073   -2.142  1.00 23.66 ? 82  VAL B O   1 
ATOM   1376 C CB  . VAL B 1 82 ? 8.224   5.402   -2.418  1.00 29.60 ? 82  VAL B CB  1 
ATOM   1377 C CG1 . VAL B 1 82 ? 7.251   5.223   -1.272  1.00 31.58 ? 82  VAL B CG1 1 
ATOM   1378 C CG2 . VAL B 1 82 ? 7.643   4.809   -3.695  1.00 29.22 ? 82  VAL B CG2 1 
ATOM   1379 N N   . ASN B 1 83 ? 6.987   7.692   -4.300  1.00 23.59 ? 83  ASN B N   1 
ATOM   1380 C CA  . ASN B 1 83 ? 5.779   8.315   -4.809  1.00 20.75 ? 83  ASN B CA  1 
ATOM   1381 C C   . ASN B 1 83 ? 4.674   7.261   -4.820  1.00 19.41 ? 83  ASN B C   1 
ATOM   1382 O O   . ASN B 1 83 ? 4.781   6.231   -5.480  1.00 16.25 ? 83  ASN B O   1 
ATOM   1383 C CB  . ASN B 1 83 ? 6.018   8.863   -6.210  1.00 22.13 ? 83  ASN B CB  1 
ATOM   1384 C CG  . ASN B 1 83 ? 7.092   9.930   -6.239  1.00 22.98 ? 83  ASN B CG  1 
ATOM   1385 O OD1 . ASN B 1 83 ? 7.216   10.724  -5.306  1.00 24.08 ? 83  ASN B OD1 1 
ATOM   1386 N ND2 . ASN B 1 83 ? 7.867   9.965   -7.317  1.00 21.60 ? 83  ASN B ND2 1 
ATOM   1387 N N   . ILE B 1 84 ? 3.612   7.539   -4.074  1.00 18.89 ? 84  ILE B N   1 
ATOM   1388 C CA  . ILE B 1 84 ? 2.491   6.622   -3.928  1.00 18.41 ? 84  ILE B CA  1 
ATOM   1389 C C   . ILE B 1 84 ? 1.185   7.143   -4.526  1.00 17.34 ? 84  ILE B C   1 
ATOM   1390 O O   . ILE B 1 84 ? 0.784   8.274   -4.264  1.00 16.43 ? 84  ILE B O   1 
ATOM   1391 C CB  . ILE B 1 84 ? 2.265   6.342   -2.423  1.00 20.64 ? 84  ILE B CB  1 
ATOM   1392 C CG1 . ILE B 1 84 ? 3.516   5.687   -1.837  1.00 23.81 ? 84  ILE B CG1 1 
ATOM   1393 C CG2 . ILE B 1 84 ? 1.056   5.465   -2.218  1.00 23.71 ? 84  ILE B CG2 1 
ATOM   1394 C CD1 . ILE B 1 84 ? 3.921   6.238   -0.481  1.00 25.85 ? 84  ILE B CD1 1 
ATOM   1395 N N   . ILE B 1 85 ? 0.528   6.316   -5.336  1.00 16.35 ? 85  ILE B N   1 
ATOM   1396 C CA  . ILE B 1 85 ? -0.759  6.686   -5.916  1.00 15.25 ? 85  ILE B CA  1 
ATOM   1397 C C   . ILE B 1 85 ? -1.769  5.914   -5.075  1.00 14.94 ? 85  ILE B C   1 
ATOM   1398 O O   . ILE B 1 85 ? -1.717  4.685   -5.013  1.00 13.73 ? 85  ILE B O   1 
ATOM   1399 C CB  . ILE B 1 85 ? -0.886  6.253   -7.388  1.00 15.16 ? 85  ILE B CB  1 
ATOM   1400 C CG1 . ILE B 1 85 ? 0.261   6.841   -8.212  1.00 15.29 ? 85  ILE B CG1 1 
ATOM   1401 C CG2 . ILE B 1 85 ? -2.228  6.715   -7.935  1.00 14.70 ? 85  ILE B CG2 1 
ATOM   1402 C CD1 . ILE B 1 85 ? 0.327   8.361   -8.200  1.00 14.86 ? 85  ILE B CD1 1 
ATOM   1403 N N   . GLY B 1 86 ? -2.665  6.644   -4.417  1.00 14.29 ? 86  GLY B N   1 
ATOM   1404 C CA  . GLY B 1 86 ? -3.643  6.024   -3.546  1.00 14.05 ? 86  GLY B CA  1 
ATOM   1405 C C   . GLY B 1 86 ? -5.001  5.789   -4.162  1.00 14.74 ? 86  GLY B C   1 
ATOM   1406 O O   . GLY B 1 86 ? -5.259  6.154   -5.308  1.00 14.96 ? 86  GLY B O   1 
ATOM   1407 N N   . ARG B 1 87 ? -5.886  5.191   -3.374  1.00 15.31 ? 87  ARG B N   1 
ATOM   1408 C CA  . ARG B 1 87 ? -7.216  4.859   -3.846  1.00 15.28 ? 87  ARG B CA  1 
ATOM   1409 C C   . ARG B 1 87 ? -8.017  6.047   -4.354  1.00 16.28 ? 87  ARG B C   1 
ATOM   1410 O O   . ARG B 1 87 ? -8.824  5.898   -5.268  1.00 17.16 ? 87  ARG B O   1 
ATOM   1411 C CB  . ARG B 1 87 ? -7.993  4.121   -2.748  1.00 15.83 ? 87  ARG B CB  1 
ATOM   1412 C CG  . ARG B 1 87 ? -7.356  2.793   -2.347  1.00 15.50 ? 87  ARG B CG  1 
ATOM   1413 C CD  . ARG B 1 87 ? -8.237  1.987   -1.395  1.00 17.07 ? 87  ARG B CD  1 
ATOM   1414 N NE  . ARG B 1 87 ? -8.539  2.709   -0.163  1.00 18.79 ? 87  ARG B NE  1 
ATOM   1415 C CZ  . ARG B 1 87 ? -9.627  3.449   0.025   1.00 18.66 ? 87  ARG B CZ  1 
ATOM   1416 N NH1 . ARG B 1 87 ? -10.532 3.568   -0.940  1.00 18.28 ? 87  ARG B NH1 1 
ATOM   1417 N NH2 . ARG B 1 87 ? -9.812  4.070   1.180   1.00 18.78 ? 87  ARG B NH2 1 
ATOM   1418 N N   . ASN B 1 88 ? -7.801  7.229   -3.786  1.00 15.35 ? 88  ASN B N   1 
ATOM   1419 C CA  . ASN B 1 88 ? -8.561  8.384   -4.244  1.00 15.79 ? 88  ASN B CA  1 
ATOM   1420 C C   . ASN B 1 88 ? -8.346  8.596   -5.742  1.00 16.77 ? 88  ASN B C   1 
ATOM   1421 O O   . ASN B 1 88 ? -9.261  9.010   -6.452  1.00 16.16 ? 88  ASN B O   1 
ATOM   1422 C CB  . ASN B 1 88 ? -8.180  9.641   -3.457  1.00 17.16 ? 88  ASN B CB  1 
ATOM   1423 C CG  . ASN B 1 88 ? -6.862  10.227  -3.886  1.00 18.40 ? 88  ASN B CG  1 
ATOM   1424 O OD1 . ASN B 1 88 ? -5.830  9.562   -3.840  1.00 19.20 ? 88  ASN B OD1 1 
ATOM   1425 N ND2 . ASN B 1 88 ? -6.882  11.489  -4.300  1.00 18.17 ? 88  ASN B ND2 1 
ATOM   1426 N N   . MET B 1 89 ? -7.143  8.291   -6.225  1.00 16.06 ? 89  MET B N   1 
ATOM   1427 C CA  . MET B 1 89 ? -6.840  8.429   -7.643  1.00 15.34 ? 89  MET B CA  1 
ATOM   1428 C C   . MET B 1 89 ? -7.048  7.102   -8.371  1.00 15.88 ? 89  MET B C   1 
ATOM   1429 O O   . MET B 1 89 ? -7.458  7.091   -9.535  1.00 14.64 ? 89  MET B O   1 
ATOM   1430 C CB  . MET B 1 89 ? -5.400  8.909   -7.841  1.00 13.99 ? 89  MET B CB  1 
ATOM   1431 C CG  . MET B 1 89 ? -5.159  10.337  -7.368  1.00 17.81 ? 89  MET B CG  1 
ATOM   1432 S SD  . MET B 1 89 ? -5.925  11.617  -8.421  1.00 15.18 ? 89  MET B SD  1 
ATOM   1433 C CE  . MET B 1 89 ? -5.049  13.077  -7.838  1.00 13.60 ? 89  MET B CE  1 
ATOM   1434 N N   . LEU B 1 90 ? -6.773  5.988   -7.690  1.00 15.74 ? 90  LEU B N   1 
ATOM   1435 C CA  . LEU B 1 90 ? -6.940  4.662   -8.293  1.00 14.91 ? 90  LEU B CA  1 
ATOM   1436 C C   . LEU B 1 90 ? -8.393  4.398   -8.699  1.00 14.88 ? 90  LEU B C   1 
ATOM   1437 O O   . LEU B 1 90 ? -8.651  3.714   -9.686  1.00 14.04 ? 90  LEU B O   1 
ATOM   1438 C CB  . LEU B 1 90 ? -6.465  3.562   -7.335  1.00 13.65 ? 90  LEU B CB  1 
ATOM   1439 C CG  . LEU B 1 90 ? -4.964  3.564   -6.992  1.00 12.99 ? 90  LEU B CG  1 
ATOM   1440 C CD1 . LEU B 1 90 ? -4.677  2.476   -5.978  1.00 12.62 ? 90  LEU B CD1 1 
ATOM   1441 C CD2 . LEU B 1 90 ? -4.135  3.343   -8.248  1.00 10.12 ? 90  LEU B CD2 1 
ATOM   1442 N N   . THR B 1 91 ? -9.337  4.944   -7.948  1.00 15.74 ? 91  THR B N   1 
ATOM   1443 C CA  . THR B 1 91 ? -10.745 4.757   -8.267  1.00 18.87 ? 91  THR B CA  1 
ATOM   1444 C C   . THR B 1 91 ? -11.120 5.521   -9.538  1.00 22.21 ? 91  THR B C   1 
ATOM   1445 O O   . THR B 1 91 ? -12.044 5.133   -10.254 1.00 23.32 ? 91  THR B O   1 
ATOM   1446 C CB  . THR B 1 91 ? -11.647 5.228   -7.100  1.00 18.95 ? 91  THR B CB  1 
ATOM   1447 O OG1 . THR B 1 91 ? -11.198 6.508   -6.630  1.00 18.98 ? 91  THR B OG1 1 
ATOM   1448 C CG2 . THR B 1 91 ? -11.607 4.215   -5.949  1.00 16.50 ? 91  THR B CG2 1 
ATOM   1449 N N   . GLN B 1 92 ? -10.393 6.600   -9.827  1.00 23.03 ? 92  GLN B N   1 
ATOM   1450 C CA  . GLN B 1 92 ? -10.670 7.402   -11.015 1.00 23.57 ? 92  GLN B CA  1 
ATOM   1451 C C   . GLN B 1 92 ? -10.180 6.799   -12.324 1.00 24.75 ? 92  GLN B C   1 
ATOM   1452 O O   . GLN B 1 92 ? -10.779 7.016   -13.380 1.00 26.25 ? 92  GLN B O   1 
ATOM   1453 C CB  . GLN B 1 92 ? -10.071 8.791   -10.861 1.00 24.59 ? 92  GLN B CB  1 
ATOM   1454 C CG  . GLN B 1 92 ? -10.803 9.651   -9.871  1.00 25.10 ? 92  GLN B CG  1 
ATOM   1455 C CD  . GLN B 1 92 ? -10.385 11.094  -9.990  1.00 29.45 ? 92  GLN B CD  1 
ATOM   1456 O OE1 . GLN B 1 92 ? -10.594 11.742  -11.031 1.00 25.69 ? 92  GLN B OE1 1 
ATOM   1457 N NE2 . GLN B 1 92 ? -9.776  11.613  -8.928  1.00 30.94 ? 92  GLN B NE2 1 
ATOM   1458 N N   . ILE B 1 93 ? -9.086  6.054   -12.275 1.00 23.96 ? 93  ILE B N   1 
ATOM   1459 C CA  . ILE B 1 93 ? -8.579  5.443   -13.488 1.00 24.39 ? 93  ILE B CA  1 
ATOM   1460 C C   . ILE B 1 93 ? -9.132  4.027   -13.624 1.00 24.25 ? 93  ILE B C   1 
ATOM   1461 O O   . ILE B 1 93 ? -8.636  3.227   -14.415 1.00 25.33 ? 93  ILE B O   1 
ATOM   1462 C CB  . ILE B 1 93 ? -7.037  5.415   -13.504 1.00 24.86 ? 93  ILE B CB  1 
ATOM   1463 C CG1 . ILE B 1 93 ? -6.504  4.476   -12.420 1.00 23.48 ? 93  ILE B CG1 1 
ATOM   1464 C CG2 . ILE B 1 93 ? -6.510  6.817   -13.309 1.00 24.50 ? 93  ILE B CG2 1 
ATOM   1465 C CD1 . ILE B 1 93 ? -5.019  4.271   -12.497 1.00 24.16 ? 93  ILE B CD1 1 
ATOM   1466 N N   . GLY B 1 94 ? -10.166 3.730   -12.836 1.00 24.44 ? 94  GLY B N   1 
ATOM   1467 C CA  . GLY B 1 94 ? -10.806 2.424   -12.880 1.00 23.34 ? 94  GLY B CA  1 
ATOM   1468 C C   . GLY B 1 94 ? -9.943  1.230   -12.514 1.00 23.29 ? 94  GLY B C   1 
ATOM   1469 O O   . GLY B 1 94 ? -10.042 0.167   -13.130 1.00 22.86 ? 94  GLY B O   1 
ATOM   1470 N N   . CYS B 1 95 ? -9.107  1.392   -11.494 1.00 22.42 ? 95  CYS B N   1 
ATOM   1471 C CA  . CYS B 1 95 ? -8.233  0.312   -11.059 1.00 22.21 ? 95  CYS B CA  1 
ATOM   1472 C C   . CYS B 1 95 ? -8.926  -0.636  -10.074 1.00 21.87 ? 95  CYS B C   1 
ATOM   1473 O O   . CYS B 1 95 ? -9.572  -0.196  -9.118  1.00 21.93 ? 95  CYS B O   1 
ATOM   1474 C CB  . CYS B 1 95 ? -6.978  0.891   -10.416 1.00 23.90 ? 95  CYS B CB  1 
ATOM   1475 S SG  . CYS B 1 95 ? -5.753  -0.346  -9.985  1.00 27.94 ? 95  CYS B SG  1 
ATOM   1476 N N   . THR B 1 96 ? -8.777  -1.935  -10.316 1.00 19.66 ? 96  THR B N   1 
ATOM   1477 C CA  . THR B 1 96 ? -9.380  -2.963  -9.475  1.00 18.66 ? 96  THR B CA  1 
ATOM   1478 C C   . THR B 1 96 ? -8.371  -4.059  -9.135  1.00 20.46 ? 96  THR B C   1 
ATOM   1479 O O   . THR B 1 96 ? -7.361  -4.228  -9.826  1.00 20.82 ? 96  THR B O   1 
ATOM   1480 C CB  . THR B 1 96 ? -10.544 -3.641  -10.196 1.00 17.41 ? 96  THR B CB  1 
ATOM   1481 O OG1 . THR B 1 96 ? -10.045 -4.277  -11.378 1.00 19.16 ? 96  THR B OG1 1 
ATOM   1482 C CG2 . THR B 1 96 ? -11.607 -2.624  -10.584 1.00 15.17 ? 96  THR B CG2 1 
ATOM   1483 N N   . LEU B 1 97 ? -8.651  -4.800  -8.066  1.00 19.95 ? 97  LEU B N   1 
ATOM   1484 C CA  . LEU B 1 97 ? -7.803  -5.911  -7.649  1.00 22.11 ? 97  LEU B CA  1 
ATOM   1485 C C   . LEU B 1 97 ? -8.492  -7.198  -8.082  1.00 23.02 ? 97  LEU B C   1 
ATOM   1486 O O   . LEU B 1 97 ? -9.711  -7.314  -7.999  1.00 23.25 ? 97  LEU B O   1 
ATOM   1487 C CB  . LEU B 1 97 ? -7.638  -5.934  -6.131  1.00 22.36 ? 97  LEU B CB  1 
ATOM   1488 C CG  . LEU B 1 97 ? -6.647  -4.971  -5.495  1.00 22.19 ? 97  LEU B CG  1 
ATOM   1489 C CD1 . LEU B 1 97 ? -6.677  -5.137  -3.973  1.00 20.84 ? 97  LEU B CD1 1 
ATOM   1490 C CD2 . LEU B 1 97 ? -5.259  -5.257  -6.044  1.00 22.41 ? 97  LEU B CD2 1 
ATOM   1491 N N   . ASN B 1 98 ? -7.716  -8.170  -8.533  1.00 26.13 ? 98  ASN B N   1 
ATOM   1492 C CA  . ASN B 1 98 ? -8.291  -9.432  -8.972  1.00 29.63 ? 98  ASN B CA  1 
ATOM   1493 C C   . ASN B 1 98 ? -7.476  -10.611 -8.463  1.00 30.38 ? 98  ASN B C   1 
ATOM   1494 O O   . ASN B 1 98 ? -6.255  -10.617 -8.552  1.00 28.55 ? 98  ASN B O   1 
ATOM   1495 C CB  . ASN B 1 98 ? -8.341  -9.471  -10.497 1.00 30.48 ? 98  ASN B CB  1 
ATOM   1496 C CG  . ASN B 1 98 ? -8.935  -8.206  -11.089 1.00 33.16 ? 98  ASN B CG  1 
ATOM   1497 O OD1 . ASN B 1 98 ? -10.109 -8.164  -11.462 1.00 34.49 ? 98  ASN B OD1 1 
ATOM   1498 N ND2 . ASN B 1 98 ? -8.123  -7.156  -11.162 1.00 34.10 ? 98  ASN B ND2 1 
ATOM   1499 N N   . PHE B 1 99 ? -8.159  -11.606 -7.917  1.00 33.15 ? 99  PHE B N   1 
ATOM   1500 C CA  . PHE B 1 99 ? -7.483  -12.798 -7.417  1.00 36.59 ? 99  PHE B CA  1 
ATOM   1501 C C   . PHE B 1 99 ? -8.495  -13.907 -7.134  1.00 39.05 ? 99  PHE B C   1 
ATOM   1502 O O   . PHE B 1 99 ? -9.658  -13.776 -7.593  1.00 38.93 ? 99  PHE B O   1 
ATOM   1503 C CB  . PHE B 1 99 ? -6.682  -12.493 -6.143  1.00 36.60 ? 99  PHE B CB  1 
ATOM   1504 C CG  . PHE B 1 99 ? -7.533  -12.285 -4.919  1.00 37.71 ? 99  PHE B CG  1 
ATOM   1505 C CD1 . PHE B 1 99 ? -8.158  -11.068 -4.683  1.00 37.03 ? 99  PHE B CD1 1 
ATOM   1506 C CD2 . PHE B 1 99 ? -7.738  -13.327 -4.018  1.00 38.64 ? 99  PHE B CD2 1 
ATOM   1507 C CE1 . PHE B 1 99 ? -8.968  -10.889 -3.570  1.00 36.72 ? 99  PHE B CE1 1 
ATOM   1508 C CE2 . PHE B 1 99 ? -8.549  -13.156 -2.903  1.00 38.40 ? 99  PHE B CE2 1 
ATOM   1509 C CZ  . PHE B 1 99 ? -9.167  -11.933 -2.680  1.00 36.85 ? 99  PHE B CZ  1 
ATOM   1510 O OXT . PHE B 1 99 ? -8.101  -14.898 -6.468  1.00 42.02 ? 99  PHE B OXT 1 
HETATM 1511 O O   . HOH C 2 .  ? 5.255   -2.781  -3.848  1.00 14.06 ? 100 HOH A O   1 
HETATM 1512 O O   . HOH C 2 .  ? 16.507  -4.852  10.331  1.00 44.70 ? 101 HOH A O   1 
HETATM 1513 O O   . HOH C 2 .  ? -7.090  -4.109  -21.026 1.00 49.07 ? 102 HOH A O   1 
HETATM 1514 O O   . HOH C 2 .  ? 0.756   -11.012 -8.651  1.00 17.20 ? 103 HOH A O   1 
HETATM 1515 O O   . HOH C 2 .  ? 12.710  -16.137 10.512  1.00 41.29 ? 104 HOH A O   1 
HETATM 1516 O O   . HOH C 2 .  ? 12.901  -14.516 4.824   1.00 43.96 ? 105 HOH A O   1 
HETATM 1517 O O   . HOH C 2 .  ? -1.261  -23.397 10.479  1.00 45.75 ? 106 HOH A O   1 
HETATM 1518 O O   . HOH C 2 .  ? 0.800   -4.474  17.257  1.00 52.38 ? 107 HOH A O   1 
HETATM 1519 O O   . HOH C 2 .  ? -11.630 -2.780  -1.831  1.00 16.23 ? 108 HOH A O   1 
HETATM 1520 O O   . HOH C 2 .  ? -1.089  -19.274 16.471  1.00 18.11 ? 109 HOH A O   1 
HETATM 1521 O O   . HOH C 2 .  ? -13.142 2.069   3.415   1.00 17.38 ? 110 HOH A O   1 
HETATM 1522 O O   . HOH C 2 .  ? -9.275  -15.440 16.200  1.00 16.00 ? 111 HOH A O   1 
HETATM 1523 O O   . HOH C 2 .  ? -4.530  -21.167 7.871   1.00 26.04 ? 112 HOH A O   1 
HETATM 1524 O O   . HOH C 2 .  ? -4.016  -21.061 11.136  1.00 19.63 ? 113 HOH A O   1 
HETATM 1525 O O   . HOH C 2 .  ? 2.451   -22.060 9.687   1.00 18.73 ? 114 HOH A O   1 
HETATM 1526 O O   . HOH C 2 .  ? 7.257   -14.857 1.429   1.00 21.28 ? 115 HOH A O   1 
HETATM 1527 O O   . HOH C 2 .  ? -13.449 -1.771  3.579   1.00 24.02 ? 116 HOH A O   1 
HETATM 1528 O O   . HOH C 2 .  ? 6.977   -7.488  17.222  1.00 26.36 ? 117 HOH A O   1 
HETATM 1529 O O   . HOH C 2 .  ? -2.846  -13.666 19.414  1.00 20.58 ? 118 HOH A O   1 
HETATM 1530 O O   . HOH C 2 .  ? 6.887   -16.920 18.756  1.00 33.79 ? 119 HOH A O   1 
HETATM 1531 O O   . HOH C 2 .  ? -8.926  -8.103  12.559  1.00 18.75 ? 120 HOH A O   1 
HETATM 1532 O O   . HOH C 2 .  ? 7.637   -9.008  -2.486  1.00 25.24 ? 121 HOH A O   1 
HETATM 1533 O O   . HOH C 2 .  ? -12.795 -11.910 3.000   1.00 29.18 ? 122 HOH A O   1 
HETATM 1534 O O   . HOH C 2 .  ? -11.057 7.462   -2.048  1.00 23.31 ? 123 HOH A O   1 
HETATM 1535 O O   . HOH C 2 .  ? 0.601   -13.880 -9.473  1.00 27.89 ? 124 HOH A O   1 
HETATM 1536 O O   . HOH C 2 .  ? -12.616 -9.010  6.141   1.00 40.26 ? 125 HOH A O   1 
HETATM 1537 O O   . HOH C 2 .  ? 8.989   -17.494 4.576   1.00 21.05 ? 126 HOH A O   1 
HETATM 1538 O O   . HOH C 2 .  ? -1.638  -20.461 9.613   1.00 45.71 ? 127 HOH A O   1 
HETATM 1539 O O   . HOH C 2 .  ? -6.727  -14.073 18.390  1.00 28.45 ? 128 HOH A O   1 
HETATM 1540 O O   . HOH C 2 .  ? -13.594 -4.270  -0.793  1.00 19.63 ? 129 HOH A O   1 
HETATM 1541 O O   . HOH C 2 .  ? -3.623  -19.317 -3.497  1.00 37.39 ? 130 HOH A O   1 
HETATM 1542 O O   . HOH C 2 .  ? 6.947   -15.279 -1.202  1.00 29.55 ? 131 HOH A O   1 
HETATM 1543 O O   . HOH C 2 .  ? -17.081 -1.550  0.471   1.00 27.22 ? 132 HOH A O   1 
HETATM 1544 O O   . HOH C 2 .  ? 0.464   -20.626 -2.581  1.00 21.36 ? 133 HOH A O   1 
HETATM 1545 O O   . HOH C 2 .  ? -16.473 1.004   5.062   1.00 40.61 ? 134 HOH A O   1 
HETATM 1546 O O   . HOH C 2 .  ? 10.249  5.461   13.365  1.00 34.65 ? 135 HOH A O   1 
HETATM 1547 O O   . HOH C 2 .  ? -9.619  -16.892 5.179   1.00 28.24 ? 136 HOH A O   1 
HETATM 1548 O O   . HOH C 2 .  ? 8.764   -5.890  17.680  1.00 34.56 ? 137 HOH A O   1 
HETATM 1549 O O   . HOH C 2 .  ? 4.432   -13.337 17.716  1.00 38.20 ? 138 HOH A O   1 
HETATM 1550 O O   . HOH C 2 .  ? 6.974   9.186   13.056  1.00 37.28 ? 139 HOH A O   1 
HETATM 1551 O O   . HOH C 2 .  ? -14.562 -0.655  -2.871  1.00 33.40 ? 140 HOH A O   1 
HETATM 1552 O O   . HOH C 2 .  ? -3.140  -9.185  13.834  1.00 29.64 ? 141 HOH A O   1 
HETATM 1553 O O   . HOH C 2 .  ? -13.461 6.670   -1.990  1.00 30.96 ? 142 HOH A O   1 
HETATM 1554 O O   . HOH C 2 .  ? 9.257   -10.143 4.458   1.00 25.13 ? 143 HOH A O   1 
HETATM 1555 O O   . HOH C 2 .  ? 5.649   -15.744 -3.886  1.00 30.85 ? 144 HOH A O   1 
HETATM 1556 O O   . HOH C 2 .  ? 11.225  5.264   5.868   1.00 29.78 ? 145 HOH A O   1 
HETATM 1557 O O   . HOH C 2 .  ? -14.020 -3.397  -13.565 1.00 48.01 ? 146 HOH A O   1 
HETATM 1558 O O   . HOH C 2 .  ? 0.021   1.088   8.570   1.00 38.57 ? 147 HOH A O   1 
HETATM 1559 O O   . HOH C 2 .  ? 11.592  -4.595  1.010   1.00 34.40 ? 148 HOH A O   1 
HETATM 1560 O O   . HOH C 2 .  ? 4.400   -23.953 8.586   1.00 40.62 ? 149 HOH A O   1 
HETATM 1561 O O   . HOH C 2 .  ? -6.530  -4.213  -18.492 1.00 40.04 ? 150 HOH A O   1 
HETATM 1562 O O   . HOH C 2 .  ? 12.204  -7.400  2.950   1.00 44.87 ? 151 HOH A O   1 
HETATM 1563 O O   . HOH C 2 .  ? -15.659 -4.273  -4.730  1.00 42.72 ? 152 HOH A O   1 
HETATM 1564 O O   . HOH C 2 .  ? 6.740   -10.798 4.331   1.00 28.71 ? 153 HOH A O   1 
HETATM 1565 O O   . HOH C 2 .  ? -15.191 -6.805  -4.532  1.00 29.70 ? 154 HOH A O   1 
HETATM 1566 O O   . HOH C 2 .  ? -10.013 -6.182  -13.075 1.00 36.06 ? 155 HOH A O   1 
HETATM 1567 O O   . HOH C 2 .  ? 3.776   -15.231 20.030  1.00 43.02 ? 156 HOH A O   1 
HETATM 1568 O O   . HOH C 2 .  ? 6.333   -18.000 -4.972  1.00 35.88 ? 157 HOH A O   1 
HETATM 1569 O O   . HOH C 2 .  ? 10.938  -7.231  18.693  1.00 29.76 ? 158 HOH A O   1 
HETATM 1570 O O   . HOH C 2 .  ? -17.433 -1.587  5.595   1.00 35.38 ? 159 HOH A O   1 
HETATM 1571 O O   . HOH C 2 .  ? 10.709  -22.249 16.529  1.00 49.32 ? 160 HOH A O   1 
HETATM 1572 O O   . HOH C 2 .  ? 3.986   -25.152 10.944  1.00 34.40 ? 161 HOH A O   1 
HETATM 1573 O O   . HOH C 2 .  ? 7.343   -1.561  1.038   1.00 32.89 ? 162 HOH A O   1 
HETATM 1574 O O   . HOH D 2 .  ? 0.888   2.985   14.661  1.00 36.41 ? 100 HOH B O   1 
HETATM 1575 O O   . HOH D 2 .  ? -6.723  1.420   1.195   1.00 14.76 ? 101 HOH B O   1 
HETATM 1576 O O   . HOH D 2 .  ? -4.148  12.415  -1.481  1.00 11.51 ? 102 HOH B O   1 
HETATM 1577 O O   . HOH D 2 .  ? -12.904 24.763  -7.187  1.00 43.36 ? 103 HOH B O   1 
HETATM 1578 O O   . HOH D 2 .  ? -11.753 1.206   -8.304  1.00 21.98 ? 104 HOH B O   1 
HETATM 1579 O O   . HOH D 2 .  ? 4.115   -5.219  -10.639 1.00 21.80 ? 105 HOH B O   1 
HETATM 1580 O O   . HOH D 2 .  ? -3.739  5.340   4.154   1.00 11.47 ? 106 HOH B O   1 
HETATM 1581 O O   . HOH D 2 .  ? -5.706  2.254   3.923   1.00 14.55 ? 107 HOH B O   1 
HETATM 1582 O O   . HOH D 2 .  ? 5.234   -8.631  -11.957 1.00 18.12 ? 108 HOH B O   1 
HETATM 1583 O O   . HOH D 2 .  ? 1.210   17.806  -16.060 1.00 31.42 ? 109 HOH B O   1 
HETATM 1584 O O   . HOH D 2 .  ? -3.526  20.847  -12.152 1.00 46.52 ? 110 HOH B O   1 
HETATM 1585 O O   . HOH D 2 .  ? -0.710  16.038  -15.531 1.00 17.60 ? 111 HOH B O   1 
HETATM 1586 O O   . HOH D 2 .  ? -8.726  13.443  -3.685  1.00 16.50 ? 112 HOH B O   1 
HETATM 1587 O O   . HOH D 2 .  ? 4.191   21.829  -11.304 1.00 42.88 ? 113 HOH B O   1 
HETATM 1588 O O   . HOH D 2 .  ? 10.142  -4.073  -7.586  1.00 35.31 ? 114 HOH B O   1 
HETATM 1589 O O   . HOH D 2 .  ? 10.478  19.532  -8.867  1.00 42.50 ? 115 HOH B O   1 
HETATM 1590 O O   . HOH D 2 .  ? -2.346  7.297   2.781   1.00 17.49 ? 116 HOH B O   1 
HETATM 1591 O O   . HOH D 2 .  ? -6.667  -11.741 -11.011 1.00 38.12 ? 117 HOH B O   1 
HETATM 1592 O O   . HOH D 2 .  ? 3.581   25.302  -3.558  1.00 25.19 ? 118 HOH B O   1 
HETATM 1593 O O   . HOH D 2 .  ? 8.745   -2.274  -10.401 1.00 51.43 ? 119 HOH B O   1 
HETATM 1594 O O   . HOH D 2 .  ? -9.403  7.625   -0.107  1.00 20.84 ? 120 HOH B O   1 
HETATM 1595 O O   . HOH D 2 .  ? -2.165  15.379  -18.188 1.00 19.97 ? 121 HOH B O   1 
HETATM 1596 O O   . HOH D 2 .  ? 1.240   1.722   1.686   1.00 31.02 ? 122 HOH B O   1 
HETATM 1597 O O   . HOH D 2 .  ? 10.948  17.544  -12.791 1.00 21.59 ? 123 HOH B O   1 
HETATM 1598 O O   . HOH D 2 .  ? 7.305   15.220  8.624   1.00 24.41 ? 124 HOH B O   1 
HETATM 1599 O O   . HOH D 2 .  ? -2.960  -6.468  -20.003 1.00 20.02 ? 125 HOH B O   1 
HETATM 1600 O O   . HOH D 2 .  ? 3.070   2.929   5.853   1.00 30.11 ? 126 HOH B O   1 
HETATM 1601 O O   . HOH D 2 .  ? 8.786   6.804   -6.508  1.00 21.94 ? 127 HOH B O   1 
HETATM 1602 O O   . HOH D 2 .  ? -0.896  18.726  -12.484 1.00 22.14 ? 128 HOH B O   1 
HETATM 1603 O O   . HOH D 2 .  ? 9.968   12.362  -7.143  1.00 27.74 ? 129 HOH B O   1 
HETATM 1604 O O   . HOH D 2 .  ? 3.029   -6.636  -14.942 1.00 25.02 ? 130 HOH B O   1 
HETATM 1605 O O   . HOH D 2 .  ? -5.666  1.320   6.367   1.00 21.64 ? 131 HOH B O   1 
HETATM 1606 O O   . HOH D 2 .  ? 1.705   5.184   13.791  1.00 22.18 ? 132 HOH B O   1 
HETATM 1607 O O   . HOH D 2 .  ? -7.054  12.116  -0.271  1.00 27.80 ? 133 HOH B O   1 
HETATM 1608 O O   . HOH D 2 .  ? 5.410   21.657  -3.284  1.00 43.10 ? 134 HOH B O   1 
HETATM 1609 O O   . HOH D 2 .  ? -10.520 -2.900  -13.428 1.00 24.93 ? 135 HOH B O   1 
HETATM 1610 O O   . HOH D 2 .  ? -12.271 14.555  -9.141  1.00 31.18 ? 136 HOH B O   1 
HETATM 1611 O O   . HOH D 2 .  ? -14.263 6.407   -11.720 1.00 39.12 ? 137 HOH B O   1 
HETATM 1612 O O   . HOH D 2 .  ? -1.557  19.318  11.405  1.00 45.56 ? 138 HOH B O   1 
HETATM 1613 O O   . HOH D 2 .  ? -7.838  8.629   4.567   1.00 52.65 ? 139 HOH B O   1 
HETATM 1614 O O   . HOH D 2 .  ? 14.184  9.172   -1.476  1.00 37.85 ? 140 HOH B O   1 
HETATM 1615 O O   . HOH D 2 .  ? 1.562   22.843  -12.263 1.00 30.76 ? 141 HOH B O   1 
HETATM 1616 O O   . HOH D 2 .  ? 2.942   -1.459  -13.571 1.00 32.20 ? 142 HOH B O   1 
HETATM 1617 O O   . HOH D 2 .  ? -10.204 7.329   2.703   1.00 39.04 ? 143 HOH B O   1 
# 
loop_
_pdbx_poly_seq_scheme.asym_id 
_pdbx_poly_seq_scheme.entity_id 
_pdbx_poly_seq_scheme.seq_id 
_pdbx_poly_seq_scheme.mon_id 
_pdbx_poly_seq_scheme.ndb_seq_num 
_pdbx_poly_seq_scheme.pdb_seq_num 
_pdbx_poly_seq_scheme.auth_seq_num 
_pdbx_poly_seq_scheme.pdb_mon_id 
_pdbx_poly_seq_scheme.auth_mon_id 
_pdbx_poly_seq_scheme.pdb_strand_id 
_pdbx_poly_seq_scheme.pdb_ins_code 
_pdbx_poly_seq_scheme.hetero 
A 1 1  PRO 1  1  1  PRO PRO A . n 
A 1 2  GLN 2  2  2  GLN GLN A . n 
A 1 3  ILE 3  3  3  ILE ILE A . n 
A 1 4  THR 4  4  4  THR THR A . n 
A 1 5  LEU 5  5  5  LEU LEU A . n 
A 1 6  TRP 6  6  6  TRP TRP A . n 
A 1 7  GLN 7  7  7  GLN GLN A . n 
A 1 8  ARG 8  8  8  ARG ARG A . n 
A 1 9  PRO 9  9  9  PRO PRO A . n 
A 1 10 LEU 10 10 10 LEU LEU A . n 
A 1 11 VAL 11 11 11 VAL VAL A . n 
A 1 12 THR 12 12 12 THR THR A . n 
A 1 13 VAL 13 13 13 VAL VAL A . n 
A 1 14 LYS 14 14 14 LYS LYS A . n 
A 1 15 ILE 15 15 15 ILE ILE A . n 
A 1 16 GLY 16 16 16 GLY GLY A . n 
A 1 17 GLY 17 17 17 GLY GLY A . n 
A 1 18 GLN 18 18 18 GLN GLN A . n 
A 1 19 LEU 19 19 19 LEU LEU A . n 
A 1 20 ARG 20 20 20 ARG ARG A . n 
A 1 21 GLU 21 21 21 GLU GLU A . n 
A 1 22 ALA 22 22 22 ALA ALA A . n 
A 1 23 LEU 23 23 23 LEU LEU A . n 
A 1 24 LEU 24 24 24 LEU LEU A . n 
A 1 25 ASP 25 25 25 ASP ASP A . n 
A 1 26 THR 26 26 26 THR THR A . n 
A 1 27 GLY 27 27 27 GLY GLY A . n 
A 1 28 ALA 28 28 28 ALA ALA A . n 
A 1 29 ASP 29 29 29 ASP ASP A . n 
A 1 30 ASP 30 30 30 ASP ASP A . n 
A 1 31 THR 31 31 31 THR THR A . n 
A 1 32 VAL 32 32 32 VAL VAL A . n 
A 1 33 LEU 33 33 33 LEU LEU A . n 
A 1 34 GLU 34 34 34 GLU GLU A . n 
A 1 35 GLU 35 35 35 GLU GLU A . n 
A 1 36 ILE 36 36 36 ILE ILE A . n 
A 1 37 ASN 37 37 37 ASN ASN A . n 
A 1 38 LEU 38 38 38 LEU LEU A . n 
A 1 39 PRO 39 39 39 PRO PRO A . n 
A 1 40 GLY 40 40 40 GLY GLY A . n 
A 1 41 LYS 41 41 41 LYS LYS A . n 
A 1 42 TRP 42 42 42 TRP TRP A . n 
A 1 43 LYS 43 43 43 LYS LYS A . n 
A 1 44 PRO 44 44 44 PRO PRO A . n 
A 1 45 LYS 45 45 45 LYS LYS A . n 
A 1 46 MET 46 46 46 MET MET A . n 
A 1 47 ILE 47 47 47 ILE ILE A . n 
A 1 48 GLY 48 48 48 GLY GLY A . n 
A 1 49 GLY 49 49 49 GLY GLY A . n 
A 1 50 ILE 50 50 50 ILE ILE A . n 
A 1 51 GLY 51 51 51 GLY GLY A . n 
A 1 52 GLY 52 52 52 GLY GLY A . n 
A 1 53 PHE 53 53 53 PHE PHE A . n 
A 1 54 ILE 54 54 54 ILE ILE A . n 
A 1 55 LYS 55 55 55 LYS LYS A . n 
A 1 56 VAL 56 56 56 VAL VAL A . n 
A 1 57 LYS 57 57 57 LYS LYS A . n 
A 1 58 GLN 58 58 58 GLN GLN A . n 
A 1 59 TYR 59 59 59 TYR TYR A . n 
A 1 60 ASP 60 60 60 ASP ASP A . n 
A 1 61 GLN 61 61 61 GLN GLN A . n 
A 1 62 ILE 62 62 62 ILE ILE A . n 
A 1 63 LEU 63 63 63 LEU LEU A . n 
A 1 64 ILE 64 64 64 ILE ILE A . n 
A 1 65 GLU 65 65 65 GLU GLU A . n 
A 1 66 ILE 66 66 66 ILE ILE A . n 
A 1 67 CYS 67 67 67 CYS CYS A . n 
A 1 68 GLY 68 68 68 GLY GLY A . n 
A 1 69 LYS 69 69 69 LYS LYS A . n 
A 1 70 LYS 70 70 70 LYS LYS A . n 
A 1 71 ALA 71 71 71 ALA ALA A . n 
A 1 72 ILE 72 72 72 ILE ILE A . n 
A 1 73 GLY 73 73 73 GLY GLY A . n 
A 1 74 THR 74 74 74 THR THR A . n 
A 1 75 VAL 75 75 75 VAL VAL A . n 
A 1 76 LEU 76 76 76 LEU LEU A . n 
A 1 77 VAL 77 77 77 VAL VAL A . n 
A 1 78 GLY 78 78 78 GLY GLY A . n 
A 1 79 PRO 79 79 79 PRO PRO A . n 
A 1 80 THR 80 80 80 THR THR A . n 
A 1 81 SER 81 81 81 SER SER A . n 
A 1 82 VAL 82 82 82 VAL VAL A . n 
A 1 83 ASN 83 83 83 ASN ASN A . n 
A 1 84 ILE 84 84 84 ILE ILE A . n 
A 1 85 ILE 85 85 85 ILE ILE A . n 
A 1 86 GLY 86 86 86 GLY GLY A . n 
A 1 87 ARG 87 87 87 ARG ARG A . n 
A 1 88 ASN 88 88 88 ASN ASN A . n 
A 1 89 MET 89 89 89 MET MET A . n 
A 1 90 LEU 90 90 90 LEU LEU A . n 
A 1 91 THR 91 91 91 THR THR A . n 
A 1 92 GLN 92 92 92 GLN GLN A . n 
A 1 93 ILE 93 93 93 ILE ILE A . n 
A 1 94 GLY 94 94 94 GLY GLY A . n 
A 1 95 CYS 95 95 95 CYS CYS A . n 
A 1 96 THR 96 96 96 THR THR A . n 
A 1 97 LEU 97 97 97 LEU LEU A . n 
A 1 98 ASN 98 98 98 ASN ASN A . n 
A 1 99 PHE 99 99 99 PHE PHE A . n 
B 1 1  PRO 1  1  1  PRO PRO B . n 
B 1 2  GLN 2  2  2  GLN GLN B . n 
B 1 3  ILE 3  3  3  ILE ILE B . n 
B 1 4  THR 4  4  4  THR THR B . n 
B 1 5  LEU 5  5  5  LEU LEU B . n 
B 1 6  TRP 6  6  6  TRP TRP B . n 
B 1 7  GLN 7  7  7  GLN GLN B . n 
B 1 8  ARG 8  8  8  ARG ARG B . n 
B 1 9  PRO 9  9  9  PRO PRO B . n 
B 1 10 LEU 10 10 10 LEU LEU B . n 
B 1 11 VAL 11 11 11 VAL VAL B . n 
B 1 12 THR 12 12 12 THR THR B . n 
B 1 13 VAL 13 13 13 VAL VAL B . n 
B 1 14 LYS 14 14 14 LYS LYS B . n 
B 1 15 ILE 15 15 15 ILE ILE B . n 
B 1 16 GLY 16 16 16 GLY GLY B . n 
B 1 17 GLY 17 17 17 GLY GLY B . n 
B 1 18 GLN 18 18 18 GLN GLN B . n 
B 1 19 LEU 19 19 19 LEU LEU B . n 
B 1 20 ARG 20 20 20 ARG ARG B . n 
B 1 21 GLU 21 21 21 GLU GLU B . n 
B 1 22 ALA 22 22 22 ALA ALA B . n 
B 1 23 LEU 23 23 23 LEU LEU B . n 
B 1 24 LEU 24 24 24 LEU LEU B . n 
B 1 25 ASP 25 25 25 ASP ASP B . n 
B 1 26 THR 26 26 26 THR THR B . n 
B 1 27 GLY 27 27 27 GLY GLY B . n 
B 1 28 ALA 28 28 28 ALA ALA B . n 
B 1 29 ASP 29 29 29 ASP ASP B . n 
B 1 30 ASP 30 30 30 ASP ASP B . n 
B 1 31 THR 31 31 31 THR THR B . n 
B 1 32 VAL 32 32 32 VAL VAL B . n 
B 1 33 LEU 33 33 33 LEU LEU B . n 
B 1 34 GLU 34 34 34 GLU GLU B . n 
B 1 35 GLU 35 35 35 GLU GLU B . n 
B 1 36 ILE 36 36 36 ILE ILE B . n 
B 1 37 ASN 37 37 37 ASN ASN B . n 
B 1 38 LEU 38 38 38 LEU LEU B . n 
B 1 39 PRO 39 39 39 PRO PRO B . n 
B 1 40 GLY 40 40 40 GLY GLY B . n 
B 1 41 LYS 41 41 41 LYS LYS B . n 
B 1 42 TRP 42 42 42 TRP TRP B . n 
B 1 43 LYS 43 43 43 LYS LYS B . n 
B 1 44 PRO 44 44 44 PRO PRO B . n 
B 1 45 LYS 45 45 45 LYS LYS B . n 
B 1 46 MET 46 46 46 MET MET B . n 
B 1 47 ILE 47 47 47 ILE ILE B . n 
B 1 48 GLY 48 48 48 GLY GLY B . n 
B 1 49 GLY 49 49 49 GLY GLY B . n 
B 1 50 ILE 50 50 50 ILE ILE B . n 
B 1 51 GLY 51 51 51 GLY GLY B . n 
B 1 52 GLY 52 52 52 GLY GLY B . n 
B 1 53 PHE 53 53 53 PHE PHE B . n 
B 1 54 ILE 54 54 54 ILE ILE B . n 
B 1 55 LYS 55 55 55 LYS LYS B . n 
B 1 56 VAL 56 56 56 VAL VAL B . n 
B 1 57 LYS 57 57 57 LYS LYS B . n 
B 1 58 GLN 58 58 58 GLN GLN B . n 
B 1 59 TYR 59 59 59 TYR TYR B . n 
B 1 60 ASP 60 60 60 ASP ASP B . n 
B 1 61 GLN 61 61 61 GLN GLN B . n 
B 1 62 ILE 62 62 62 ILE ILE B . n 
B 1 63 LEU 63 63 63 LEU LEU B . n 
B 1 64 ILE 64 64 64 ILE ILE B . n 
B 1 65 GLU 65 65 65 GLU GLU B . n 
B 1 66 ILE 66 66 66 ILE ILE B . n 
B 1 67 CYS 67 67 67 CYS CYS B . n 
B 1 68 GLY 68 68 68 GLY GLY B . n 
B 1 69 LYS 69 69 69 LYS LYS B . n 
B 1 70 LYS 70 70 70 LYS LYS B . n 
B 1 71 ALA 71 71 71 ALA ALA B . n 
B 1 72 ILE 72 72 72 ILE ILE B . n 
B 1 73 GLY 73 73 73 GLY GLY B . n 
B 1 74 THR 74 74 74 THR THR B . n 
B 1 75 VAL 75 75 75 VAL VAL B . n 
B 1 76 LEU 76 76 76 LEU LEU B . n 
B 1 77 VAL 77 77 77 VAL VAL B . n 
B 1 78 GLY 78 78 78 GLY GLY B . n 
B 1 79 PRO 79 79 79 PRO PRO B . n 
B 1 80 THR 80 80 80 THR THR B . n 
B 1 81 SER 81 81 81 SER SER B . n 
B 1 82 VAL 82 82 82 VAL VAL B . n 
B 1 83 ASN 83 83 83 ASN ASN B . n 
B 1 84 ILE 84 84 84 ILE ILE B . n 
B 1 85 ILE 85 85 85 ILE ILE B . n 
B 1 86 GLY 86 86 86 GLY GLY B . n 
B 1 87 ARG 87 87 87 ARG ARG B . n 
B 1 88 ASN 88 88 88 ASN ASN B . n 
B 1 89 MET 89 89 89 MET MET B . n 
B 1 90 LEU 90 90 90 LEU LEU B . n 
B 1 91 THR 91 91 91 THR THR B . n 
B 1 92 GLN 92 92 92 GLN GLN B . n 
B 1 93 ILE 93 93 93 ILE ILE B . n 
B 1 94 GLY 94 94 94 GLY GLY B . n 
B 1 95 CYS 95 95 95 CYS CYS B . n 
B 1 96 THR 96 96 96 THR THR B . n 
B 1 97 LEU 97 97 97 LEU LEU B . n 
B 1 98 ASN 98 98 98 ASN ASN B . n 
B 1 99 PHE 99 99 99 PHE PHE B . n 
# 
loop_
_pdbx_nonpoly_scheme.asym_id 
_pdbx_nonpoly_scheme.entity_id 
_pdbx_nonpoly_scheme.mon_id 
_pdbx_nonpoly_scheme.ndb_seq_num 
_pdbx_nonpoly_scheme.pdb_seq_num 
_pdbx_nonpoly_scheme.auth_seq_num 
_pdbx_nonpoly_scheme.pdb_mon_id 
_pdbx_nonpoly_scheme.auth_mon_id 
_pdbx_nonpoly_scheme.pdb_strand_id 
_pdbx_nonpoly_scheme.pdb_ins_code 
C 2 HOH 1  100 1   HOH HOH A . 
C 2 HOH 2  101 101 HOH HOH A . 
C 2 HOH 3  102 102 HOH HOH A . 
C 2 HOH 4  103 5   HOH HOH A . 
C 2 HOH 5  104 104 HOH HOH A . 
C 2 HOH 6  105 105 HOH HOH A . 
C 2 HOH 7  106 106 HOH HOH A . 
C 2 HOH 8  107 107 HOH HOH A . 
C 2 HOH 9  108 7   HOH HOH A . 
C 2 HOH 10 109 10  HOH HOH A . 
C 2 HOH 11 110 11  HOH HOH A . 
C 2 HOH 12 111 13  HOH HOH A . 
C 2 HOH 13 112 15  HOH HOH A . 
C 2 HOH 14 113 16  HOH HOH A . 
C 2 HOH 15 114 21  HOH HOH A . 
C 2 HOH 16 115 24  HOH HOH A . 
C 2 HOH 17 116 28  HOH HOH A . 
C 2 HOH 18 117 29  HOH HOH A . 
C 2 HOH 19 118 31  HOH HOH A . 
C 2 HOH 20 119 32  HOH HOH A . 
C 2 HOH 21 120 35  HOH HOH A . 
C 2 HOH 22 121 37  HOH HOH A . 
C 2 HOH 23 122 39  HOH HOH A . 
C 2 HOH 24 123 40  HOH HOH A . 
C 2 HOH 25 124 41  HOH HOH A . 
C 2 HOH 26 125 42  HOH HOH A . 
C 2 HOH 27 126 43  HOH HOH A . 
C 2 HOH 28 127 44  HOH HOH A . 
C 2 HOH 29 128 45  HOH HOH A . 
C 2 HOH 30 129 46  HOH HOH A . 
C 2 HOH 31 130 51  HOH HOH A . 
C 2 HOH 32 131 52  HOH HOH A . 
C 2 HOH 33 132 54  HOH HOH A . 
C 2 HOH 34 133 55  HOH HOH A . 
C 2 HOH 35 134 57  HOH HOH A . 
C 2 HOH 36 135 60  HOH HOH A . 
C 2 HOH 37 136 61  HOH HOH A . 
C 2 HOH 38 137 62  HOH HOH A . 
C 2 HOH 39 138 63  HOH HOH A . 
C 2 HOH 40 139 64  HOH HOH A . 
C 2 HOH 41 140 65  HOH HOH A . 
C 2 HOH 42 141 66  HOH HOH A . 
C 2 HOH 43 142 68  HOH HOH A . 
C 2 HOH 44 143 70  HOH HOH A . 
C 2 HOH 45 144 71  HOH HOH A . 
C 2 HOH 46 145 75  HOH HOH A . 
C 2 HOH 47 146 77  HOH HOH A . 
C 2 HOH 48 147 78  HOH HOH A . 
C 2 HOH 49 148 80  HOH HOH A . 
C 2 HOH 50 149 82  HOH HOH A . 
C 2 HOH 51 150 84  HOH HOH A . 
C 2 HOH 52 151 85  HOH HOH A . 
C 2 HOH 53 152 87  HOH HOH A . 
C 2 HOH 54 153 88  HOH HOH A . 
C 2 HOH 55 154 90  HOH HOH A . 
C 2 HOH 56 155 91  HOH HOH A . 
C 2 HOH 57 156 92  HOH HOH A . 
C 2 HOH 58 157 93  HOH HOH A . 
C 2 HOH 59 158 94  HOH HOH A . 
C 2 HOH 60 159 95  HOH HOH A . 
C 2 HOH 61 160 97  HOH HOH A . 
C 2 HOH 62 161 98  HOH HOH A . 
C 2 HOH 63 162 99  HOH HOH A . 
D 2 HOH 1  100 100 HOH HOH B . 
D 2 HOH 2  101 2   HOH HOH B . 
D 2 HOH 3  102 3   HOH HOH B . 
D 2 HOH 4  103 103 HOH HOH B . 
D 2 HOH 5  104 4   HOH HOH B . 
D 2 HOH 6  105 6   HOH HOH B . 
D 2 HOH 7  106 8   HOH HOH B . 
D 2 HOH 8  107 9   HOH HOH B . 
D 2 HOH 9  108 12  HOH HOH B . 
D 2 HOH 10 109 14  HOH HOH B . 
D 2 HOH 11 110 17  HOH HOH B . 
D 2 HOH 12 111 18  HOH HOH B . 
D 2 HOH 13 112 19  HOH HOH B . 
D 2 HOH 14 113 20  HOH HOH B . 
D 2 HOH 15 114 22  HOH HOH B . 
D 2 HOH 16 115 23  HOH HOH B . 
D 2 HOH 17 116 25  HOH HOH B . 
D 2 HOH 18 117 26  HOH HOH B . 
D 2 HOH 19 118 27  HOH HOH B . 
D 2 HOH 20 119 30  HOH HOH B . 
D 2 HOH 21 120 33  HOH HOH B . 
D 2 HOH 22 121 34  HOH HOH B . 
D 2 HOH 23 122 36  HOH HOH B . 
D 2 HOH 24 123 38  HOH HOH B . 
D 2 HOH 25 124 47  HOH HOH B . 
D 2 HOH 26 125 48  HOH HOH B . 
D 2 HOH 27 126 49  HOH HOH B . 
D 2 HOH 28 127 50  HOH HOH B . 
D 2 HOH 29 128 53  HOH HOH B . 
D 2 HOH 30 129 56  HOH HOH B . 
D 2 HOH 31 130 58  HOH HOH B . 
D 2 HOH 32 131 59  HOH HOH B . 
D 2 HOH 33 132 67  HOH HOH B . 
D 2 HOH 34 133 69  HOH HOH B . 
D 2 HOH 35 134 72  HOH HOH B . 
D 2 HOH 36 135 73  HOH HOH B . 
D 2 HOH 37 136 74  HOH HOH B . 
D 2 HOH 38 137 76  HOH HOH B . 
D 2 HOH 39 138 79  HOH HOH B . 
D 2 HOH 40 139 81  HOH HOH B . 
D 2 HOH 41 140 83  HOH HOH B . 
D 2 HOH 42 141 86  HOH HOH B . 
D 2 HOH 43 142 89  HOH HOH B . 
D 2 HOH 44 143 96  HOH HOH B . 
# 
_pdbx_struct_assembly.id                   1 
_pdbx_struct_assembly.details              author_and_software_defined_assembly 
_pdbx_struct_assembly.method_details       PISA 
_pdbx_struct_assembly.oligomeric_details   dimeric 
_pdbx_struct_assembly.oligomeric_count     2 
# 
_pdbx_struct_assembly_gen.assembly_id       1 
_pdbx_struct_assembly_gen.oper_expression   1 
_pdbx_struct_assembly_gen.asym_id_list      A,B,C,D 
# 
loop_
_pdbx_struct_assembly_prop.biol_id 
_pdbx_struct_assembly_prop.type 
_pdbx_struct_assembly_prop.value 
_pdbx_struct_assembly_prop.details 
1 'ABSA (A^2)' 3560 ? 
1 MORE         -22  ? 
1 'SSA (A^2)'  9930 ? 
# 
_pdbx_struct_oper_list.id                   1 
_pdbx_struct_oper_list.type                 'identity operation' 
_pdbx_struct_oper_list.name                 1_555 
_pdbx_struct_oper_list.symmetry_operation   x,y,z 
_pdbx_struct_oper_list.matrix[1][1]         1.0000000000 
_pdbx_struct_oper_list.matrix[1][2]         0.0000000000 
_pdbx_struct_oper_list.matrix[1][3]         0.0000000000 
_pdbx_struct_oper_list.vector[1]            0.0000000000 
_pdbx_struct_oper_list.matrix[2][1]         0.0000000000 
_pdbx_struct_oper_list.matrix[2][2]         1.0000000000 
_pdbx_struct_oper_list.matrix[2][3]         0.0000000000 
_pdbx_struct_oper_list.vector[2]            0.0000000000 
_pdbx_struct_oper_list.matrix[3][1]         0.0000000000 
_pdbx_struct_oper_list.matrix[3][2]         0.0000000000 
_pdbx_struct_oper_list.matrix[3][3]         1.0000000000 
_pdbx_struct_oper_list.vector[3]            0.0000000000 
# 
loop_
_pdbx_audit_revision_history.ordinal 
_pdbx_audit_revision_history.data_content_type 
_pdbx_audit_revision_history.major_revision 
_pdbx_audit_revision_history.minor_revision 
_pdbx_audit_revision_history.revision_date 
1 'Structure model' 1 0 2010-03-02 
2 'Structure model' 1 1 2011-07-13 
3 'Structure model' 1 2 2012-03-28 
4 'Structure model' 1 3 2023-09-06 
# 
_pdbx_audit_revision_details.ordinal             1 
_pdbx_audit_revision_details.revision_ordinal    1 
_pdbx_audit_revision_details.data_content_type   'Structure model' 
_pdbx_audit_revision_details.provider            repository 
_pdbx_audit_revision_details.type                'Initial release' 
_pdbx_audit_revision_details.description         ? 
_pdbx_audit_revision_details.details             ? 
# 
loop_
_pdbx_audit_revision_group.ordinal 
_pdbx_audit_revision_group.revision_ordinal 
_pdbx_audit_revision_group.data_content_type 
_pdbx_audit_revision_group.group 
1 2 'Structure model' 'Version format compliance' 
2 3 'Structure model' 'Database references'       
3 4 'Structure model' 'Data collection'           
4 4 'Structure model' 'Database references'       
5 4 'Structure model' 'Refinement description'    
# 
loop_
_pdbx_audit_revision_category.ordinal 
_pdbx_audit_revision_category.revision_ordinal 
_pdbx_audit_revision_category.data_content_type 
_pdbx_audit_revision_category.category 
1 4 'Structure model' chem_comp_atom                
2 4 'Structure model' chem_comp_bond                
3 4 'Structure model' database_2                    
4 4 'Structure model' pdbx_initial_refinement_model 
5 4 'Structure model' struct_ref_seq_dif            
# 
loop_
_pdbx_audit_revision_item.ordinal 
_pdbx_audit_revision_item.revision_ordinal 
_pdbx_audit_revision_item.data_content_type 
_pdbx_audit_revision_item.item 
1 4 'Structure model' '_database_2.pdbx_DOI'                
2 4 'Structure model' '_database_2.pdbx_database_accession' 
3 4 'Structure model' '_struct_ref_seq_dif.details'         
# 
loop_
_software.name 
_software.classification 
_software.version 
_software.citation_id 
_software.pdbx_ordinal 
CNS      refinement       . ? 1 
HKL-2000 'data reduction' . ? 2 
HKL-2000 'data scaling'   . ? 3 
CNS      phasing          . ? 4 
# 
loop_
_pdbx_validate_torsion.id 
_pdbx_validate_torsion.PDB_model_num 
_pdbx_validate_torsion.auth_comp_id 
_pdbx_validate_torsion.auth_asym_id 
_pdbx_validate_torsion.auth_seq_id 
_pdbx_validate_torsion.PDB_ins_code 
_pdbx_validate_torsion.label_alt_id 
_pdbx_validate_torsion.phi 
_pdbx_validate_torsion.psi 
1 1 CYS A 67 ? ? 61.86  -128.33 
2 1 PRO A 79 ? ? -65.47 13.64   
3 1 THR A 80 ? ? -48.59 151.97  
4 1 GLU B 34 ? ? -57.23 170.31  
5 1 PRO B 79 ? ? -67.04 92.74   
# 
loop_
_chem_comp_atom.comp_id 
_chem_comp_atom.atom_id 
_chem_comp_atom.type_symbol 
_chem_comp_atom.pdbx_aromatic_flag 
_chem_comp_atom.pdbx_stereo_config 
_chem_comp_atom.pdbx_ordinal 
ALA N    N N N 1   
ALA CA   C N S 2   
ALA C    C N N 3   
ALA O    O N N 4   
ALA CB   C N N 5   
ALA OXT  O N N 6   
ALA H    H N N 7   
ALA H2   H N N 8   
ALA HA   H N N 9   
ALA HB1  H N N 10  
ALA HB2  H N N 11  
ALA HB3  H N N 12  
ALA HXT  H N N 13  
ARG N    N N N 14  
ARG CA   C N S 15  
ARG C    C N N 16  
ARG O    O N N 17  
ARG CB   C N N 18  
ARG CG   C N N 19  
ARG CD   C N N 20  
ARG NE   N N N 21  
ARG CZ   C N N 22  
ARG NH1  N N N 23  
ARG NH2  N N N 24  
ARG OXT  O N N 25  
ARG H    H N N 26  
ARG H2   H N N 27  
ARG HA   H N N 28  
ARG HB2  H N N 29  
ARG HB3  H N N 30  
ARG HG2  H N N 31  
ARG HG3  H N N 32  
ARG HD2  H N N 33  
ARG HD3  H N N 34  
ARG HE   H N N 35  
ARG HH11 H N N 36  
ARG HH12 H N N 37  
ARG HH21 H N N 38  
ARG HH22 H N N 39  
ARG HXT  H N N 40  
ASN N    N N N 41  
ASN CA   C N S 42  
ASN C    C N N 43  
ASN O    O N N 44  
ASN CB   C N N 45  
ASN CG   C N N 46  
ASN OD1  O N N 47  
ASN ND2  N N N 48  
ASN OXT  O N N 49  
ASN H    H N N 50  
ASN H2   H N N 51  
ASN HA   H N N 52  
ASN HB2  H N N 53  
ASN HB3  H N N 54  
ASN HD21 H N N 55  
ASN HD22 H N N 56  
ASN HXT  H N N 57  
ASP N    N N N 58  
ASP CA   C N S 59  
ASP C    C N N 60  
ASP O    O N N 61  
ASP CB   C N N 62  
ASP CG   C N N 63  
ASP OD1  O N N 64  
ASP OD2  O N N 65  
ASP OXT  O N N 66  
ASP H    H N N 67  
ASP H2   H N N 68  
ASP HA   H N N 69  
ASP HB2  H N N 70  
ASP HB3  H N N 71  
ASP HD2  H N N 72  
ASP HXT  H N N 73  
CYS N    N N N 74  
CYS CA   C N R 75  
CYS C    C N N 76  
CYS O    O N N 77  
CYS CB   C N N 78  
CYS SG   S N N 79  
CYS OXT  O N N 80  
CYS H    H N N 81  
CYS H2   H N N 82  
CYS HA   H N N 83  
CYS HB2  H N N 84  
CYS HB3  H N N 85  
CYS HG   H N N 86  
CYS HXT  H N N 87  
GLN N    N N N 88  
GLN CA   C N S 89  
GLN C    C N N 90  
GLN O    O N N 91  
GLN CB   C N N 92  
GLN CG   C N N 93  
GLN CD   C N N 94  
GLN OE1  O N N 95  
GLN NE2  N N N 96  
GLN OXT  O N N 97  
GLN H    H N N 98  
GLN H2   H N N 99  
GLN HA   H N N 100 
GLN HB2  H N N 101 
GLN HB3  H N N 102 
GLN HG2  H N N 103 
GLN HG3  H N N 104 
GLN HE21 H N N 105 
GLN HE22 H N N 106 
GLN HXT  H N N 107 
GLU N    N N N 108 
GLU CA   C N S 109 
GLU C    C N N 110 
GLU O    O N N 111 
GLU CB   C N N 112 
GLU CG   C N N 113 
GLU CD   C N N 114 
GLU OE1  O N N 115 
GLU OE2  O N N 116 
GLU OXT  O N N 117 
GLU H    H N N 118 
GLU H2   H N N 119 
GLU HA   H N N 120 
GLU HB2  H N N 121 
GLU HB3  H N N 122 
GLU HG2  H N N 123 
GLU HG3  H N N 124 
GLU HE2  H N N 125 
GLU HXT  H N N 126 
GLY N    N N N 127 
GLY CA   C N N 128 
GLY C    C N N 129 
GLY O    O N N 130 
GLY OXT  O N N 131 
GLY H    H N N 132 
GLY H2   H N N 133 
GLY HA2  H N N 134 
GLY HA3  H N N 135 
GLY HXT  H N N 136 
HOH O    O N N 137 
HOH H1   H N N 138 
HOH H2   H N N 139 
ILE N    N N N 140 
ILE CA   C N S 141 
ILE C    C N N 142 
ILE O    O N N 143 
ILE CB   C N S 144 
ILE CG1  C N N 145 
ILE CG2  C N N 146 
ILE CD1  C N N 147 
ILE OXT  O N N 148 
ILE H    H N N 149 
ILE H2   H N N 150 
ILE HA   H N N 151 
ILE HB   H N N 152 
ILE HG12 H N N 153 
ILE HG13 H N N 154 
ILE HG21 H N N 155 
ILE HG22 H N N 156 
ILE HG23 H N N 157 
ILE HD11 H N N 158 
ILE HD12 H N N 159 
ILE HD13 H N N 160 
ILE HXT  H N N 161 
LEU N    N N N 162 
LEU CA   C N S 163 
LEU C    C N N 164 
LEU O    O N N 165 
LEU CB   C N N 166 
LEU CG   C N N 167 
LEU CD1  C N N 168 
LEU CD2  C N N 169 
LEU OXT  O N N 170 
LEU H    H N N 171 
LEU H2   H N N 172 
LEU HA   H N N 173 
LEU HB2  H N N 174 
LEU HB3  H N N 175 
LEU HG   H N N 176 
LEU HD11 H N N 177 
LEU HD12 H N N 178 
LEU HD13 H N N 179 
LEU HD21 H N N 180 
LEU HD22 H N N 181 
LEU HD23 H N N 182 
LEU HXT  H N N 183 
LYS N    N N N 184 
LYS CA   C N S 185 
LYS C    C N N 186 
LYS O    O N N 187 
LYS CB   C N N 188 
LYS CG   C N N 189 
LYS CD   C N N 190 
LYS CE   C N N 191 
LYS NZ   N N N 192 
LYS OXT  O N N 193 
LYS H    H N N 194 
LYS H2   H N N 195 
LYS HA   H N N 196 
LYS HB2  H N N 197 
LYS HB3  H N N 198 
LYS HG2  H N N 199 
LYS HG3  H N N 200 
LYS HD2  H N N 201 
LYS HD3  H N N 202 
LYS HE2  H N N 203 
LYS HE3  H N N 204 
LYS HZ1  H N N 205 
LYS HZ2  H N N 206 
LYS HZ3  H N N 207 
LYS HXT  H N N 208 
MET N    N N N 209 
MET CA   C N S 210 
MET C    C N N 211 
MET O    O N N 212 
MET CB   C N N 213 
MET CG   C N N 214 
MET SD   S N N 215 
MET CE   C N N 216 
MET OXT  O N N 217 
MET H    H N N 218 
MET H2   H N N 219 
MET HA   H N N 220 
MET HB2  H N N 221 
MET HB3  H N N 222 
MET HG2  H N N 223 
MET HG3  H N N 224 
MET HE1  H N N 225 
MET HE2  H N N 226 
MET HE3  H N N 227 
MET HXT  H N N 228 
PHE N    N N N 229 
PHE CA   C N S 230 
PHE C    C N N 231 
PHE O    O N N 232 
PHE CB   C N N 233 
PHE CG   C Y N 234 
PHE CD1  C Y N 235 
PHE CD2  C Y N 236 
PHE CE1  C Y N 237 
PHE CE2  C Y N 238 
PHE CZ   C Y N 239 
PHE OXT  O N N 240 
PHE H    H N N 241 
PHE H2   H N N 242 
PHE HA   H N N 243 
PHE HB2  H N N 244 
PHE HB3  H N N 245 
PHE HD1  H N N 246 
PHE HD2  H N N 247 
PHE HE1  H N N 248 
PHE HE2  H N N 249 
PHE HZ   H N N 250 
PHE HXT  H N N 251 
PRO N    N N N 252 
PRO CA   C N S 253 
PRO C    C N N 254 
PRO O    O N N 255 
PRO CB   C N N 256 
PRO CG   C N N 257 
PRO CD   C N N 258 
PRO OXT  O N N 259 
PRO H    H N N 260 
PRO HA   H N N 261 
PRO HB2  H N N 262 
PRO HB3  H N N 263 
PRO HG2  H N N 264 
PRO HG3  H N N 265 
PRO HD2  H N N 266 
PRO HD3  H N N 267 
PRO HXT  H N N 268 
SER N    N N N 269 
SER CA   C N S 270 
SER C    C N N 271 
SER O    O N N 272 
SER CB   C N N 273 
SER OG   O N N 274 
SER OXT  O N N 275 
SER H    H N N 276 
SER H2   H N N 277 
SER HA   H N N 278 
SER HB2  H N N 279 
SER HB3  H N N 280 
SER HG   H N N 281 
SER HXT  H N N 282 
THR N    N N N 283 
THR CA   C N S 284 
THR C    C N N 285 
THR O    O N N 286 
THR CB   C N R 287 
THR OG1  O N N 288 
THR CG2  C N N 289 
THR OXT  O N N 290 
THR H    H N N 291 
THR H2   H N N 292 
THR HA   H N N 293 
THR HB   H N N 294 
THR HG1  H N N 295 
THR HG21 H N N 296 
THR HG22 H N N 297 
THR HG23 H N N 298 
THR HXT  H N N 299 
TRP N    N N N 300 
TRP CA   C N S 301 
TRP C    C N N 302 
TRP O    O N N 303 
TRP CB   C N N 304 
TRP CG   C Y N 305 
TRP CD1  C Y N 306 
TRP CD2  C Y N 307 
TRP NE1  N Y N 308 
TRP CE2  C Y N 309 
TRP CE3  C Y N 310 
TRP CZ2  C Y N 311 
TRP CZ3  C Y N 312 
TRP CH2  C Y N 313 
TRP OXT  O N N 314 
TRP H    H N N 315 
TRP H2   H N N 316 
TRP HA   H N N 317 
TRP HB2  H N N 318 
TRP HB3  H N N 319 
TRP HD1  H N N 320 
TRP HE1  H N N 321 
TRP HE3  H N N 322 
TRP HZ2  H N N 323 
TRP HZ3  H N N 324 
TRP HH2  H N N 325 
TRP HXT  H N N 326 
TYR N    N N N 327 
TYR CA   C N S 328 
TYR C    C N N 329 
TYR O    O N N 330 
TYR CB   C N N 331 
TYR CG   C Y N 332 
TYR CD1  C Y N 333 
TYR CD2  C Y N 334 
TYR CE1  C Y N 335 
TYR CE2  C Y N 336 
TYR CZ   C Y N 337 
TYR OH   O N N 338 
TYR OXT  O N N 339 
TYR H    H N N 340 
TYR H2   H N N 341 
TYR HA   H N N 342 
TYR HB2  H N N 343 
TYR HB3  H N N 344 
TYR HD1  H N N 345 
TYR HD2  H N N 346 
TYR HE1  H N N 347 
TYR HE2  H N N 348 
TYR HH   H N N 349 
TYR HXT  H N N 350 
VAL N    N N N 351 
VAL CA   C N S 352 
VAL C    C N N 353 
VAL O    O N N 354 
VAL CB   C N N 355 
VAL CG1  C N N 356 
VAL CG2  C N N 357 
VAL OXT  O N N 358 
VAL H    H N N 359 
VAL H2   H N N 360 
VAL HA   H N N 361 
VAL HB   H N N 362 
VAL HG11 H N N 363 
VAL HG12 H N N 364 
VAL HG13 H N N 365 
VAL HG21 H N N 366 
VAL HG22 H N N 367 
VAL HG23 H N N 368 
VAL HXT  H N N 369 
# 
loop_
_chem_comp_bond.comp_id 
_chem_comp_bond.atom_id_1 
_chem_comp_bond.atom_id_2 
_chem_comp_bond.value_order 
_chem_comp_bond.pdbx_aromatic_flag 
_chem_comp_bond.pdbx_stereo_config 
_chem_comp_bond.pdbx_ordinal 
ALA N   CA   sing N N 1   
ALA N   H    sing N N 2   
ALA N   H2   sing N N 3   
ALA CA  C    sing N N 4   
ALA CA  CB   sing N N 5   
ALA CA  HA   sing N N 6   
ALA C   O    doub N N 7   
ALA C   OXT  sing N N 8   
ALA CB  HB1  sing N N 9   
ALA CB  HB2  sing N N 10  
ALA CB  HB3  sing N N 11  
ALA OXT HXT  sing N N 12  
ARG N   CA   sing N N 13  
ARG N   H    sing N N 14  
ARG N   H2   sing N N 15  
ARG CA  C    sing N N 16  
ARG CA  CB   sing N N 17  
ARG CA  HA   sing N N 18  
ARG C   O    doub N N 19  
ARG C   OXT  sing N N 20  
ARG CB  CG   sing N N 21  
ARG CB  HB2  sing N N 22  
ARG CB  HB3  sing N N 23  
ARG CG  CD   sing N N 24  
ARG CG  HG2  sing N N 25  
ARG CG  HG3  sing N N 26  
ARG CD  NE   sing N N 27  
ARG CD  HD2  sing N N 28  
ARG CD  HD3  sing N N 29  
ARG NE  CZ   sing N N 30  
ARG NE  HE   sing N N 31  
ARG CZ  NH1  sing N N 32  
ARG CZ  NH2  doub N N 33  
ARG NH1 HH11 sing N N 34  
ARG NH1 HH12 sing N N 35  
ARG NH2 HH21 sing N N 36  
ARG NH2 HH22 sing N N 37  
ARG OXT HXT  sing N N 38  
ASN N   CA   sing N N 39  
ASN N   H    sing N N 40  
ASN N   H2   sing N N 41  
ASN CA  C    sing N N 42  
ASN CA  CB   sing N N 43  
ASN CA  HA   sing N N 44  
ASN C   O    doub N N 45  
ASN C   OXT  sing N N 46  
ASN CB  CG   sing N N 47  
ASN CB  HB2  sing N N 48  
ASN CB  HB3  sing N N 49  
ASN CG  OD1  doub N N 50  
ASN CG  ND2  sing N N 51  
ASN ND2 HD21 sing N N 52  
ASN ND2 HD22 sing N N 53  
ASN OXT HXT  sing N N 54  
ASP N   CA   sing N N 55  
ASP N   H    sing N N 56  
ASP N   H2   sing N N 57  
ASP CA  C    sing N N 58  
ASP CA  CB   sing N N 59  
ASP CA  HA   sing N N 60  
ASP C   O    doub N N 61  
ASP C   OXT  sing N N 62  
ASP CB  CG   sing N N 63  
ASP CB  HB2  sing N N 64  
ASP CB  HB3  sing N N 65  
ASP CG  OD1  doub N N 66  
ASP CG  OD2  sing N N 67  
ASP OD2 HD2  sing N N 68  
ASP OXT HXT  sing N N 69  
CYS N   CA   sing N N 70  
CYS N   H    sing N N 71  
CYS N   H2   sing N N 72  
CYS CA  C    sing N N 73  
CYS CA  CB   sing N N 74  
CYS CA  HA   sing N N 75  
CYS C   O    doub N N 76  
CYS C   OXT  sing N N 77  
CYS CB  SG   sing N N 78  
CYS CB  HB2  sing N N 79  
CYS CB  HB3  sing N N 80  
CYS SG  HG   sing N N 81  
CYS OXT HXT  sing N N 82  
GLN N   CA   sing N N 83  
GLN N   H    sing N N 84  
GLN N   H2   sing N N 85  
GLN CA  C    sing N N 86  
GLN CA  CB   sing N N 87  
GLN CA  HA   sing N N 88  
GLN C   O    doub N N 89  
GLN C   OXT  sing N N 90  
GLN CB  CG   sing N N 91  
GLN CB  HB2  sing N N 92  
GLN CB  HB3  sing N N 93  
GLN CG  CD   sing N N 94  
GLN CG  HG2  sing N N 95  
GLN CG  HG3  sing N N 96  
GLN CD  OE1  doub N N 97  
GLN CD  NE2  sing N N 98  
GLN NE2 HE21 sing N N 99  
GLN NE2 HE22 sing N N 100 
GLN OXT HXT  sing N N 101 
GLU N   CA   sing N N 102 
GLU N   H    sing N N 103 
GLU N   H2   sing N N 104 
GLU CA  C    sing N N 105 
GLU CA  CB   sing N N 106 
GLU CA  HA   sing N N 107 
GLU C   O    doub N N 108 
GLU C   OXT  sing N N 109 
GLU CB  CG   sing N N 110 
GLU CB  HB2  sing N N 111 
GLU CB  HB3  sing N N 112 
GLU CG  CD   sing N N 113 
GLU CG  HG2  sing N N 114 
GLU CG  HG3  sing N N 115 
GLU CD  OE1  doub N N 116 
GLU CD  OE2  sing N N 117 
GLU OE2 HE2  sing N N 118 
GLU OXT HXT  sing N N 119 
GLY N   CA   sing N N 120 
GLY N   H    sing N N 121 
GLY N   H2   sing N N 122 
GLY CA  C    sing N N 123 
GLY CA  HA2  sing N N 124 
GLY CA  HA3  sing N N 125 
GLY C   O    doub N N 126 
GLY C   OXT  sing N N 127 
GLY OXT HXT  sing N N 128 
HOH O   H1   sing N N 129 
HOH O   H2   sing N N 130 
ILE N   CA   sing N N 131 
ILE N   H    sing N N 132 
ILE N   H2   sing N N 133 
ILE CA  C    sing N N 134 
ILE CA  CB   sing N N 135 
ILE CA  HA   sing N N 136 
ILE C   O    doub N N 137 
ILE C   OXT  sing N N 138 
ILE CB  CG1  sing N N 139 
ILE CB  CG2  sing N N 140 
ILE CB  HB   sing N N 141 
ILE CG1 CD1  sing N N 142 
ILE CG1 HG12 sing N N 143 
ILE CG1 HG13 sing N N 144 
ILE CG2 HG21 sing N N 145 
ILE CG2 HG22 sing N N 146 
ILE CG2 HG23 sing N N 147 
ILE CD1 HD11 sing N N 148 
ILE CD1 HD12 sing N N 149 
ILE CD1 HD13 sing N N 150 
ILE OXT HXT  sing N N 151 
LEU N   CA   sing N N 152 
LEU N   H    sing N N 153 
LEU N   H2   sing N N 154 
LEU CA  C    sing N N 155 
LEU CA  CB   sing N N 156 
LEU CA  HA   sing N N 157 
LEU C   O    doub N N 158 
LEU C   OXT  sing N N 159 
LEU CB  CG   sing N N 160 
LEU CB  HB2  sing N N 161 
LEU CB  HB3  sing N N 162 
LEU CG  CD1  sing N N 163 
LEU CG  CD2  sing N N 164 
LEU CG  HG   sing N N 165 
LEU CD1 HD11 sing N N 166 
LEU CD1 HD12 sing N N 167 
LEU CD1 HD13 sing N N 168 
LEU CD2 HD21 sing N N 169 
LEU CD2 HD22 sing N N 170 
LEU CD2 HD23 sing N N 171 
LEU OXT HXT  sing N N 172 
LYS N   CA   sing N N 173 
LYS N   H    sing N N 174 
LYS N   H2   sing N N 175 
LYS CA  C    sing N N 176 
LYS CA  CB   sing N N 177 
LYS CA  HA   sing N N 178 
LYS C   O    doub N N 179 
LYS C   OXT  sing N N 180 
LYS CB  CG   sing N N 181 
LYS CB  HB2  sing N N 182 
LYS CB  HB3  sing N N 183 
LYS CG  CD   sing N N 184 
LYS CG  HG2  sing N N 185 
LYS CG  HG3  sing N N 186 
LYS CD  CE   sing N N 187 
LYS CD  HD2  sing N N 188 
LYS CD  HD3  sing N N 189 
LYS CE  NZ   sing N N 190 
LYS CE  HE2  sing N N 191 
LYS CE  HE3  sing N N 192 
LYS NZ  HZ1  sing N N 193 
LYS NZ  HZ2  sing N N 194 
LYS NZ  HZ3  sing N N 195 
LYS OXT HXT  sing N N 196 
MET N   CA   sing N N 197 
MET N   H    sing N N 198 
MET N   H2   sing N N 199 
MET CA  C    sing N N 200 
MET CA  CB   sing N N 201 
MET CA  HA   sing N N 202 
MET C   O    doub N N 203 
MET C   OXT  sing N N 204 
MET CB  CG   sing N N 205 
MET CB  HB2  sing N N 206 
MET CB  HB3  sing N N 207 
MET CG  SD   sing N N 208 
MET CG  HG2  sing N N 209 
MET CG  HG3  sing N N 210 
MET SD  CE   sing N N 211 
MET CE  HE1  sing N N 212 
MET CE  HE2  sing N N 213 
MET CE  HE3  sing N N 214 
MET OXT HXT  sing N N 215 
PHE N   CA   sing N N 216 
PHE N   H    sing N N 217 
PHE N   H2   sing N N 218 
PHE CA  C    sing N N 219 
PHE CA  CB   sing N N 220 
PHE CA  HA   sing N N 221 
PHE C   O    doub N N 222 
PHE C   OXT  sing N N 223 
PHE CB  CG   sing N N 224 
PHE CB  HB2  sing N N 225 
PHE CB  HB3  sing N N 226 
PHE CG  CD1  doub Y N 227 
PHE CG  CD2  sing Y N 228 
PHE CD1 CE1  sing Y N 229 
PHE CD1 HD1  sing N N 230 
PHE CD2 CE2  doub Y N 231 
PHE CD2 HD2  sing N N 232 
PHE CE1 CZ   doub Y N 233 
PHE CE1 HE1  sing N N 234 
PHE CE2 CZ   sing Y N 235 
PHE CE2 HE2  sing N N 236 
PHE CZ  HZ   sing N N 237 
PHE OXT HXT  sing N N 238 
PRO N   CA   sing N N 239 
PRO N   CD   sing N N 240 
PRO N   H    sing N N 241 
PRO CA  C    sing N N 242 
PRO CA  CB   sing N N 243 
PRO CA  HA   sing N N 244 
PRO C   O    doub N N 245 
PRO C   OXT  sing N N 246 
PRO CB  CG   sing N N 247 
PRO CB  HB2  sing N N 248 
PRO CB  HB3  sing N N 249 
PRO CG  CD   sing N N 250 
PRO CG  HG2  sing N N 251 
PRO CG  HG3  sing N N 252 
PRO CD  HD2  sing N N 253 
PRO CD  HD3  sing N N 254 
PRO OXT HXT  sing N N 255 
SER N   CA   sing N N 256 
SER N   H    sing N N 257 
SER N   H2   sing N N 258 
SER CA  C    sing N N 259 
SER CA  CB   sing N N 260 
SER CA  HA   sing N N 261 
SER C   O    doub N N 262 
SER C   OXT  sing N N 263 
SER CB  OG   sing N N 264 
SER CB  HB2  sing N N 265 
SER CB  HB3  sing N N 266 
SER OG  HG   sing N N 267 
SER OXT HXT  sing N N 268 
THR N   CA   sing N N 269 
THR N   H    sing N N 270 
THR N   H2   sing N N 271 
THR CA  C    sing N N 272 
THR CA  CB   sing N N 273 
THR CA  HA   sing N N 274 
THR C   O    doub N N 275 
THR C   OXT  sing N N 276 
THR CB  OG1  sing N N 277 
THR CB  CG2  sing N N 278 
THR CB  HB   sing N N 279 
THR OG1 HG1  sing N N 280 
THR CG2 HG21 sing N N 281 
THR CG2 HG22 sing N N 282 
THR CG2 HG23 sing N N 283 
THR OXT HXT  sing N N 284 
TRP N   CA   sing N N 285 
TRP N   H    sing N N 286 
TRP N   H2   sing N N 287 
TRP CA  C    sing N N 288 
TRP CA  CB   sing N N 289 
TRP CA  HA   sing N N 290 
TRP C   O    doub N N 291 
TRP C   OXT  sing N N 292 
TRP CB  CG   sing N N 293 
TRP CB  HB2  sing N N 294 
TRP CB  HB3  sing N N 295 
TRP CG  CD1  doub Y N 296 
TRP CG  CD2  sing Y N 297 
TRP CD1 NE1  sing Y N 298 
TRP CD1 HD1  sing N N 299 
TRP CD2 CE2  doub Y N 300 
TRP CD2 CE3  sing Y N 301 
TRP NE1 CE2  sing Y N 302 
TRP NE1 HE1  sing N N 303 
TRP CE2 CZ2  sing Y N 304 
TRP CE3 CZ3  doub Y N 305 
TRP CE3 HE3  sing N N 306 
TRP CZ2 CH2  doub Y N 307 
TRP CZ2 HZ2  sing N N 308 
TRP CZ3 CH2  sing Y N 309 
TRP CZ3 HZ3  sing N N 310 
TRP CH2 HH2  sing N N 311 
TRP OXT HXT  sing N N 312 
TYR N   CA   sing N N 313 
TYR N   H    sing N N 314 
TYR N   H2   sing N N 315 
TYR CA  C    sing N N 316 
TYR CA  CB   sing N N 317 
TYR CA  HA   sing N N 318 
TYR C   O    doub N N 319 
TYR C   OXT  sing N N 320 
TYR CB  CG   sing N N 321 
TYR CB  HB2  sing N N 322 
TYR CB  HB3  sing N N 323 
TYR CG  CD1  doub Y N 324 
TYR CG  CD2  sing Y N 325 
TYR CD1 CE1  sing Y N 326 
TYR CD1 HD1  sing N N 327 
TYR CD2 CE2  doub Y N 328 
TYR CD2 HD2  sing N N 329 
TYR CE1 CZ   doub Y N 330 
TYR CE1 HE1  sing N N 331 
TYR CE2 CZ   sing Y N 332 
TYR CE2 HE2  sing N N 333 
TYR CZ  OH   sing N N 334 
TYR OH  HH   sing N N 335 
TYR OXT HXT  sing N N 336 
VAL N   CA   sing N N 337 
VAL N   H    sing N N 338 
VAL N   H2   sing N N 339 
VAL CA  C    sing N N 340 
VAL CA  CB   sing N N 341 
VAL CA  HA   sing N N 342 
VAL C   O    doub N N 343 
VAL C   OXT  sing N N 344 
VAL CB  CG1  sing N N 345 
VAL CB  CG2  sing N N 346 
VAL CB  HB   sing N N 347 
VAL CG1 HG11 sing N N 348 
VAL CG1 HG12 sing N N 349 
VAL CG1 HG13 sing N N 350 
VAL CG2 HG21 sing N N 351 
VAL CG2 HG22 sing N N 352 
VAL CG2 HG23 sing N N 353 
VAL OXT HXT  sing N N 354 
# 
_pdbx_entity_nonpoly.entity_id   2 
_pdbx_entity_nonpoly.name        water 
_pdbx_entity_nonpoly.comp_id     HOH 
# 
_pdbx_initial_refinement_model.id               1 
_pdbx_initial_refinement_model.entity_id_list   ? 
_pdbx_initial_refinement_model.type             'experimental model' 
_pdbx_initial_refinement_model.source_name      PDB 
_pdbx_initial_refinement_model.accession_code   2AQU 
_pdbx_initial_refinement_model.details          'PDB entry 2AQU' 
# 
